data_8RH2
#
_entry.id   8RH2
#
_cell.length_a   1.00
_cell.length_b   1.00
_cell.length_c   1.00
_cell.angle_alpha   90.00
_cell.angle_beta   90.00
_cell.angle_gamma   90.00
#
_symmetry.space_group_name_H-M   'P 1'
#
loop_
_entity.id
_entity.type
_entity.pdbx_description
1 polymer 'Envelope glycoprotein B'
2 polymer 'HDIT102 Fab heavy chain'
3 polymer 'HDIT102 Fab light chain'
#
loop_
_entity_poly.entity_id
_entity_poly.type
_entity_poly.pdbx_seq_one_letter_code
_entity_poly.pdbx_strand_id
1 'polypeptide(L)'
;AAPAAPRASGGVAATVAANGGPASRPPPVPSPATTRARKRKTKKPPERPEATPPPDANATVAAGHATLRAHLREIKVENA
DAQFYVCPPPTGATVVQFEQPRRCPTRPEGQNYTEGIAVVFKENIAPYKFKATMYYKDVTVSQVWFGHRYSQFMGIFEDR
APVPFEEVIDKINAKGVCRSTAKYVRNNMETTAFHRDDHETDMELKPAKVATRTSRGWHTTDLKYNPSRVEAFHRYGTTV
NCIVEEVDARSVYPYDEFVLATGDFVYMSPFYGYREGSHTEHTSYAADRFKQVDGFYARDLTTKARATSPTTRNLLTTPK
FTVAWDWVPKRPAVCTMTKWQEVDEMLRAEYGGSFRFSSDAISTTFTTNLTQYSLSRVDLGDCIGRDAREAIDRMFARKY
NATHIKVGQPQYYLATGGFLIAYQPLLSNTLAELYVREYMREQDRKPRNATPAPLREAPSANASVERIKTTSSIEFARLQ
FTYNHIQRHVNDMLGRIAVAWCELQNHELTLWNEARKLNPNAIASATVGRRASARMLGDVMAVSTCVPVAPDNVIVQNSM
RVSSRPGTCYSRPLVSFRYEDQGPLIEGQLGENNELRLTRDALEPCTVGHRRYFIFGGGYVYFEEYAYSHQLSRADVTTV
STFIDLNITMLEDHEFVPLEVYTRHEIKDSGLLDYTEVQRRNQLHDLRFADIDTVIRADANAA
;
A,B,C
2 'polypeptide(L)'
;EVQLVQSGAEVKTPGASVRVSCKASGHTFRTFDINWVRQAAGQGLEWMGWMSPNSGNTGYARQFQGRVTMTRNISANTAY
MELRGLRFDDTAVYYCARGPGSTGTTGSMDVWGQGTTVTVSSASTKGPSVFPLAPSSKSTSGGTAALGCLVKDYFPEPVT
VSWNSGALTSGVHTFPAVLQSSGLYSLSSVVTVPSSSLGTQTYICNVNHKPSNTKVDKKVEPKSCDKTHTCPPCPAPELL
GGPSVFLFPPKPKDTLMISRTPEVTCVVVDVSHEDPEVKFNWYVDGVEVHNAKTKPREEQYNSTYRVVSVLTVLHQDWLN
GKEYKCKVSNKALPAPIEKTISKAKGQPREPQVYTLPPSRDELTKNQVSLTCLVKGFYPSDIAVEWESNGQPENNYKTTP
PVLDSDGSFFLYSKLTVDKSRWQQGNVFSCSVMHEALHNHYTQKSLSLSPGK
;
H,D,F
3 'polypeptide(L)'
;QAGLTQPPSVSVAPGKTARISCGGNNIGSKSVHWYQQKPGQAPVLVIYYDSDRPSGIPERFSGSNSGNTATLTISRVEAG
DEADYYCQVWDSGSVVFGGGTKLTVLGQPKAAPSVTLFPPSSEELQANKATLVCLISDFYPGAVTVAWKADSSPVKAGVE
TTTPSKQSNNKYAASSYLSLTPEQWKSHRSYSCQVTHEGSTVEKTVAPTECS
;
L,E,G
#
# COMPACT_ATOMS: atom_id res chain seq x y z
N ALA A 82 -19.87 -63.46 -24.57
CA ALA A 82 -20.96 -64.09 -23.80
C ALA A 82 -22.14 -64.40 -24.72
N GLN A 83 -21.87 -64.47 -26.02
CA GLN A 83 -22.90 -64.78 -27.01
C GLN A 83 -22.21 -65.36 -28.24
N PHE A 84 -22.74 -66.45 -28.75
CA PHE A 84 -22.09 -67.16 -29.85
C PHE A 84 -22.34 -66.44 -31.17
N TYR A 85 -21.52 -66.77 -32.17
CA TYR A 85 -21.64 -66.17 -33.48
C TYR A 85 -21.48 -67.24 -34.55
N VAL A 86 -22.37 -67.22 -35.54
CA VAL A 86 -22.31 -68.11 -36.68
C VAL A 86 -21.87 -67.28 -37.87
N CYS A 87 -20.74 -67.64 -38.47
CA CYS A 87 -20.14 -66.82 -39.52
C CYS A 87 -20.31 -67.47 -40.88
N PRO A 88 -21.15 -66.92 -41.76
CA PRO A 88 -21.26 -67.47 -43.10
C PRO A 88 -20.01 -67.17 -43.91
N PRO A 89 -19.77 -67.92 -44.98
CA PRO A 89 -18.59 -67.67 -45.82
C PRO A 89 -18.62 -66.26 -46.39
N PRO A 90 -17.47 -65.60 -46.50
CA PRO A 90 -17.46 -64.21 -46.93
C PRO A 90 -17.59 -64.10 -48.45
N THR A 91 -18.15 -62.96 -48.87
CA THR A 91 -18.34 -62.64 -50.27
C THR A 91 -17.62 -61.34 -50.59
N GLY A 92 -17.33 -61.15 -51.89
CA GLY A 92 -16.58 -59.99 -52.34
C GLY A 92 -17.38 -58.69 -52.34
N ALA A 93 -18.65 -58.74 -51.94
CA ALA A 93 -19.47 -57.55 -51.92
C ALA A 93 -18.92 -56.50 -50.97
N THR A 94 -18.52 -56.92 -49.77
CA THR A 94 -17.95 -56.04 -48.76
C THR A 94 -16.48 -56.39 -48.58
N VAL A 95 -15.62 -55.39 -48.78
CA VAL A 95 -14.17 -55.57 -48.68
C VAL A 95 -13.58 -54.32 -48.05
N VAL A 96 -12.63 -54.52 -47.13
CA VAL A 96 -12.05 -53.43 -46.37
C VAL A 96 -10.53 -53.48 -46.45
N GLN A 97 -9.89 -52.33 -46.27
CA GLN A 97 -8.45 -52.19 -46.29
C GLN A 97 -7.99 -51.38 -45.09
N PHE A 98 -6.73 -51.57 -44.71
CA PHE A 98 -6.14 -50.83 -43.61
C PHE A 98 -5.72 -49.43 -44.06
N GLU A 99 -5.92 -48.46 -43.18
CA GLU A 99 -5.48 -47.10 -43.46
C GLU A 99 -3.96 -47.03 -43.46
N GLN A 100 -3.42 -46.29 -44.42
CA GLN A 100 -1.98 -46.10 -44.54
C GLN A 100 -1.48 -45.14 -43.48
N PRO A 101 -0.18 -45.17 -43.15
CA PRO A 101 0.33 -44.31 -42.08
C PRO A 101 0.07 -42.84 -42.35
N ARG A 102 -0.31 -42.13 -41.28
CA ARG A 102 -0.59 -40.71 -41.36
C ARG A 102 0.69 -39.90 -41.33
N ARG A 103 0.57 -38.61 -41.67
CA ARG A 103 1.69 -37.68 -41.56
C ARG A 103 1.78 -37.21 -40.10
N CYS A 104 2.85 -37.60 -39.43
CA CYS A 104 2.99 -37.29 -38.02
C CYS A 104 3.28 -35.81 -37.84
N PRO A 105 2.81 -35.20 -36.75
CA PRO A 105 3.12 -33.79 -36.48
C PRO A 105 4.60 -33.60 -36.22
N THR A 106 5.04 -32.35 -36.43
CA THR A 106 6.43 -31.98 -36.19
C THR A 106 6.51 -31.00 -35.04
N ARG A 107 7.60 -31.08 -34.29
CA ARG A 107 7.80 -30.16 -33.18
C ARG A 107 8.01 -28.74 -33.70
N PRO A 108 7.46 -27.73 -33.03
CA PRO A 108 7.76 -26.35 -33.39
C PRO A 108 9.24 -26.04 -33.20
N GLU A 109 9.76 -25.15 -34.05
CA GLU A 109 11.18 -24.82 -34.00
C GLU A 109 11.56 -24.20 -32.66
N GLY A 110 10.61 -23.53 -32.00
CA GLY A 110 10.90 -22.89 -30.72
C GLY A 110 11.20 -21.42 -30.88
N GLN A 111 10.88 -20.63 -29.84
CA GLN A 111 11.11 -19.20 -29.89
C GLN A 111 12.61 -18.90 -29.92
N ASN A 112 12.98 -17.88 -30.71
CA ASN A 112 14.37 -17.44 -30.81
C ASN A 112 14.59 -16.35 -29.76
N TYR A 113 15.43 -16.63 -28.79
CA TYR A 113 15.66 -15.73 -27.67
C TYR A 113 16.89 -14.85 -27.94
N THR A 114 16.79 -13.58 -27.57
CA THR A 114 17.86 -12.62 -27.74
C THR A 114 18.47 -12.33 -26.38
N GLU A 115 19.62 -12.93 -26.09
CA GLU A 115 20.29 -12.68 -24.83
C GLU A 115 20.78 -11.24 -24.76
N GLY A 116 20.62 -10.64 -23.59
CA GLY A 116 21.01 -9.25 -23.41
C GLY A 116 20.98 -8.87 -21.95
N ILE A 117 21.38 -7.63 -21.69
CA ILE A 117 21.43 -7.06 -20.35
C ILE A 117 20.40 -5.95 -20.28
N ALA A 118 19.63 -5.90 -19.19
CA ALA A 118 18.53 -4.96 -19.12
C ALA A 118 18.56 -4.16 -17.82
N VAL A 119 18.01 -2.95 -17.91
CA VAL A 119 17.78 -2.09 -16.76
C VAL A 119 16.33 -1.65 -16.79
N VAL A 120 15.60 -1.90 -15.70
CA VAL A 120 14.18 -1.60 -15.62
C VAL A 120 13.99 -0.40 -14.70
N PHE A 121 13.36 0.66 -15.23
CA PHE A 121 13.08 1.88 -14.52
C PHE A 121 11.59 1.98 -14.25
N LYS A 122 11.24 2.47 -13.07
CA LYS A 122 9.87 2.73 -12.67
C LYS A 122 9.66 4.22 -12.49
N GLU A 123 8.39 4.63 -12.44
CA GLU A 123 8.07 6.03 -12.20
C GLU A 123 8.64 6.48 -10.87
N ASN A 124 9.22 7.68 -10.85
CA ASN A 124 9.84 8.21 -9.65
C ASN A 124 8.79 8.91 -8.80
N ILE A 125 8.67 8.49 -7.54
CA ILE A 125 7.75 9.11 -6.61
C ILE A 125 8.45 9.80 -5.45
N ALA A 126 9.73 9.52 -5.23
CA ALA A 126 10.45 10.13 -4.12
C ALA A 126 10.69 11.61 -4.40
N PRO A 127 10.39 12.51 -3.45
CA PRO A 127 10.63 13.93 -3.67
C PRO A 127 12.12 14.24 -3.77
N TYR A 128 12.43 15.28 -4.53
CA TYR A 128 13.80 15.76 -4.62
C TYR A 128 14.18 16.46 -3.32
N LYS A 129 15.29 16.04 -2.73
CA LYS A 129 15.71 16.52 -1.41
C LYS A 129 17.03 17.28 -1.51
N PHE A 130 17.15 18.33 -0.72
CA PHE A 130 18.39 19.08 -0.63
C PHE A 130 18.51 19.71 0.75
N LYS A 131 19.64 20.33 1.00
CA LYS A 131 19.91 20.96 2.28
C LYS A 131 19.67 22.46 2.18
N ALA A 132 18.88 23.00 3.10
CA ALA A 132 18.61 24.42 3.20
C ALA A 132 19.01 24.90 4.59
N THR A 133 19.12 26.22 4.74
CA THR A 133 19.42 26.82 6.03
C THR A 133 18.42 27.93 6.30
N MET A 134 17.80 27.89 7.47
CA MET A 134 16.78 28.84 7.89
C MET A 134 17.40 29.81 8.89
N TYR A 135 17.35 31.10 8.57
CA TYR A 135 17.79 32.18 9.44
C TYR A 135 16.55 32.93 9.87
N TYR A 136 16.33 33.04 11.18
CA TYR A 136 15.22 33.86 11.66
C TYR A 136 15.54 34.34 13.07
N LYS A 137 14.60 35.08 13.65
CA LYS A 137 14.76 35.64 14.98
C LYS A 137 13.44 35.48 15.71
N ASP A 138 13.49 34.77 16.84
CA ASP A 138 12.35 34.72 17.76
C ASP A 138 12.29 36.03 18.52
N VAL A 139 11.25 36.83 18.24
CA VAL A 139 11.01 38.08 18.94
C VAL A 139 9.85 37.85 19.88
N THR A 140 10.12 37.94 21.18
CA THR A 140 9.13 37.68 22.22
C THR A 140 8.97 38.95 23.04
N VAL A 141 7.77 39.53 23.03
CA VAL A 141 7.44 40.66 23.87
C VAL A 141 6.46 40.19 24.93
N SER A 142 6.86 40.27 26.19
CA SER A 142 6.06 39.77 27.29
C SER A 142 5.56 40.95 28.12
N GLN A 143 4.25 40.99 28.36
CA GLN A 143 3.62 42.01 29.17
C GLN A 143 3.27 41.39 30.52
N VAL A 144 3.87 41.91 31.59
CA VAL A 144 3.74 41.36 32.92
C VAL A 144 3.09 42.40 33.82
N TRP A 145 2.05 41.99 34.54
CA TRP A 145 1.45 42.80 35.58
C TRP A 145 1.95 42.31 36.93
N PHE A 146 2.57 43.20 37.70
CA PHE A 146 3.16 42.84 38.98
C PHE A 146 2.17 43.18 40.08
N GLY A 147 1.61 42.15 40.70
CA GLY A 147 0.66 42.33 41.78
C GLY A 147 1.34 42.59 43.10
N HIS A 148 0.53 42.64 44.15
CA HIS A 148 1.07 42.91 45.49
C HIS A 148 2.03 41.81 45.92
N ARG A 149 1.67 40.55 45.65
CA ARG A 149 2.47 39.41 46.08
C ARG A 149 2.99 38.60 44.91
N TYR A 150 2.38 38.72 43.73
CA TYR A 150 2.64 37.81 42.63
C TYR A 150 2.92 38.61 41.37
N SER A 151 3.33 37.90 40.31
CA SER A 151 3.51 38.46 38.98
C SER A 151 2.78 37.58 37.99
N GLN A 152 2.12 38.20 37.01
CA GLN A 152 1.30 37.46 36.07
C GLN A 152 1.57 37.96 34.66
N PHE A 153 1.50 37.04 33.70
CA PHE A 153 1.63 37.39 32.29
C PHE A 153 0.30 37.88 31.75
N MET A 154 0.26 39.13 31.28
CA MET A 154 -0.89 39.69 30.59
C MET A 154 -0.90 39.34 29.11
N GLY A 155 0.16 38.72 28.61
CA GLY A 155 0.27 38.44 27.20
C GLY A 155 1.71 38.22 26.78
N ILE A 156 1.91 37.33 25.81
CA ILE A 156 3.23 37.04 25.28
C ILE A 156 3.10 37.03 23.76
N PHE A 157 3.55 38.10 23.11
CA PHE A 157 3.56 38.18 21.66
C PHE A 157 4.84 37.52 21.15
N GLU A 158 4.68 36.39 20.47
CA GLU A 158 5.81 35.67 19.89
C GLU A 158 5.72 35.78 18.37
N ASP A 159 6.82 36.20 17.76
CA ASP A 159 6.89 36.38 16.31
C ASP A 159 8.22 35.82 15.80
N ARG A 160 8.23 35.45 14.53
CA ARG A 160 9.45 35.05 13.84
C ARG A 160 9.76 36.10 12.79
N ALA A 161 10.91 36.66 12.88
CA ALA A 161 11.31 37.66 11.91
C ALA A 161 12.41 37.13 11.01
N PRO A 162 12.43 37.51 9.73
CA PRO A 162 13.52 37.10 8.86
C PRO A 162 14.80 37.85 9.19
N VAL A 163 15.93 37.19 8.91
CA VAL A 163 17.24 37.81 9.02
C VAL A 163 17.57 38.42 7.66
N PRO A 164 17.86 39.73 7.58
CA PRO A 164 18.09 40.34 6.27
C PRO A 164 19.30 39.75 5.57
N PHE A 165 19.38 40.02 4.26
CA PHE A 165 20.50 39.53 3.48
C PHE A 165 21.81 40.13 3.98
N GLU A 166 21.81 41.43 4.27
CA GLU A 166 23.01 42.10 4.75
C GLU A 166 23.43 41.61 6.13
N GLU A 167 22.54 40.95 6.85
CA GLU A 167 22.92 40.33 8.12
C GLU A 167 23.29 38.87 7.95
N VAL A 168 22.72 38.18 6.98
CA VAL A 168 23.09 36.79 6.72
C VAL A 168 24.51 36.72 6.16
N ILE A 169 24.84 37.62 5.24
CA ILE A 169 26.15 37.57 4.60
C ILE A 169 27.20 38.28 5.45
N ASP A 170 26.91 39.50 5.91
CA ASP A 170 27.94 40.32 6.51
C ASP A 170 28.17 39.98 7.98
N LYS A 171 27.13 39.51 8.68
CA LYS A 171 27.24 39.22 10.11
C LYS A 171 27.39 37.74 10.38
N ILE A 172 26.42 36.93 9.97
CA ILE A 172 26.40 35.52 10.34
C ILE A 172 27.48 34.75 9.59
N ASN A 173 27.65 35.03 8.29
CA ASN A 173 28.60 34.26 7.50
C ASN A 173 30.02 34.81 7.61
N ALA A 174 30.18 36.11 7.80
CA ALA A 174 31.51 36.71 7.85
C ALA A 174 32.11 36.64 9.24
N LYS A 175 31.43 37.22 10.24
CA LYS A 175 31.94 37.25 11.59
C LYS A 175 31.46 36.07 12.44
N GLY A 176 30.41 35.37 12.02
CA GLY A 176 29.86 34.30 12.84
C GLY A 176 28.96 34.78 13.97
N VAL A 177 28.56 36.04 13.96
CA VAL A 177 27.74 36.63 15.00
C VAL A 177 26.43 37.10 14.39
N CYS A 178 25.49 37.46 15.27
CA CYS A 178 24.18 37.95 14.84
C CYS A 178 23.84 39.20 15.62
N ARG A 179 23.13 40.12 14.97
CA ARG A 179 22.71 41.35 15.62
C ARG A 179 21.68 41.06 16.70
N SER A 180 21.64 41.92 17.71
CA SER A 180 20.69 41.80 18.82
C SER A 180 19.40 42.55 18.58
N THR A 181 19.23 43.18 17.42
CA THR A 181 18.03 43.91 17.09
C THR A 181 17.41 43.29 15.84
N ALA A 182 16.09 43.16 15.85
CA ALA A 182 15.35 42.61 14.72
C ALA A 182 14.56 43.74 14.07
N LYS A 183 14.97 44.13 12.86
CA LYS A 183 14.27 45.13 12.06
C LYS A 183 13.65 44.43 10.86
N TYR A 184 12.32 44.50 10.76
CA TYR A 184 11.63 43.74 9.74
C TYR A 184 10.26 44.35 9.48
N VAL A 185 9.65 43.95 8.37
CA VAL A 185 8.34 44.43 7.97
C VAL A 185 7.29 43.42 8.42
N ARG A 186 6.34 43.88 9.23
CA ARG A 186 5.24 43.04 9.69
C ARG A 186 3.96 43.87 9.62
N ASN A 187 2.90 43.27 9.10
CA ASN A 187 1.59 43.92 8.99
C ASN A 187 1.70 45.28 8.31
N ASN A 188 2.49 45.34 7.24
CA ASN A 188 2.70 46.56 6.47
C ASN A 188 3.26 47.69 7.35
N MET A 189 4.18 47.35 8.24
CA MET A 189 4.84 48.38 9.02
C MET A 189 6.24 47.92 9.40
N GLU A 190 7.18 48.86 9.42
CA GLU A 190 8.55 48.57 9.80
C GLU A 190 8.66 48.56 11.32
N THR A 191 8.93 47.38 11.89
CA THR A 191 9.06 47.20 13.32
C THR A 191 10.46 46.73 13.67
N THR A 192 11.03 47.30 14.73
CA THR A 192 12.30 46.86 15.25
C THR A 192 12.17 46.54 16.73
N ALA A 193 12.74 45.41 17.14
CA ALA A 193 12.74 44.95 18.51
C ALA A 193 14.19 44.87 18.97
N PHE A 194 14.47 45.44 20.14
CA PHE A 194 15.79 45.43 20.74
C PHE A 194 15.83 44.37 21.83
N HIS A 195 16.81 43.48 21.78
CA HIS A 195 16.93 42.45 22.78
C HIS A 195 17.24 43.07 24.14
N ARG A 196 16.52 42.61 25.17
CA ARG A 196 16.72 43.07 26.54
C ARG A 196 16.46 44.56 26.68
N ASP A 197 15.81 45.15 25.68
CA ASP A 197 15.56 46.59 25.62
C ASP A 197 16.85 47.38 25.80
N ASP A 198 17.91 46.89 25.16
CA ASP A 198 19.24 47.44 25.28
C ASP A 198 19.69 47.94 23.92
N HIS A 199 20.95 48.37 23.84
CA HIS A 199 21.52 48.85 22.60
C HIS A 199 21.88 47.68 21.69
N GLU A 200 22.07 47.98 20.41
CA GLU A 200 22.43 46.96 19.44
C GLU A 200 23.81 46.39 19.75
N THR A 201 23.94 45.07 19.68
CA THR A 201 25.19 44.40 19.97
C THR A 201 25.24 43.11 19.14
N ASP A 202 26.46 42.71 18.79
CA ASP A 202 26.68 41.45 18.11
C ASP A 202 26.85 40.34 19.13
N MET A 203 26.09 39.26 18.97
CA MET A 203 26.13 38.13 19.88
C MET A 203 26.59 36.89 19.11
N GLU A 204 27.48 36.12 19.74
CA GLU A 204 27.97 34.89 19.14
C GLU A 204 26.83 33.88 18.99
N LEU A 205 26.90 33.10 17.90
CA LEU A 205 25.95 32.04 17.65
C LEU A 205 26.53 30.75 18.19
N LYS A 206 26.05 30.32 19.35
CA LYS A 206 26.53 29.10 19.99
C LYS A 206 25.67 27.91 19.57
N PRO A 207 26.23 26.70 19.59
CA PRO A 207 25.45 25.53 19.20
C PRO A 207 24.24 25.32 20.12
N ALA A 208 23.17 24.80 19.53
CA ALA A 208 21.97 24.51 20.29
C ALA A 208 22.15 23.24 21.11
N LYS A 209 21.26 23.04 22.08
CA LYS A 209 21.30 21.84 22.88
C LYS A 209 21.00 20.62 22.02
N VAL A 210 21.77 19.56 22.22
CA VAL A 210 21.67 18.39 21.35
C VAL A 210 20.38 17.64 21.63
N ALA A 211 19.68 17.26 20.56
CA ALA A 211 18.49 16.43 20.62
C ALA A 211 18.66 15.27 19.64
N THR A 212 18.07 14.14 19.99
CA THR A 212 18.19 12.94 19.17
C THR A 212 17.51 13.16 17.83
N ARG A 213 18.18 12.71 16.75
CA ARG A 213 17.63 12.74 15.40
C ARG A 213 17.20 14.15 14.99
N THR A 214 18.04 15.13 15.32
CA THR A 214 17.81 16.51 14.94
C THR A 214 19.03 17.07 14.23
N SER A 215 18.77 17.99 13.30
CA SER A 215 19.85 18.62 12.55
C SER A 215 20.52 19.69 13.42
N ARG A 216 21.64 20.20 12.92
CA ARG A 216 22.39 21.19 13.67
C ARG A 216 21.63 22.50 13.76
N GLY A 217 21.84 23.22 14.85
CA GLY A 217 21.19 24.49 15.07
C GLY A 217 22.03 25.38 15.95
N TRP A 218 21.89 26.68 15.76
CA TRP A 218 22.63 27.69 16.50
C TRP A 218 21.68 28.77 16.97
N HIS A 219 22.00 29.35 18.12
CA HIS A 219 21.21 30.44 18.67
C HIS A 219 22.10 31.35 19.49
N THR A 220 21.65 32.58 19.69
CA THR A 220 22.42 33.58 20.43
C THR A 220 22.01 33.67 21.89
N THR A 221 20.71 33.60 22.17
CA THR A 221 20.20 33.77 23.52
C THR A 221 19.58 32.48 24.02
N ASP A 222 19.64 32.24 25.33
CA ASP A 222 19.08 31.05 25.94
C ASP A 222 18.01 31.32 26.99
N LEU A 223 17.87 32.57 27.46
CA LEU A 223 16.86 32.92 28.44
C LEU A 223 15.97 34.02 27.89
N LYS A 224 14.69 33.99 28.27
CA LYS A 224 13.77 35.05 27.90
C LYS A 224 13.87 36.19 28.89
N TYR A 225 13.91 37.42 28.36
CA TYR A 225 13.98 38.61 29.19
C TYR A 225 12.58 39.04 29.58
N ASN A 226 12.38 39.28 30.87
CA ASN A 226 11.13 39.78 31.42
C ASN A 226 11.40 41.02 32.25
N PRO A 227 10.46 41.96 32.31
CA PRO A 227 10.74 43.23 32.96
C PRO A 227 11.02 43.07 34.44
N SER A 228 11.88 43.95 34.96
CA SER A 228 12.13 43.99 36.39
C SER A 228 10.86 44.43 37.11
N ARG A 229 10.67 43.90 38.32
CA ARG A 229 9.41 44.09 39.03
C ARG A 229 9.25 45.54 39.46
N VAL A 230 8.12 46.13 39.09
CA VAL A 230 7.68 47.42 39.60
C VAL A 230 6.23 47.27 40.03
N GLU A 231 5.94 47.62 41.28
CA GLU A 231 4.67 47.30 41.90
C GLU A 231 3.50 47.97 41.17
N ALA A 232 2.52 47.15 40.78
CA ALA A 232 1.24 47.62 40.23
C ALA A 232 1.42 48.43 38.96
N PHE A 233 2.16 47.88 38.00
CA PHE A 233 2.23 48.44 36.66
C PHE A 233 2.38 47.32 35.64
N HIS A 234 1.85 47.57 34.45
CA HIS A 234 2.07 46.68 33.30
C HIS A 234 3.40 47.03 32.67
N ARG A 235 4.29 46.05 32.56
CA ARG A 235 5.63 46.28 32.05
C ARG A 235 5.93 45.33 30.91
N TYR A 236 6.59 45.85 29.88
CA TYR A 236 6.86 45.10 28.66
C TYR A 236 8.34 44.77 28.55
N GLY A 237 8.64 43.54 28.16
CA GLY A 237 10.01 43.10 27.99
C GLY A 237 10.25 42.41 26.67
N THR A 238 11.32 42.78 25.97
CA THR A 238 11.61 42.29 24.63
C THR A 238 12.80 41.34 24.65
N THR A 239 12.66 40.23 23.92
CA THR A 239 13.69 39.23 23.79
C THR A 239 13.87 38.92 22.31
N VAL A 240 15.12 38.94 21.84
CA VAL A 240 15.45 38.64 20.45
C VAL A 240 16.45 37.49 20.45
N ASN A 241 16.04 36.35 19.89
CA ASN A 241 16.88 35.16 19.82
C ASN A 241 17.12 34.83 18.36
N CYS A 242 18.35 35.02 17.90
CA CYS A 242 18.71 34.78 16.51
C CYS A 242 19.00 33.30 16.31
N ILE A 243 18.18 32.63 15.51
CA ILE A 243 18.20 31.19 15.36
C ILE A 243 18.55 30.82 13.92
N VAL A 244 19.52 29.91 13.77
CA VAL A 244 19.97 29.39 12.49
C VAL A 244 19.79 27.87 12.54
N GLU A 245 19.11 27.31 11.55
CA GLU A 245 18.76 25.90 11.55
C GLU A 245 19.06 25.28 10.19
N GLU A 246 19.91 24.27 10.17
CA GLU A 246 20.06 23.47 8.96
C GLU A 246 18.86 22.53 8.87
N VAL A 247 18.22 22.52 7.70
CA VAL A 247 17.00 21.75 7.49
C VAL A 247 17.10 21.00 6.17
N ASP A 248 16.26 19.97 6.04
CA ASP A 248 16.10 19.26 4.80
C ASP A 248 14.88 19.79 4.07
N ALA A 249 15.06 20.17 2.80
CA ALA A 249 14.00 20.72 1.99
C ALA A 249 13.64 19.72 0.91
N ARG A 250 12.34 19.57 0.68
CA ARG A 250 11.81 18.59 -0.27
C ARG A 250 10.92 19.28 -1.29
N SER A 251 11.00 18.82 -2.53
CA SER A 251 10.18 19.33 -3.63
C SER A 251 9.62 18.17 -4.44
N VAL A 252 8.49 18.40 -5.09
CA VAL A 252 7.87 17.40 -5.95
C VAL A 252 7.62 18.01 -7.32
N TYR A 253 7.41 17.13 -8.29
CA TYR A 253 7.15 17.59 -9.65
C TYR A 253 5.92 18.47 -9.66
N PRO A 254 5.93 19.60 -10.41
CA PRO A 254 6.97 20.03 -11.35
C PRO A 254 8.08 20.89 -10.75
N TYR A 255 8.33 20.76 -9.45
CA TYR A 255 9.43 21.44 -8.77
C TYR A 255 9.31 22.95 -8.92
N ASP A 256 8.11 23.47 -8.67
CA ASP A 256 7.88 24.91 -8.64
C ASP A 256 7.82 25.45 -7.22
N GLU A 257 8.07 24.62 -6.21
CA GLU A 257 8.00 25.03 -4.82
C GLU A 257 8.58 23.91 -3.97
N PHE A 258 9.03 24.26 -2.76
CA PHE A 258 9.60 23.28 -1.85
C PHE A 258 9.22 23.62 -0.41
N VAL A 259 9.29 22.58 0.43
CA VAL A 259 8.97 22.70 1.85
C VAL A 259 10.23 22.41 2.66
N LEU A 260 10.26 22.95 3.87
CA LEU A 260 11.35 22.72 4.79
C LEU A 260 10.93 21.69 5.85
N ALA A 261 11.92 21.22 6.61
CA ALA A 261 11.67 20.22 7.63
C ALA A 261 10.78 20.74 8.76
N THR A 262 10.59 22.06 8.85
CA THR A 262 9.77 22.68 9.88
C THR A 262 8.32 22.79 9.48
N GLY A 263 7.93 22.25 8.33
CA GLY A 263 6.57 22.31 7.87
C GLY A 263 6.20 23.59 7.14
N ASP A 264 7.17 24.46 6.89
CA ASP A 264 6.92 25.71 6.18
C ASP A 264 7.08 25.50 4.68
N PHE A 265 6.30 26.26 3.92
CA PHE A 265 6.36 26.25 2.47
C PHE A 265 7.16 27.45 1.97
N VAL A 266 7.93 27.20 0.91
CA VAL A 266 8.60 28.24 0.14
C VAL A 266 8.09 28.14 -1.28
N TYR A 267 7.41 29.19 -1.74
CA TYR A 267 6.71 29.16 -3.03
C TYR A 267 7.62 29.67 -4.15
N MET A 268 8.79 29.06 -4.22
CA MET A 268 9.78 29.34 -5.26
C MET A 268 10.40 28.03 -5.69
N SER A 269 10.66 27.89 -6.99
CA SER A 269 11.30 26.69 -7.49
C SER A 269 12.69 26.57 -6.90
N PRO A 270 13.11 25.36 -6.49
CA PRO A 270 14.45 25.20 -5.93
C PRO A 270 15.55 25.53 -6.92
N PHE A 271 15.23 25.55 -8.21
CA PHE A 271 16.19 25.80 -9.27
C PHE A 271 16.06 27.22 -9.84
N TYR A 272 15.30 28.08 -9.18
CA TYR A 272 15.21 29.47 -9.58
C TYR A 272 16.54 30.17 -9.32
N GLY A 273 16.94 31.02 -10.24
CA GLY A 273 18.20 31.73 -10.14
C GLY A 273 18.32 32.80 -11.20
N TYR A 274 19.55 33.03 -11.64
CA TYR A 274 19.83 34.06 -12.64
C TYR A 274 20.56 33.55 -13.86
N ARG A 275 21.01 32.28 -13.89
CA ARG A 275 21.84 31.79 -14.98
C ARG A 275 21.16 30.63 -15.70
N GLU A 276 21.48 30.50 -16.99
CA GLU A 276 21.15 29.34 -17.82
C GLU A 276 19.69 28.92 -17.65
N GLY A 277 18.79 29.87 -17.88
CA GLY A 277 17.38 29.57 -17.90
C GLY A 277 16.77 29.31 -16.54
N SER A 278 17.45 29.70 -15.46
CA SER A 278 16.89 29.57 -14.12
C SER A 278 15.89 30.67 -13.79
N HIS A 279 15.86 31.74 -14.60
CA HIS A 279 14.94 32.84 -14.37
C HIS A 279 13.55 32.57 -14.95
N THR A 280 13.37 31.46 -15.66
CA THR A 280 12.06 31.06 -16.15
C THR A 280 11.33 30.16 -15.15
N GLU A 281 11.99 29.75 -14.07
CA GLU A 281 11.35 28.92 -13.06
C GLU A 281 10.32 29.74 -12.27
N HIS A 282 9.46 29.03 -11.58
CA HIS A 282 8.38 29.68 -10.84
C HIS A 282 8.91 30.46 -9.64
N THR A 283 8.41 31.67 -9.46
CA THR A 283 8.64 32.46 -8.26
C THR A 283 7.34 33.17 -7.90
N SER A 284 7.02 33.16 -6.62
CA SER A 284 5.80 33.78 -6.13
C SER A 284 6.07 35.04 -5.31
N TYR A 285 7.33 35.47 -5.21
CA TYR A 285 7.72 36.61 -4.40
C TYR A 285 8.22 37.74 -5.28
N ALA A 286 8.38 38.92 -4.67
CA ALA A 286 8.93 40.06 -5.36
C ALA A 286 10.40 39.83 -5.70
N ALA A 287 10.89 40.56 -6.70
CA ALA A 287 12.26 40.39 -7.14
C ALA A 287 13.26 40.79 -6.06
N ASP A 288 12.87 41.65 -5.13
CA ASP A 288 13.78 42.12 -4.09
C ASP A 288 13.80 41.22 -2.85
N ARG A 289 12.97 40.19 -2.81
CA ARG A 289 13.03 39.19 -1.74
C ARG A 289 14.01 38.08 -2.04
N PHE A 290 14.54 38.02 -3.26
CA PHE A 290 15.43 36.94 -3.68
C PHE A 290 16.78 37.52 -4.10
N LYS A 291 17.85 36.83 -3.74
CA LYS A 291 19.20 37.26 -4.06
C LYS A 291 20.06 36.04 -4.30
N GLN A 292 20.68 35.95 -5.48
CA GLN A 292 21.57 34.85 -5.81
C GLN A 292 23.00 35.36 -5.75
N VAL A 293 23.71 34.98 -4.68
CA VAL A 293 25.08 35.42 -4.48
C VAL A 293 26.01 34.37 -5.10
N ASP A 294 26.93 34.83 -5.92
CA ASP A 294 27.94 33.94 -6.48
C ASP A 294 29.30 34.24 -5.86
N GLY A 295 30.15 33.23 -5.81
CA GLY A 295 31.39 33.37 -5.07
C GLY A 295 31.13 33.48 -3.58
N PHE A 296 30.22 32.64 -3.09
CA PHE A 296 29.88 32.58 -1.68
C PHE A 296 30.75 31.55 -0.99
N TYR A 297 31.39 31.97 0.10
CA TYR A 297 32.26 31.09 0.88
C TYR A 297 31.55 30.77 2.19
N ALA A 298 30.96 29.57 2.25
CA ALA A 298 30.18 29.18 3.42
C ALA A 298 31.10 29.00 4.62
N ARG A 299 30.62 29.43 5.78
CA ARG A 299 31.38 29.35 7.03
C ARG A 299 30.65 28.38 7.95
N ASP A 300 31.32 27.32 8.36
CA ASP A 300 30.76 26.42 9.34
C ASP A 300 30.67 27.12 10.70
N LEU A 301 29.52 27.02 11.35
CA LEU A 301 29.33 27.75 12.59
C LEU A 301 29.83 27.00 13.82
N THR A 302 30.20 25.72 13.67
CA THR A 302 30.79 24.95 14.75
C THR A 302 32.32 24.89 14.65
N THR A 303 32.82 24.43 13.50
CA THR A 303 34.25 24.33 13.30
C THR A 303 34.89 25.66 12.89
N LYS A 304 34.09 26.63 12.49
CA LYS A 304 34.58 27.96 12.09
C LYS A 304 35.58 27.85 10.93
N ALA A 305 35.32 26.92 10.01
CA ALA A 305 36.21 26.66 8.89
C ALA A 305 35.50 27.09 7.60
N ARG A 306 36.03 28.12 6.94
CA ARG A 306 35.46 28.61 5.70
C ARG A 306 35.70 27.60 4.57
N ALA A 307 34.69 27.41 3.74
CA ALA A 307 34.84 26.55 2.57
C ALA A 307 35.64 27.28 1.49
N THR A 308 36.62 26.57 0.92
CA THR A 308 37.49 27.15 -0.09
C THR A 308 36.80 27.26 -1.44
N SER A 309 35.95 26.29 -1.78
CA SER A 309 35.27 26.30 -3.06
C SER A 309 34.08 27.24 -3.04
N PRO A 310 34.02 28.25 -3.90
CA PRO A 310 32.85 29.12 -3.93
C PRO A 310 31.63 28.38 -4.46
N THR A 311 30.46 28.80 -3.99
CA THR A 311 29.20 28.20 -4.37
C THR A 311 28.19 29.28 -4.73
N THR A 312 27.23 28.91 -5.56
CA THR A 312 26.12 29.79 -5.91
C THR A 312 25.01 29.59 -4.88
N ARG A 313 24.74 30.61 -4.09
CA ARG A 313 23.84 30.52 -2.96
C ARG A 313 22.60 31.37 -3.24
N ASN A 314 21.44 30.74 -3.33
CA ASN A 314 20.19 31.47 -3.36
C ASN A 314 19.77 31.80 -1.94
N LEU A 315 19.27 33.03 -1.76
CA LEU A 315 18.74 33.50 -0.49
C LEU A 315 17.37 34.09 -0.75
N LEU A 316 16.36 33.63 0.00
CA LEU A 316 15.00 34.11 -0.13
C LEU A 316 14.51 34.56 1.23
N THR A 317 14.02 35.80 1.29
CA THR A 317 13.49 36.38 2.52
C THR A 317 11.97 36.30 2.45
N THR A 318 11.44 35.20 2.96
CA THR A 318 10.01 35.08 3.17
C THR A 318 9.60 35.96 4.34
N PRO A 319 8.31 36.28 4.49
CA PRO A 319 7.89 37.14 5.59
C PRO A 319 8.25 36.60 6.97
N LYS A 320 8.43 35.29 7.12
CA LYS A 320 8.65 34.68 8.42
C LYS A 320 10.09 34.27 8.68
N PHE A 321 10.89 34.03 7.63
CA PHE A 321 12.24 33.52 7.80
C PHE A 321 13.04 33.85 6.55
N THR A 322 14.30 33.40 6.54
CA THR A 322 15.18 33.58 5.40
C THR A 322 15.82 32.24 5.08
N VAL A 323 15.49 31.66 3.93
CA VAL A 323 16.08 30.40 3.52
C VAL A 323 17.26 30.66 2.61
N ALA A 324 18.29 29.85 2.75
CA ALA A 324 19.44 29.89 1.87
C ALA A 324 19.77 28.47 1.44
N TRP A 325 20.06 28.30 0.15
CA TRP A 325 20.37 26.97 -0.36
C TRP A 325 21.28 27.07 -1.57
N ASP A 326 22.09 26.05 -1.78
CA ASP A 326 23.02 26.02 -2.89
C ASP A 326 22.29 25.77 -4.20
N TRP A 327 22.55 26.61 -5.20
CA TRP A 327 21.91 26.47 -6.48
C TRP A 327 22.55 25.34 -7.30
N VAL A 328 21.70 24.50 -7.87
CA VAL A 328 22.14 23.47 -8.80
C VAL A 328 21.24 23.48 -10.03
N PRO A 329 21.79 23.14 -11.19
CA PRO A 329 20.97 23.09 -12.41
C PRO A 329 19.89 22.03 -12.29
N LYS A 330 18.73 22.32 -12.88
CA LYS A 330 17.57 21.45 -12.71
C LYS A 330 17.72 20.15 -13.48
N ARG A 331 18.17 20.23 -14.74
CA ARG A 331 18.14 19.06 -15.61
C ARG A 331 18.97 17.90 -15.08
N PRO A 332 20.23 18.07 -14.63
CA PRO A 332 20.98 16.93 -14.11
C PRO A 332 20.74 16.60 -12.64
N ALA A 333 19.72 17.20 -12.01
CA ALA A 333 19.44 16.99 -10.59
C ALA A 333 18.18 16.17 -10.35
N VAL A 334 17.11 16.46 -11.08
CA VAL A 334 15.84 15.78 -10.89
C VAL A 334 15.60 14.82 -12.05
N CYS A 335 14.69 13.88 -11.83
CA CYS A 335 14.33 12.92 -12.87
C CYS A 335 12.94 12.38 -12.57
N THR A 336 12.18 12.12 -13.63
CA THR A 336 10.84 11.55 -13.52
C THR A 336 10.84 10.02 -13.47
N MET A 337 12.00 9.39 -13.65
CA MET A 337 12.12 7.96 -13.54
C MET A 337 13.30 7.62 -12.64
N THR A 338 13.15 6.51 -11.91
CA THR A 338 14.21 6.03 -11.03
C THR A 338 14.52 4.58 -11.42
N LYS A 339 15.79 4.21 -11.30
CA LYS A 339 16.21 2.86 -11.62
C LYS A 339 15.64 1.89 -10.59
N TRP A 340 15.04 0.80 -11.07
CA TRP A 340 14.41 -0.18 -10.18
C TRP A 340 15.14 -1.50 -10.16
N GLN A 341 15.43 -2.08 -11.33
CA GLN A 341 16.05 -3.41 -11.36
C GLN A 341 17.18 -3.42 -12.39
N GLU A 342 18.20 -4.21 -12.09
CA GLU A 342 19.31 -4.47 -13.01
C GLU A 342 19.35 -5.98 -13.26
N VAL A 343 19.11 -6.38 -14.51
CA VAL A 343 18.98 -7.80 -14.83
C VAL A 343 20.09 -8.19 -15.79
N ASP A 344 20.88 -9.19 -15.40
CA ASP A 344 21.94 -9.69 -16.27
C ASP A 344 21.36 -10.39 -17.49
N GLU A 345 20.24 -11.08 -17.32
CA GLU A 345 19.67 -11.93 -18.36
C GLU A 345 18.17 -11.65 -18.48
N MET A 346 17.80 -10.78 -19.42
CA MET A 346 16.42 -10.76 -19.90
C MET A 346 16.44 -11.22 -21.35
N LEU A 347 15.93 -12.42 -21.57
CA LEU A 347 15.76 -12.91 -22.92
C LEU A 347 14.63 -12.16 -23.60
N ARG A 348 14.91 -11.64 -24.79
CA ARG A 348 13.93 -10.91 -25.58
C ARG A 348 13.42 -11.80 -26.69
N ALA A 349 12.11 -12.01 -26.72
CA ALA A 349 11.47 -12.87 -27.70
C ALA A 349 10.45 -12.08 -28.50
N GLU A 350 10.48 -12.27 -29.81
CA GLU A 350 9.58 -11.56 -30.72
C GLU A 350 8.44 -12.50 -31.11
N TYR A 351 7.21 -12.10 -30.80
CA TYR A 351 6.07 -12.93 -31.12
C TYR A 351 4.78 -12.12 -31.11
N GLY A 352 3.87 -12.43 -32.02
CA GLY A 352 2.58 -11.75 -32.07
C GLY A 352 2.69 -10.25 -32.27
N GLY A 353 3.74 -9.81 -32.95
CA GLY A 353 3.99 -8.38 -33.09
C GLY A 353 4.25 -7.69 -31.77
N SER A 354 4.94 -8.38 -30.85
CA SER A 354 5.27 -7.80 -29.56
C SER A 354 6.57 -8.41 -29.07
N PHE A 355 7.23 -7.69 -28.16
CA PHE A 355 8.45 -8.15 -27.53
C PHE A 355 8.13 -8.62 -26.11
N ARG A 356 8.69 -9.77 -25.73
CA ARG A 356 8.58 -10.29 -24.38
C ARG A 356 9.98 -10.34 -23.78
N PHE A 357 10.20 -9.57 -22.72
CA PHE A 357 11.46 -9.56 -22.00
C PHE A 357 11.26 -10.39 -20.74
N SER A 358 11.87 -11.57 -20.71
CA SER A 358 11.71 -12.50 -19.60
C SER A 358 13.01 -12.60 -18.82
N SER A 359 12.91 -12.40 -17.50
CA SER A 359 14.04 -12.54 -16.58
C SER A 359 13.74 -13.68 -15.62
N ASP A 360 14.58 -14.71 -15.67
CA ASP A 360 14.44 -15.85 -14.77
C ASP A 360 14.89 -15.53 -13.35
N ALA A 361 15.82 -14.58 -13.19
CA ALA A 361 16.35 -14.27 -11.86
C ALA A 361 15.26 -13.67 -10.97
N ILE A 362 14.56 -12.66 -11.48
CA ILE A 362 13.46 -12.03 -10.75
C ILE A 362 12.11 -12.61 -11.15
N SER A 363 12.08 -13.53 -12.10
CA SER A 363 10.86 -14.21 -12.53
C SER A 363 9.81 -13.20 -13.00
N THR A 364 10.16 -12.46 -14.05
CA THR A 364 9.30 -11.39 -14.53
C THR A 364 9.31 -11.34 -16.05
N THR A 365 8.12 -11.26 -16.64
CA THR A 365 7.98 -11.13 -18.08
C THR A 365 7.26 -9.83 -18.41
N PHE A 366 7.92 -8.98 -19.19
CA PHE A 366 7.36 -7.71 -19.63
C PHE A 366 6.98 -7.79 -21.10
N THR A 367 5.86 -7.16 -21.44
CA THR A 367 5.36 -7.12 -22.81
C THR A 367 5.43 -5.69 -23.33
N THR A 368 6.10 -5.51 -24.48
CA THR A 368 6.27 -4.21 -25.08
C THR A 368 5.86 -4.27 -26.55
N ASN A 369 5.53 -3.10 -27.10
CA ASN A 369 5.33 -3.01 -28.54
C ASN A 369 6.66 -3.17 -29.27
N LEU A 370 6.55 -3.50 -30.56
CA LEU A 370 7.76 -3.78 -31.34
C LEU A 370 8.63 -2.53 -31.48
N THR A 371 8.00 -1.37 -31.70
CA THR A 371 8.75 -0.13 -31.89
C THR A 371 9.36 0.34 -30.57
N GLN A 372 10.40 1.15 -30.68
CA GLN A 372 11.09 1.66 -29.51
C GLN A 372 10.34 2.83 -28.90
N TYR A 373 10.73 3.20 -27.68
CA TYR A 373 10.17 4.34 -26.98
C TYR A 373 11.18 5.48 -27.05
N SER A 374 10.74 6.62 -27.59
CA SER A 374 11.61 7.77 -27.77
C SER A 374 11.97 8.37 -26.41
N LEU A 375 13.28 8.43 -26.11
CA LEU A 375 13.70 8.94 -24.82
C LEU A 375 13.43 10.44 -24.68
N SER A 376 13.37 11.16 -25.81
CA SER A 376 13.03 12.57 -25.77
C SER A 376 11.59 12.81 -25.34
N ARG A 377 10.75 11.77 -25.37
CA ARG A 377 9.36 11.91 -24.95
C ARG A 377 9.22 11.93 -23.43
N VAL A 378 10.27 11.54 -22.69
CA VAL A 378 10.21 11.50 -21.24
C VAL A 378 10.52 12.89 -20.70
N ASP A 379 9.64 13.38 -19.82
CA ASP A 379 9.87 14.66 -19.16
C ASP A 379 11.02 14.53 -18.16
N LEU A 380 11.97 15.46 -18.24
CA LEU A 380 13.12 15.48 -17.33
C LEU A 380 13.83 14.13 -17.30
N GLY A 381 13.90 13.49 -18.47
CA GLY A 381 14.43 12.14 -18.54
C GLY A 381 15.90 12.07 -18.90
N ASP A 382 16.72 12.89 -18.25
CA ASP A 382 18.15 12.89 -18.51
C ASP A 382 18.91 11.87 -17.68
N CYS A 383 18.26 11.23 -16.70
CA CYS A 383 18.93 10.25 -15.86
C CYS A 383 18.81 8.85 -16.41
N ILE A 384 17.77 8.57 -17.19
CA ILE A 384 17.55 7.22 -17.72
C ILE A 384 18.74 6.79 -18.57
N GLY A 385 19.16 7.65 -19.50
CA GLY A 385 20.27 7.29 -20.36
C GLY A 385 21.56 7.04 -19.59
N ARG A 386 21.89 7.94 -18.68
CA ARG A 386 23.14 7.82 -17.94
C ARG A 386 23.15 6.58 -17.06
N ASP A 387 22.07 6.36 -16.31
CA ASP A 387 21.99 5.19 -15.44
C ASP A 387 22.02 3.91 -16.26
N ALA A 388 21.30 3.88 -17.39
CA ALA A 388 21.27 2.69 -18.23
C ALA A 388 22.66 2.37 -18.76
N ARG A 389 23.35 3.37 -19.30
CA ARG A 389 24.69 3.12 -19.83
C ARG A 389 25.64 2.65 -18.74
N GLU A 390 25.60 3.30 -17.57
CA GLU A 390 26.52 2.93 -16.50
C GLU A 390 26.25 1.50 -16.03
N ALA A 391 24.98 1.17 -15.77
CA ALA A 391 24.63 -0.16 -15.27
C ALA A 391 24.94 -1.24 -16.30
N ILE A 392 24.62 -0.97 -17.57
CA ILE A 392 24.87 -1.97 -18.61
C ILE A 392 26.37 -2.22 -18.75
N ASP A 393 27.18 -1.15 -18.74
CA ASP A 393 28.62 -1.32 -18.83
C ASP A 393 29.14 -2.12 -17.64
N ARG A 394 28.67 -1.80 -16.44
CA ARG A 394 29.13 -2.51 -15.24
C ARG A 394 28.79 -4.00 -15.31
N MET A 395 27.56 -4.32 -15.70
CA MET A 395 27.13 -5.71 -15.74
C MET A 395 27.84 -6.48 -16.85
N PHE A 396 28.05 -5.84 -18.00
CA PHE A 396 28.78 -6.49 -19.08
C PHE A 396 30.21 -6.77 -18.68
N ALA A 397 30.87 -5.82 -18.02
CA ALA A 397 32.23 -6.04 -17.54
C ALA A 397 32.27 -7.14 -16.49
N ARG A 398 31.23 -7.21 -15.65
CA ARG A 398 31.22 -8.20 -14.58
C ARG A 398 31.05 -9.62 -15.13
N LYS A 399 30.15 -9.82 -16.09
CA LYS A 399 29.75 -11.17 -16.44
C LYS A 399 30.15 -11.58 -17.85
N TYR A 400 29.80 -10.79 -18.87
CA TYR A 400 29.92 -11.20 -20.26
C TYR A 400 31.09 -10.56 -21.00
N ASN A 401 32.11 -10.07 -20.29
CA ASN A 401 33.24 -9.45 -20.97
C ASN A 401 34.03 -10.45 -21.80
N ALA A 402 34.16 -11.69 -21.31
CA ALA A 402 34.98 -12.69 -21.96
C ALA A 402 34.19 -13.63 -22.88
N THR A 403 32.88 -13.46 -22.99
CA THR A 403 32.09 -14.43 -23.74
C THR A 403 31.21 -13.79 -24.80
N HIS A 404 30.64 -12.62 -24.52
CA HIS A 404 29.70 -11.98 -25.42
C HIS A 404 30.23 -10.62 -25.88
N ILE A 405 29.56 -10.06 -26.88
CA ILE A 405 29.84 -8.72 -27.38
C ILE A 405 28.52 -7.99 -27.55
N LYS A 406 28.56 -6.67 -27.31
CA LYS A 406 27.37 -5.86 -27.48
C LYS A 406 27.01 -5.72 -28.95
N VAL A 407 25.71 -5.64 -29.21
CA VAL A 407 25.18 -5.51 -30.56
C VAL A 407 24.43 -4.19 -30.63
N GLY A 408 25.10 -3.15 -31.06
CA GLY A 408 24.48 -1.84 -31.21
C GLY A 408 24.35 -1.11 -29.88
N GLN A 409 23.76 0.08 -29.98
CA GLN A 409 23.54 0.91 -28.81
C GLN A 409 22.32 0.39 -28.04
N PRO A 410 22.26 0.66 -26.73
CA PRO A 410 21.08 0.24 -25.96
C PRO A 410 19.80 0.84 -26.51
N GLN A 411 18.76 0.03 -26.58
CA GLN A 411 17.44 0.46 -26.99
C GLN A 411 16.55 0.65 -25.77
N TYR A 412 15.46 1.38 -25.96
CA TYR A 412 14.55 1.70 -24.87
C TYR A 412 13.12 1.34 -25.28
N TYR A 413 12.45 0.56 -24.43
CA TYR A 413 11.09 0.13 -24.70
C TYR A 413 10.22 0.45 -23.50
N LEU A 414 8.92 0.60 -23.76
CA LEU A 414 7.93 0.82 -22.72
C LEU A 414 7.08 -0.43 -22.57
N ALA A 415 6.97 -0.90 -21.34
CA ALA A 415 6.29 -2.15 -21.02
C ALA A 415 5.03 -1.87 -20.22
N THR A 416 4.01 -2.68 -20.46
CA THR A 416 2.72 -2.55 -19.80
C THR A 416 2.90 -2.44 -18.29
N GLY A 417 2.06 -1.60 -17.68
CA GLY A 417 2.28 -1.19 -16.31
C GLY A 417 3.18 0.02 -16.17
N GLY A 418 3.78 0.47 -17.26
CA GLY A 418 4.61 1.66 -17.25
C GLY A 418 6.03 1.42 -16.78
N PHE A 419 6.71 0.45 -17.38
CA PHE A 419 8.09 0.15 -17.01
C PHE A 419 9.00 0.45 -18.19
N LEU A 420 10.07 1.21 -17.96
CA LEU A 420 10.98 1.58 -19.03
C LEU A 420 12.16 0.61 -19.02
N ILE A 421 12.30 -0.16 -20.10
CA ILE A 421 13.35 -1.16 -20.20
C ILE A 421 14.43 -0.66 -21.13
N ALA A 422 15.63 -0.48 -20.60
CA ALA A 422 16.82 -0.23 -21.40
C ALA A 422 17.50 -1.56 -21.66
N TYR A 423 17.52 -1.98 -22.92
CA TYR A 423 17.97 -3.30 -23.32
C TYR A 423 19.25 -3.18 -24.15
N GLN A 424 20.26 -3.95 -23.79
CA GLN A 424 21.48 -4.05 -24.57
C GLN A 424 21.57 -5.48 -25.09
N PRO A 425 21.25 -5.74 -26.36
CA PRO A 425 21.38 -7.09 -26.88
C PRO A 425 22.83 -7.52 -26.97
N LEU A 426 23.05 -8.81 -26.78
CA LEU A 426 24.40 -9.37 -26.77
C LEU A 426 24.46 -10.58 -27.68
N LEU A 427 25.61 -10.76 -28.31
CA LEU A 427 25.83 -11.89 -29.20
C LEU A 427 27.10 -12.60 -28.76
N SER A 428 27.04 -13.93 -28.70
CA SER A 428 28.20 -14.71 -28.28
C SER A 428 29.31 -14.60 -29.33
N ASN A 429 30.52 -14.97 -28.92
CA ASN A 429 31.65 -14.94 -29.83
C ASN A 429 31.46 -15.86 -31.04
N THR A 430 30.60 -16.86 -30.92
CA THR A 430 30.30 -17.76 -32.02
C THR A 430 29.38 -17.09 -33.03
N VAL A 465 6.15 15.23 -24.80
CA VAL A 465 6.67 15.25 -23.43
C VAL A 465 5.58 14.84 -22.44
N GLU A 466 5.71 13.64 -21.88
CA GLU A 466 4.71 13.09 -20.98
C GLU A 466 5.41 12.24 -19.93
N ARG A 467 4.80 12.16 -18.75
CA ARG A 467 5.30 11.36 -17.66
C ARG A 467 4.60 10.00 -17.68
N ILE A 468 5.38 8.95 -17.48
CA ILE A 468 4.85 7.59 -17.51
C ILE A 468 4.46 7.18 -16.09
N LYS A 469 3.26 6.63 -15.95
CA LYS A 469 2.76 6.17 -14.66
C LYS A 469 3.02 4.68 -14.51
N THR A 470 3.65 4.30 -13.41
CA THR A 470 4.01 2.92 -13.13
C THR A 470 3.02 2.31 -12.15
N THR A 471 2.54 1.11 -12.45
CA THR A 471 1.65 0.41 -11.55
C THR A 471 2.42 -0.03 -10.30
N SER A 472 1.67 -0.21 -9.20
CA SER A 472 2.27 -0.61 -7.94
C SER A 472 2.37 -2.12 -7.76
N SER A 473 1.80 -2.89 -8.67
CA SER A 473 1.79 -4.35 -8.56
C SER A 473 2.49 -4.94 -9.78
N ILE A 474 3.69 -5.49 -9.56
CA ILE A 474 4.41 -6.20 -10.60
C ILE A 474 3.91 -7.63 -10.75
N GLU A 475 3.01 -8.07 -9.86
CA GLU A 475 2.68 -9.48 -9.76
C GLU A 475 2.14 -10.04 -11.07
N PHE A 476 1.37 -9.23 -11.80
CA PHE A 476 0.83 -9.69 -13.07
C PHE A 476 1.93 -10.18 -13.99
N ALA A 477 3.03 -9.41 -14.10
CA ALA A 477 4.15 -9.83 -14.91
C ALA A 477 4.70 -11.16 -14.41
N ARG A 478 4.89 -11.28 -13.10
CA ARG A 478 5.34 -12.55 -12.55
C ARG A 478 4.37 -13.67 -12.90
N LEU A 479 3.07 -13.40 -12.76
CA LEU A 479 2.07 -14.38 -13.18
C LEU A 479 2.30 -14.76 -14.63
N GLN A 480 2.46 -13.76 -15.49
CA GLN A 480 2.75 -14.03 -16.89
C GLN A 480 3.93 -14.99 -17.01
N PHE A 481 5.03 -14.66 -16.32
CA PHE A 481 6.21 -15.50 -16.38
C PHE A 481 5.84 -16.93 -16.02
N THR A 482 5.17 -17.11 -14.88
CA THR A 482 4.79 -18.45 -14.46
C THR A 482 3.95 -19.12 -15.53
N TYR A 483 2.91 -18.42 -16.01
CA TYR A 483 2.03 -19.05 -16.99
C TYR A 483 2.79 -19.36 -18.25
N ASN A 484 3.77 -18.53 -18.62
CA ASN A 484 4.59 -18.86 -19.76
C ASN A 484 5.39 -20.11 -19.47
N HIS A 485 6.13 -20.11 -18.35
CA HIS A 485 7.11 -21.16 -18.10
C HIS A 485 6.44 -22.51 -18.18
N ILE A 486 5.50 -22.76 -17.27
CA ILE A 486 4.75 -24.00 -17.23
C ILE A 486 4.26 -24.34 -18.63
N GLN A 487 3.56 -23.42 -19.29
CA GLN A 487 2.91 -23.82 -20.54
C GLN A 487 3.95 -24.27 -21.54
N ARG A 488 5.07 -23.54 -21.62
CA ARG A 488 6.10 -23.91 -22.57
C ARG A 488 6.46 -25.37 -22.38
N HIS A 489 6.78 -25.75 -21.15
CA HIS A 489 7.15 -27.12 -20.86
C HIS A 489 6.07 -28.08 -21.35
N VAL A 490 4.82 -27.85 -20.92
CA VAL A 490 3.79 -28.80 -21.34
C VAL A 490 3.63 -28.72 -22.85
N ASN A 491 3.60 -27.50 -23.40
CA ASN A 491 3.40 -27.36 -24.83
C ASN A 491 4.52 -28.00 -25.63
N ASP A 492 5.65 -28.29 -24.98
CA ASP A 492 6.67 -29.11 -25.60
C ASP A 492 6.39 -30.59 -25.34
N MET A 493 6.32 -30.99 -24.07
CA MET A 493 6.33 -32.41 -23.74
C MET A 493 5.10 -33.11 -24.29
N LEU A 494 3.91 -32.54 -24.03
CA LEU A 494 2.69 -33.08 -24.60
C LEU A 494 2.84 -33.22 -26.11
N GLY A 495 3.37 -32.20 -26.77
CA GLY A 495 3.57 -32.28 -28.21
C GLY A 495 4.44 -33.46 -28.59
N ARG A 496 5.55 -33.64 -27.88
CA ARG A 496 6.40 -34.79 -28.14
C ARG A 496 5.60 -36.08 -28.03
N ILE A 497 4.78 -36.18 -26.98
CA ILE A 497 3.97 -37.37 -26.79
C ILE A 497 3.14 -37.64 -28.03
N ALA A 498 2.47 -36.59 -28.54
CA ALA A 498 1.66 -36.74 -29.73
C ALA A 498 2.49 -37.32 -30.87
N VAL A 499 3.66 -36.71 -31.11
CA VAL A 499 4.55 -37.22 -32.16
C VAL A 499 4.91 -38.67 -31.87
N ALA A 500 5.37 -38.93 -30.63
CA ALA A 500 5.76 -40.28 -30.27
C ALA A 500 4.58 -41.23 -30.39
N TRP A 501 3.37 -40.72 -30.17
CA TRP A 501 2.19 -41.54 -30.35
C TRP A 501 2.01 -41.88 -31.83
N CYS A 502 2.03 -40.85 -32.68
CA CYS A 502 1.71 -41.03 -34.09
C CYS A 502 2.64 -42.05 -34.73
N GLU A 503 3.95 -41.83 -34.57
CA GLU A 503 4.93 -42.75 -35.11
C GLU A 503 4.65 -44.18 -34.66
N LEU A 504 4.30 -44.36 -33.38
CA LEU A 504 4.04 -45.69 -32.87
C LEU A 504 2.96 -46.38 -33.71
N GLN A 505 1.86 -45.69 -33.97
CA GLN A 505 0.83 -46.27 -34.81
C GLN A 505 1.38 -46.57 -36.19
N ASN A 506 2.06 -45.59 -36.79
CA ASN A 506 2.64 -45.78 -38.11
C ASN A 506 3.63 -46.94 -38.10
N HIS A 507 4.16 -47.27 -36.92
CA HIS A 507 5.06 -48.40 -36.82
C HIS A 507 4.27 -49.69 -36.65
N GLU A 508 3.29 -49.68 -35.75
CA GLU A 508 2.60 -50.92 -35.41
C GLU A 508 1.78 -51.46 -36.57
N LEU A 509 1.44 -50.60 -37.55
CA LEU A 509 0.75 -51.08 -38.73
C LEU A 509 1.51 -52.21 -39.40
N THR A 510 2.86 -52.15 -39.32
CA THR A 510 3.67 -53.22 -39.91
C THR A 510 3.33 -54.56 -39.31
N LEU A 511 3.09 -54.61 -38.00
CA LEU A 511 2.64 -55.85 -37.37
C LEU A 511 1.26 -56.23 -37.86
N TRP A 512 0.35 -55.27 -37.96
CA TRP A 512 -1.04 -55.58 -38.26
C TRP A 512 -1.17 -56.23 -39.64
N ASN A 513 -0.44 -55.72 -40.63
CA ASN A 513 -0.48 -56.28 -41.96
C ASN A 513 -0.11 -57.76 -41.98
N GLU A 514 0.67 -58.22 -41.00
CA GLU A 514 0.99 -59.63 -40.93
C GLU A 514 -0.07 -60.41 -40.17
N ALA A 515 -0.63 -59.82 -39.11
CA ALA A 515 -1.58 -60.54 -38.27
C ALA A 515 -2.81 -60.93 -39.06
N ARG A 516 -3.28 -60.05 -39.95
CA ARG A 516 -4.46 -60.37 -40.76
C ARG A 516 -4.22 -61.57 -41.65
N LYS A 517 -2.96 -61.86 -41.98
CA LYS A 517 -2.68 -63.07 -42.75
C LYS A 517 -2.81 -64.32 -41.88
N LEU A 518 -2.49 -64.22 -40.59
CA LEU A 518 -2.60 -65.37 -39.70
C LEU A 518 -4.06 -65.71 -39.41
N ASN A 519 -4.86 -64.70 -39.07
CA ASN A 519 -6.24 -64.92 -38.65
C ASN A 519 -7.03 -63.69 -39.04
N PRO A 520 -7.54 -63.63 -40.28
CA PRO A 520 -8.31 -62.47 -40.70
C PRO A 520 -9.57 -62.26 -39.89
N ASN A 521 -10.12 -63.31 -39.28
CA ASN A 521 -11.35 -63.19 -38.51
C ASN A 521 -11.18 -62.26 -37.33
N ALA A 522 -10.17 -62.53 -36.50
CA ALA A 522 -9.95 -61.73 -35.30
C ALA A 522 -9.54 -60.31 -35.65
N ILE A 523 -8.68 -60.16 -36.66
CA ILE A 523 -8.21 -58.84 -37.05
C ILE A 523 -9.37 -57.99 -37.57
N ALA A 524 -10.21 -58.57 -38.42
CA ALA A 524 -11.36 -57.84 -38.94
C ALA A 524 -12.34 -57.50 -37.83
N SER A 525 -12.57 -58.44 -36.90
CA SER A 525 -13.48 -58.15 -35.79
C SER A 525 -12.93 -57.03 -34.91
N ALA A 526 -11.61 -56.97 -34.74
CA ALA A 526 -11.02 -55.96 -33.89
C ALA A 526 -11.04 -54.59 -34.56
N THR A 527 -10.73 -54.53 -35.86
CA THR A 527 -10.61 -53.24 -36.52
C THR A 527 -11.97 -52.69 -36.96
N VAL A 528 -12.80 -53.52 -37.58
CA VAL A 528 -14.09 -53.07 -38.06
C VAL A 528 -15.00 -52.66 -36.90
N GLY A 529 -15.01 -53.45 -35.83
CA GLY A 529 -15.84 -53.18 -34.68
C GLY A 529 -17.00 -54.15 -34.51
N ARG A 530 -17.23 -55.03 -35.48
CA ARG A 530 -18.28 -56.04 -35.38
C ARG A 530 -17.67 -57.41 -35.58
N ARG A 531 -18.26 -58.41 -34.92
CA ARG A 531 -17.79 -59.78 -35.06
C ARG A 531 -18.13 -60.27 -36.47
N ALA A 532 -17.14 -60.24 -37.36
CA ALA A 532 -17.34 -60.56 -38.76
C ALA A 532 -16.37 -61.65 -39.17
N SER A 533 -16.73 -62.36 -40.24
CA SER A 533 -15.88 -63.36 -40.85
C SER A 533 -15.19 -62.76 -42.05
N ALA A 534 -13.87 -62.90 -42.12
CA ALA A 534 -13.08 -62.28 -43.15
C ALA A 534 -12.12 -63.27 -43.78
N ARG A 535 -11.76 -63.02 -45.03
CA ARG A 535 -10.74 -63.79 -45.72
C ARG A 535 -9.98 -62.88 -46.67
N MET A 536 -8.73 -63.24 -46.93
CA MET A 536 -7.87 -62.40 -47.76
C MET A 536 -8.22 -62.62 -49.23
N LEU A 537 -8.23 -61.52 -50.00
CA LEU A 537 -8.48 -61.55 -51.43
C LEU A 537 -7.27 -61.02 -52.18
N GLY A 538 -6.10 -61.51 -51.79
CA GLY A 538 -4.85 -61.03 -52.35
C GLY A 538 -4.17 -60.06 -51.40
N ASP A 539 -4.29 -58.76 -51.67
CA ASP A 539 -3.72 -57.74 -50.81
C ASP A 539 -4.80 -56.93 -50.09
N VAL A 540 -6.04 -57.43 -50.05
CA VAL A 540 -7.12 -56.76 -49.34
C VAL A 540 -7.97 -57.84 -48.70
N MET A 541 -8.74 -57.46 -47.69
CA MET A 541 -9.49 -58.40 -46.87
C MET A 541 -11.00 -58.17 -47.05
N ALA A 542 -11.72 -59.25 -47.36
CA ALA A 542 -13.15 -59.19 -47.57
C ALA A 542 -13.86 -59.74 -46.34
N VAL A 543 -14.87 -59.00 -45.85
CA VAL A 543 -15.53 -59.29 -44.59
C VAL A 543 -17.03 -59.47 -44.83
N SER A 544 -17.66 -60.14 -43.87
CA SER A 544 -19.10 -60.36 -43.90
C SER A 544 -19.59 -60.56 -42.47
N THR A 545 -20.71 -59.92 -42.14
CA THR A 545 -21.22 -59.94 -40.78
C THR A 545 -21.63 -61.36 -40.37
N CYS A 546 -21.41 -61.67 -39.10
CA CYS A 546 -21.81 -62.96 -38.52
C CYS A 546 -23.09 -62.81 -37.71
N VAL A 547 -23.93 -63.83 -37.78
CA VAL A 547 -25.24 -63.83 -37.12
C VAL A 547 -25.09 -64.20 -35.65
N PRO A 548 -25.60 -63.38 -34.73
CA PRO A 548 -25.57 -63.75 -33.31
C PRO A 548 -26.43 -64.97 -33.02
N VAL A 549 -26.00 -65.74 -32.03
CA VAL A 549 -26.71 -66.92 -31.56
C VAL A 549 -26.65 -66.94 -30.03
N ALA A 550 -27.79 -67.14 -29.39
CA ALA A 550 -27.85 -67.12 -27.94
C ALA A 550 -27.11 -68.33 -27.36
N PRO A 551 -26.42 -68.14 -26.23
CA PRO A 551 -25.67 -69.26 -25.64
C PRO A 551 -26.53 -70.42 -25.17
N ASP A 552 -27.83 -70.19 -24.91
CA ASP A 552 -28.67 -71.26 -24.37
C ASP A 552 -29.21 -72.19 -25.45
N ASN A 553 -28.91 -71.93 -26.73
CA ASN A 553 -29.39 -72.76 -27.82
C ASN A 553 -28.31 -73.68 -28.38
N VAL A 554 -27.19 -73.85 -27.67
CA VAL A 554 -26.08 -74.66 -28.15
C VAL A 554 -25.84 -75.80 -27.17
N ILE A 555 -25.54 -76.97 -27.72
CA ILE A 555 -25.22 -78.16 -26.92
C ILE A 555 -23.89 -78.72 -27.44
N VAL A 556 -23.05 -79.18 -26.52
CA VAL A 556 -21.73 -79.71 -26.86
C VAL A 556 -21.77 -81.23 -26.75
N GLN A 557 -21.24 -81.91 -27.77
CA GLN A 557 -21.18 -83.36 -27.77
C GLN A 557 -20.02 -83.83 -26.88
N ASN A 558 -20.17 -85.03 -26.32
CA ASN A 558 -19.23 -85.52 -25.33
C ASN A 558 -17.91 -85.92 -25.97
N SER A 559 -17.96 -86.52 -27.16
CA SER A 559 -16.78 -87.12 -27.76
C SER A 559 -16.34 -86.35 -29.01
N MET A 560 -15.03 -86.13 -29.13
CA MET A 560 -14.47 -85.60 -30.36
C MET A 560 -13.98 -86.69 -31.31
N ARG A 561 -14.00 -87.95 -30.88
CA ARG A 561 -13.62 -89.04 -31.77
C ARG A 561 -14.73 -89.31 -32.78
N VAL A 562 -14.36 -90.00 -33.85
CA VAL A 562 -15.30 -90.37 -34.90
C VAL A 562 -15.55 -91.86 -34.80
N SER A 563 -16.83 -92.24 -34.61
CA SER A 563 -17.18 -93.65 -34.49
C SER A 563 -16.99 -94.40 -35.80
N SER A 564 -17.03 -93.69 -36.94
CA SER A 564 -16.83 -94.31 -38.24
C SER A 564 -15.36 -94.27 -38.69
N ARG A 565 -14.58 -93.33 -38.17
CA ARG A 565 -13.17 -93.19 -38.56
C ARG A 565 -12.27 -93.41 -37.36
N PRO A 566 -11.66 -94.59 -37.22
CA PRO A 566 -10.68 -94.77 -36.15
C PRO A 566 -9.32 -94.21 -36.54
N GLY A 567 -8.58 -93.77 -35.51
CA GLY A 567 -7.25 -93.22 -35.73
C GLY A 567 -7.28 -91.73 -36.01
N THR A 568 -8.28 -91.29 -36.76
CA THR A 568 -8.47 -89.87 -37.06
C THR A 568 -9.70 -89.36 -36.33
N CYS A 569 -9.61 -88.15 -35.80
CA CYS A 569 -10.66 -87.63 -34.93
C CYS A 569 -10.59 -86.11 -34.89
N TYR A 570 -11.70 -85.50 -34.44
CA TYR A 570 -11.85 -84.06 -34.48
C TYR A 570 -10.88 -83.38 -33.50
N SER A 571 -10.31 -82.26 -33.95
CA SER A 571 -9.49 -81.42 -33.07
C SER A 571 -10.32 -80.43 -32.27
N ARG A 572 -11.59 -80.23 -32.64
CA ARG A 572 -12.47 -79.30 -31.95
C ARG A 572 -13.77 -80.00 -31.60
N PRO A 573 -14.44 -79.58 -30.53
CA PRO A 573 -15.67 -80.26 -30.11
C PRO A 573 -16.79 -80.14 -31.13
N LEU A 574 -17.63 -81.17 -31.17
CA LEU A 574 -18.86 -81.10 -31.96
C LEU A 574 -19.97 -80.44 -31.14
N VAL A 575 -20.82 -79.68 -31.84
CA VAL A 575 -21.89 -78.93 -31.21
C VAL A 575 -23.13 -79.01 -32.09
N SER A 576 -24.28 -78.73 -31.47
CA SER A 576 -25.55 -78.61 -32.16
C SER A 576 -26.21 -77.33 -31.69
N PHE A 577 -26.59 -76.47 -32.63
CA PHE A 577 -27.18 -75.18 -32.29
C PHE A 577 -28.46 -74.98 -33.09
N ARG A 578 -29.35 -74.16 -32.52
CA ARG A 578 -30.61 -73.79 -33.16
C ARG A 578 -30.69 -72.28 -33.19
N TYR A 579 -31.03 -71.72 -34.36
CA TYR A 579 -31.10 -70.27 -34.48
C TYR A 579 -32.23 -69.71 -33.62
N GLU A 580 -33.39 -70.38 -33.61
CA GLU A 580 -34.52 -69.98 -32.79
C GLU A 580 -35.10 -71.20 -32.09
N ASP A 581 -36.06 -70.94 -31.18
CA ASP A 581 -36.66 -72.01 -30.39
C ASP A 581 -37.49 -72.97 -31.24
N GLN A 582 -38.10 -72.49 -32.32
CA GLN A 582 -38.89 -73.34 -33.20
C GLN A 582 -38.10 -73.82 -34.42
N GLY A 583 -36.81 -73.50 -34.49
CA GLY A 583 -35.99 -73.94 -35.59
C GLY A 583 -35.48 -75.35 -35.37
N PRO A 584 -34.87 -75.90 -36.41
CA PRO A 584 -34.34 -77.27 -36.33
C PRO A 584 -32.98 -77.30 -35.64
N LEU A 585 -32.47 -78.51 -35.48
CA LEU A 585 -31.14 -78.73 -34.90
C LEU A 585 -30.11 -78.73 -36.01
N ILE A 586 -29.17 -77.79 -35.95
CA ILE A 586 -28.11 -77.64 -36.95
C ILE A 586 -26.81 -78.12 -36.33
N GLU A 587 -26.18 -79.11 -36.96
CA GLU A 587 -24.95 -79.68 -36.45
C GLU A 587 -23.74 -78.86 -36.90
N GLY A 588 -22.64 -79.00 -36.16
CA GLY A 588 -21.42 -78.30 -36.53
C GLY A 588 -20.33 -78.60 -35.52
N GLN A 589 -19.24 -77.83 -35.63
CA GLN A 589 -18.15 -77.95 -34.68
C GLN A 589 -17.73 -76.57 -34.21
N LEU A 590 -17.19 -76.52 -32.99
CA LEU A 590 -16.78 -75.27 -32.38
C LEU A 590 -15.53 -74.71 -33.06
N GLY A 591 -15.46 -73.39 -33.12
CA GLY A 591 -14.32 -72.71 -33.70
C GLY A 591 -13.55 -71.89 -32.67
N GLU A 592 -12.96 -70.77 -33.10
CA GLU A 592 -12.19 -69.92 -32.22
C GLU A 592 -13.02 -68.73 -31.76
N ASN A 593 -13.02 -68.50 -30.45
CA ASN A 593 -13.71 -67.36 -29.85
C ASN A 593 -15.20 -67.38 -30.19
N ASN A 594 -15.88 -68.42 -29.71
CA ASN A 594 -17.33 -68.57 -29.87
C ASN A 594 -17.72 -68.55 -31.34
N GLU A 595 -17.13 -69.47 -32.11
CA GLU A 595 -17.35 -69.57 -33.54
C GLU A 595 -17.94 -70.93 -33.86
N LEU A 596 -18.92 -70.93 -34.77
CA LEU A 596 -19.61 -72.15 -35.18
C LEU A 596 -19.21 -72.48 -36.61
N ARG A 597 -18.75 -73.71 -36.82
CA ARG A 597 -18.34 -74.18 -38.13
C ARG A 597 -19.32 -75.23 -38.62
N LEU A 598 -19.84 -75.03 -39.83
CA LEU A 598 -20.84 -75.95 -40.37
C LEU A 598 -20.20 -77.25 -40.86
N THR A 599 -18.93 -77.19 -41.28
CA THR A 599 -18.26 -78.35 -41.85
C THR A 599 -17.34 -78.99 -40.80
N ARG A 600 -17.43 -80.31 -40.67
CA ARG A 600 -16.56 -81.05 -39.76
C ARG A 600 -15.33 -81.53 -40.51
N ASP A 601 -14.53 -80.57 -40.96
CA ASP A 601 -13.30 -80.87 -41.69
C ASP A 601 -12.05 -80.72 -40.82
N ALA A 602 -12.20 -80.49 -39.52
CA ALA A 602 -11.06 -80.37 -38.62
C ALA A 602 -10.72 -81.76 -38.08
N LEU A 603 -9.84 -82.45 -38.80
CA LEU A 603 -9.44 -83.82 -38.48
C LEU A 603 -7.95 -83.87 -38.20
N GLU A 604 -7.57 -84.61 -37.17
CA GLU A 604 -6.18 -84.85 -36.84
C GLU A 604 -6.02 -86.28 -36.37
N PRO A 605 -4.82 -86.85 -36.50
CA PRO A 605 -4.58 -88.16 -35.89
C PRO A 605 -4.74 -88.11 -34.38
N CYS A 606 -5.37 -89.13 -33.82
CA CYS A 606 -5.60 -89.15 -32.38
C CYS A 606 -4.31 -89.51 -31.65
N THR A 607 -4.01 -88.74 -30.61
CA THR A 607 -2.78 -88.89 -29.85
C THR A 607 -3.10 -89.05 -28.37
N VAL A 608 -2.38 -89.94 -27.70
CA VAL A 608 -2.56 -90.15 -26.27
C VAL A 608 -2.11 -88.92 -25.51
N GLY A 609 -2.66 -88.72 -24.32
CA GLY A 609 -2.38 -87.53 -23.53
C GLY A 609 -3.00 -86.27 -24.14
N HIS A 610 -4.22 -86.38 -24.63
CA HIS A 610 -4.91 -85.27 -25.28
C HIS A 610 -5.76 -84.52 -24.27
N ARG A 611 -5.21 -83.41 -23.74
CA ARG A 611 -5.92 -82.55 -22.81
C ARG A 611 -6.02 -81.16 -23.45
N ARG A 612 -7.25 -80.68 -23.62
CA ARG A 612 -7.45 -79.43 -24.35
C ARG A 612 -8.49 -78.56 -23.65
N TYR A 613 -8.27 -77.25 -23.70
CA TYR A 613 -9.23 -76.25 -23.25
C TYR A 613 -9.74 -75.50 -24.47
N PHE A 614 -11.04 -75.21 -24.48
CA PHE A 614 -11.65 -74.48 -25.57
C PHE A 614 -12.57 -73.40 -25.01
N ILE A 615 -12.54 -72.22 -25.61
CA ILE A 615 -13.42 -71.14 -25.19
C ILE A 615 -14.86 -71.54 -25.53
N PHE A 616 -15.75 -71.41 -24.53
CA PHE A 616 -17.15 -71.77 -24.71
C PHE A 616 -17.99 -70.88 -23.81
N GLY A 617 -18.95 -70.19 -24.40
CA GLY A 617 -19.79 -69.28 -23.64
C GLY A 617 -18.94 -68.23 -22.95
N GLY A 618 -19.15 -68.07 -21.65
CA GLY A 618 -18.37 -67.15 -20.84
C GLY A 618 -17.16 -67.79 -20.16
N GLY A 619 -16.88 -69.06 -20.45
CA GLY A 619 -15.76 -69.72 -19.79
C GLY A 619 -15.04 -70.70 -20.70
N TYR A 620 -14.51 -71.77 -20.12
CA TYR A 620 -13.80 -72.78 -20.88
C TYR A 620 -14.48 -74.15 -20.71
N VAL A 621 -14.26 -74.99 -21.72
CA VAL A 621 -14.68 -76.38 -21.68
C VAL A 621 -13.42 -77.23 -21.87
N TYR A 622 -13.23 -78.20 -20.98
CA TYR A 622 -12.02 -79.00 -20.92
C TYR A 622 -12.33 -80.42 -21.33
N PHE A 623 -11.57 -80.92 -22.32
CA PHE A 623 -11.69 -82.26 -22.85
C PHE A 623 -10.42 -83.03 -22.53
N GLU A 624 -10.56 -84.33 -22.22
CA GLU A 624 -9.45 -85.16 -21.78
C GLU A 624 -9.48 -86.48 -22.55
N GLU A 625 -8.37 -86.79 -23.23
CA GLU A 625 -8.28 -87.87 -24.22
C GLU A 625 -9.49 -87.85 -25.16
N TYR A 626 -9.67 -86.74 -25.86
CA TYR A 626 -10.68 -86.61 -26.91
C TYR A 626 -12.10 -86.85 -26.38
N ALA A 627 -12.29 -86.67 -25.07
CA ALA A 627 -13.59 -86.87 -24.46
C ALA A 627 -13.88 -85.73 -23.51
N TYR A 628 -15.15 -85.36 -23.44
CA TYR A 628 -15.58 -84.29 -22.55
C TYR A 628 -15.17 -84.57 -21.11
N SER A 629 -14.62 -83.55 -20.45
CA SER A 629 -14.29 -83.66 -19.03
C SER A 629 -15.15 -82.73 -18.19
N HIS A 630 -15.12 -81.41 -18.42
CA HIS A 630 -15.94 -80.53 -17.60
C HIS A 630 -15.87 -79.08 -18.08
N GLN A 631 -16.92 -78.33 -17.76
CA GLN A 631 -16.94 -76.88 -17.90
C GLN A 631 -16.19 -76.24 -16.72
N LEU A 632 -15.70 -75.02 -16.95
CA LEU A 632 -15.07 -74.24 -15.90
C LEU A 632 -15.10 -72.77 -16.26
N SER A 633 -14.87 -71.93 -15.27
CA SER A 633 -14.98 -70.49 -15.42
C SER A 633 -13.66 -69.87 -15.88
N ARG A 634 -13.74 -68.63 -16.35
CA ARG A 634 -12.55 -67.91 -16.77
C ARG A 634 -11.60 -67.67 -15.59
N ALA A 635 -12.16 -67.34 -14.42
CA ALA A 635 -11.34 -67.09 -13.24
C ALA A 635 -10.70 -68.36 -12.69
N ASP A 636 -11.13 -69.54 -13.15
CA ASP A 636 -10.54 -70.79 -12.69
C ASP A 636 -9.11 -70.97 -13.19
N VAL A 637 -8.73 -70.26 -14.25
CA VAL A 637 -7.39 -70.35 -14.83
C VAL A 637 -6.67 -69.04 -14.55
N THR A 638 -5.45 -69.16 -14.01
CA THR A 638 -4.67 -67.97 -13.72
C THR A 638 -4.37 -67.19 -14.99
N THR A 639 -4.37 -65.86 -14.87
CA THR A 639 -4.27 -64.97 -16.00
C THR A 639 -2.97 -64.19 -15.93
N VAL A 640 -2.27 -64.11 -17.07
CA VAL A 640 -1.14 -63.22 -17.23
C VAL A 640 -1.58 -62.06 -18.11
N SER A 641 -1.15 -60.86 -17.74
CA SER A 641 -1.60 -59.63 -18.37
C SER A 641 -0.61 -59.18 -19.43
N THR A 642 -1.12 -58.87 -20.62
CA THR A 642 -0.31 -58.28 -21.68
C THR A 642 -0.37 -56.76 -21.67
N PHE A 643 -1.03 -56.16 -20.68
CA PHE A 643 -1.27 -54.73 -20.62
C PHE A 643 -0.16 -54.06 -19.83
N ILE A 644 0.30 -52.91 -20.33
CA ILE A 644 1.23 -52.06 -19.59
C ILE A 644 0.42 -51.02 -18.84
N ASP A 645 0.51 -51.02 -17.52
CA ASP A 645 -0.30 -50.13 -16.71
C ASP A 645 0.23 -48.71 -16.76
N LEU A 646 -0.68 -47.75 -16.86
CA LEU A 646 -0.35 -46.33 -16.81
C LEU A 646 -1.36 -45.66 -15.90
N ASN A 647 -0.94 -45.35 -14.67
CA ASN A 647 -1.83 -44.79 -13.66
C ASN A 647 -1.70 -43.27 -13.67
N ILE A 648 -2.59 -42.61 -14.40
CA ILE A 648 -2.59 -41.16 -14.51
C ILE A 648 -3.70 -40.62 -13.62
N THR A 649 -3.34 -39.70 -12.72
CA THR A 649 -4.27 -39.08 -11.80
C THR A 649 -4.40 -37.59 -12.13
N MET A 650 -5.53 -37.02 -11.77
CA MET A 650 -5.82 -35.62 -12.08
C MET A 650 -5.37 -34.72 -10.94
N LEU A 651 -5.14 -33.45 -11.27
CA LEU A 651 -4.92 -32.43 -10.25
C LEU A 651 -6.20 -32.20 -9.44
N GLU A 652 -6.04 -32.18 -8.13
CA GLU A 652 -7.15 -31.85 -7.25
C GLU A 652 -7.41 -30.35 -7.33
N ASP A 653 -8.68 -29.96 -7.22
CA ASP A 653 -9.03 -28.55 -7.21
C ASP A 653 -8.41 -27.88 -5.99
N HIS A 654 -8.02 -26.62 -6.14
CA HIS A 654 -7.37 -25.86 -5.09
C HIS A 654 -8.08 -24.52 -4.92
N GLU A 655 -8.21 -24.08 -3.68
CA GLU A 655 -8.82 -22.80 -3.35
C GLU A 655 -7.79 -21.86 -2.74
N PHE A 656 -7.66 -20.66 -3.32
CA PHE A 656 -6.75 -19.65 -2.83
C PHE A 656 -7.53 -18.65 -2.00
N VAL A 657 -7.19 -18.54 -0.72
CA VAL A 657 -7.85 -17.61 0.18
C VAL A 657 -7.15 -16.26 0.10
N PRO A 658 -7.84 -15.15 0.40
CA PRO A 658 -7.19 -13.85 0.42
C PRO A 658 -6.16 -13.77 1.54
N LEU A 659 -4.90 -13.56 1.18
CA LEU A 659 -3.82 -13.49 2.15
C LEU A 659 -2.97 -12.26 1.85
N GLU A 660 -2.69 -11.49 2.90
CA GLU A 660 -1.83 -10.31 2.77
C GLU A 660 -1.07 -10.12 4.08
N VAL A 661 0.19 -9.72 3.97
CA VAL A 661 1.03 -9.54 5.15
C VAL A 661 0.47 -8.45 6.05
N TYR A 662 0.19 -7.28 5.47
CA TYR A 662 -0.39 -6.15 6.20
C TYR A 662 -1.59 -5.64 5.43
N THR A 663 -2.65 -5.29 6.15
CA THR A 663 -3.84 -4.73 5.54
C THR A 663 -3.69 -3.22 5.37
N ARG A 664 -4.72 -2.59 4.79
CA ARG A 664 -4.74 -1.14 4.70
C ARG A 664 -4.77 -0.54 6.10
N HIS A 665 -5.59 -1.10 7.00
CA HIS A 665 -5.75 -0.53 8.33
C HIS A 665 -4.46 -0.63 9.13
N GLU A 666 -3.74 -1.75 9.02
CA GLU A 666 -2.48 -1.89 9.74
C GLU A 666 -1.47 -0.88 9.25
N ILE A 667 -1.38 -0.68 7.93
CA ILE A 667 -0.43 0.27 7.39
C ILE A 667 -0.78 1.69 7.81
N LYS A 668 -2.08 2.03 7.79
CA LYS A 668 -2.50 3.36 8.22
C LYS A 668 -2.23 3.58 9.70
N ASP A 669 -2.46 2.56 10.53
CA ASP A 669 -2.22 2.68 11.96
C ASP A 669 -0.74 2.60 12.33
N SER A 670 0.11 2.18 11.40
CA SER A 670 1.55 2.15 11.68
C SER A 670 2.09 3.54 11.97
N GLY A 671 1.45 4.56 11.42
CA GLY A 671 1.85 5.95 11.67
C GLY A 671 1.69 6.35 13.13
N LEU A 672 2.67 7.10 13.64
CA LEU A 672 2.65 7.48 15.05
C LEU A 672 1.57 8.50 15.34
N LEU A 673 1.45 9.52 14.49
CA LEU A 673 0.45 10.56 14.62
C LEU A 673 -0.35 10.66 13.33
N ASP A 674 -1.66 10.82 13.47
CA ASP A 674 -2.53 11.01 12.32
C ASP A 674 -3.10 12.43 12.38
N TYR A 675 -2.88 13.19 11.32
CA TYR A 675 -3.29 14.59 11.31
C TYR A 675 -4.80 14.74 11.45
N THR A 676 -5.56 13.91 10.74
CA THR A 676 -7.01 14.05 10.75
C THR A 676 -7.58 13.82 12.14
N GLU A 677 -7.16 12.75 12.81
CA GLU A 677 -7.68 12.46 14.15
C GLU A 677 -7.24 13.51 15.14
N VAL A 678 -5.99 13.99 15.04
CA VAL A 678 -5.50 15.02 15.94
C VAL A 678 -6.34 16.29 15.79
N GLN A 679 -6.60 16.70 14.55
CA GLN A 679 -7.38 17.90 14.31
C GLN A 679 -8.82 17.70 14.76
N ARG A 680 -9.39 16.52 14.52
CA ARG A 680 -10.76 16.24 14.92
C ARG A 680 -10.91 16.33 16.43
N ARG A 681 -9.94 15.80 17.17
CA ARG A 681 -10.01 15.85 18.63
C ARG A 681 -9.72 17.25 19.15
N ASN A 682 -8.80 17.97 18.51
CA ASN A 682 -8.41 19.28 19.01
C ASN A 682 -9.46 20.34 18.74
N GLN A 683 -10.21 20.22 17.65
CA GLN A 683 -11.23 21.21 17.35
C GLN A 683 -12.55 20.96 18.06
N LEU A 684 -12.66 19.85 18.79
CA LEU A 684 -13.80 19.62 19.67
C LEU A 684 -13.57 20.17 21.07
N HIS A 685 -12.44 20.84 21.31
CA HIS A 685 -12.11 21.32 22.64
C HIS A 685 -13.12 22.33 23.14
N ASP A 686 -13.55 23.24 22.27
CA ASP A 686 -14.51 24.26 22.67
C ASP A 686 -15.92 23.69 22.84
N LEU A 687 -16.23 22.64 22.09
CA LEU A 687 -17.55 22.01 22.23
C LEU A 687 -17.62 21.14 23.47
N ARG A 688 -16.47 20.81 24.07
CA ARG A 688 -16.44 19.94 25.24
C ARG A 688 -16.21 20.74 26.52
N PHE A 689 -15.15 21.53 26.55
CA PHE A 689 -14.68 22.18 27.78
C PHE A 689 -15.09 23.64 27.87
N ALA A 690 -16.01 24.09 27.02
CA ALA A 690 -16.39 25.50 27.02
C ALA A 690 -17.84 25.62 26.56
N ASP A 691 -18.44 26.75 26.90
CA ASP A 691 -19.82 27.06 26.53
C ASP A 691 -19.78 28.07 25.39
N ILE A 692 -19.92 27.57 24.16
CA ILE A 692 -19.77 28.41 22.99
C ILE A 692 -20.96 29.37 22.86
N ASP A 693 -22.17 28.86 23.09
CA ASP A 693 -23.37 29.62 22.77
C ASP A 693 -23.67 30.74 23.78
N THR A 694 -23.35 30.53 25.05
CA THR A 694 -23.73 31.49 26.08
C THR A 694 -23.01 32.81 25.91
N VAL A 695 -23.75 33.90 26.07
CA VAL A 695 -23.21 35.26 26.06
C VAL A 695 -23.53 35.91 27.39
N ILE A 696 -22.50 36.36 28.09
CA ILE A 696 -22.65 37.05 29.37
C ILE A 696 -22.23 38.50 29.16
N ARG A 697 -23.13 39.42 29.49
CA ARG A 697 -22.92 40.84 29.25
C ARG A 697 -23.15 41.63 30.53
N ALA A 698 -22.47 42.76 30.65
CA ALA A 698 -22.60 43.60 31.85
C ALA A 698 -22.69 45.08 31.46
N ALA B 82 23.43 -63.74 -21.24
CA ALA B 82 24.63 -64.56 -21.01
C ALA B 82 24.33 -65.65 -19.98
N GLN B 83 23.23 -66.37 -20.20
CA GLN B 83 22.85 -67.49 -19.36
C GLN B 83 21.86 -68.34 -20.13
N PHE B 84 22.01 -69.66 -20.03
CA PHE B 84 21.20 -70.59 -20.80
C PHE B 84 20.04 -71.11 -19.97
N TYR B 85 19.03 -71.63 -20.66
CA TYR B 85 17.91 -72.29 -19.99
C TYR B 85 17.55 -73.55 -20.75
N VAL B 86 17.29 -74.63 -20.01
CA VAL B 86 16.78 -75.86 -20.59
C VAL B 86 15.33 -76.03 -20.14
N CYS B 87 14.45 -76.28 -21.09
CA CYS B 87 13.02 -76.25 -20.81
C CYS B 87 12.43 -77.65 -20.90
N PRO B 88 11.93 -78.23 -19.80
CA PRO B 88 11.24 -79.51 -19.90
C PRO B 88 9.95 -79.36 -20.68
N PRO B 89 9.49 -80.42 -21.34
CA PRO B 89 8.26 -80.31 -22.14
C PRO B 89 7.09 -79.85 -21.29
N PRO B 90 6.28 -78.93 -21.79
CA PRO B 90 5.17 -78.42 -21.00
C PRO B 90 4.10 -79.48 -20.76
N THR B 91 3.50 -79.40 -19.57
CA THR B 91 2.43 -80.30 -19.15
C THR B 91 1.19 -79.49 -18.80
N GLY B 92 0.06 -80.18 -18.75
CA GLY B 92 -1.21 -79.54 -18.47
C GLY B 92 -1.42 -79.13 -17.02
N ALA B 93 -0.43 -79.38 -16.15
CA ALA B 93 -0.59 -79.07 -14.74
C ALA B 93 -0.76 -77.57 -14.51
N THR B 94 0.06 -76.76 -15.20
CA THR B 94 0.03 -75.31 -15.04
C THR B 94 -0.45 -74.69 -16.35
N VAL B 95 -1.51 -73.88 -16.26
CA VAL B 95 -2.15 -73.29 -17.43
C VAL B 95 -2.38 -71.82 -17.16
N VAL B 96 -2.00 -70.96 -18.11
CA VAL B 96 -2.17 -69.53 -17.99
C VAL B 96 -2.87 -69.00 -19.24
N GLN B 97 -3.69 -67.96 -19.05
CA GLN B 97 -4.39 -67.31 -20.14
C GLN B 97 -4.09 -65.81 -20.14
N PHE B 98 -4.63 -65.11 -21.12
CA PHE B 98 -4.44 -63.67 -21.25
C PHE B 98 -5.60 -62.92 -20.62
N GLU B 99 -5.29 -61.78 -20.01
CA GLU B 99 -6.32 -60.93 -19.44
C GLU B 99 -7.17 -60.34 -20.56
N GLN B 100 -8.49 -60.39 -20.38
CA GLN B 100 -9.41 -59.86 -21.35
C GLN B 100 -9.39 -58.33 -21.31
N PRO B 101 -9.87 -57.66 -22.37
CA PRO B 101 -9.84 -56.20 -22.39
C PRO B 101 -10.57 -55.60 -21.21
N ARG B 102 -9.99 -54.53 -20.66
CA ARG B 102 -10.51 -53.90 -19.46
C ARG B 102 -11.37 -52.68 -19.82
N ARG B 103 -12.21 -52.29 -18.88
CA ARG B 103 -13.08 -51.12 -19.06
C ARG B 103 -12.42 -49.91 -18.42
N CYS B 104 -12.22 -48.86 -19.22
CA CYS B 104 -11.53 -47.69 -18.73
C CYS B 104 -12.39 -46.45 -18.91
N PRO B 105 -12.16 -45.39 -18.11
CA PRO B 105 -13.05 -44.23 -18.14
C PRO B 105 -12.99 -43.49 -19.46
N THR B 106 -13.99 -42.64 -19.67
CA THR B 106 -14.12 -41.81 -20.84
C THR B 106 -13.84 -40.36 -20.48
N ARG B 107 -14.08 -39.47 -21.43
CA ARG B 107 -13.92 -38.05 -21.18
C ARG B 107 -14.91 -37.60 -20.10
N PRO B 108 -14.49 -36.70 -19.21
CA PRO B 108 -15.44 -36.17 -18.22
C PRO B 108 -16.56 -35.40 -18.88
N GLU B 109 -17.66 -35.23 -18.14
CA GLU B 109 -18.85 -34.60 -18.69
C GLU B 109 -18.57 -33.17 -19.16
N GLY B 110 -17.62 -32.49 -18.52
CA GLY B 110 -17.29 -31.12 -18.89
C GLY B 110 -18.17 -30.12 -18.16
N GLN B 111 -17.53 -29.09 -17.60
CA GLN B 111 -18.27 -28.08 -16.84
C GLN B 111 -19.10 -27.22 -17.78
N ASN B 112 -20.33 -26.91 -17.37
CA ASN B 112 -21.22 -26.08 -18.17
C ASN B 112 -21.02 -24.62 -17.76
N TYR B 113 -20.61 -23.80 -18.72
CA TYR B 113 -20.33 -22.39 -18.45
C TYR B 113 -21.53 -21.56 -18.88
N THR B 114 -21.91 -20.60 -18.03
CA THR B 114 -23.00 -19.68 -18.30
C THR B 114 -22.40 -18.35 -18.74
N GLU B 115 -22.53 -18.03 -20.03
CA GLU B 115 -22.06 -16.75 -20.52
C GLU B 115 -22.92 -15.63 -19.98
N GLY B 116 -22.27 -14.53 -19.57
CA GLY B 116 -22.99 -13.43 -18.99
C GLY B 116 -22.14 -12.17 -18.98
N ILE B 117 -22.72 -11.11 -18.42
CA ILE B 117 -22.08 -9.81 -18.28
C ILE B 117 -21.98 -9.51 -16.80
N ALA B 118 -20.85 -8.95 -16.36
CA ALA B 118 -20.63 -8.74 -14.95
C ALA B 118 -20.21 -7.31 -14.65
N VAL B 119 -20.60 -6.83 -13.48
CA VAL B 119 -20.10 -5.58 -12.92
C VAL B 119 -19.60 -5.88 -11.51
N VAL B 120 -18.32 -5.61 -11.27
CA VAL B 120 -17.68 -5.94 -10.01
C VAL B 120 -17.49 -4.66 -9.21
N PHE B 121 -18.10 -4.62 -8.02
CA PHE B 121 -18.01 -3.51 -7.10
C PHE B 121 -17.09 -3.86 -5.94
N LYS B 122 -16.27 -2.89 -5.54
CA LYS B 122 -15.40 -2.98 -4.39
C LYS B 122 -15.87 -2.01 -3.31
N GLU B 123 -15.30 -2.15 -2.12
CA GLU B 123 -15.62 -1.24 -1.03
C GLU B 123 -15.19 0.17 -1.38
N ASN B 124 -16.01 1.15 -1.02
CA ASN B 124 -15.74 2.54 -1.31
C ASN B 124 -14.96 3.15 -0.16
N ILE B 125 -13.76 3.67 -0.46
CA ILE B 125 -12.92 4.30 0.54
C ILE B 125 -12.75 5.79 0.32
N ALA B 126 -13.12 6.31 -0.86
CA ALA B 126 -12.98 7.72 -1.13
C ALA B 126 -14.03 8.51 -0.34
N PRO B 127 -13.65 9.62 0.29
CA PRO B 127 -14.63 10.47 0.97
C PRO B 127 -15.61 11.10 -0.01
N TYR B 128 -16.83 11.32 0.48
CA TYR B 128 -17.80 12.11 -0.26
C TYR B 128 -17.35 13.56 -0.30
N LYS B 129 -17.25 14.11 -1.52
CA LYS B 129 -16.72 15.45 -1.72
C LYS B 129 -17.79 16.38 -2.27
N PHE B 130 -17.80 17.61 -1.76
CA PHE B 130 -18.71 18.62 -2.27
C PHE B 130 -18.03 19.98 -2.14
N LYS B 131 -18.73 21.01 -2.60
CA LYS B 131 -18.21 22.37 -2.59
C LYS B 131 -18.92 23.17 -1.52
N ALA B 132 -18.14 23.83 -0.67
CA ALA B 132 -18.66 24.72 0.36
C ALA B 132 -18.04 26.09 0.16
N THR B 133 -18.56 27.07 0.90
CA THR B 133 -18.03 28.42 0.88
C THR B 133 -17.88 28.90 2.31
N MET B 134 -16.70 29.40 2.65
CA MET B 134 -16.40 29.91 3.97
C MET B 134 -16.44 31.43 3.94
N TYR B 135 -17.26 32.00 4.83
CA TYR B 135 -17.42 33.43 5.02
C TYR B 135 -16.84 33.76 6.38
N TYR B 136 -15.85 34.62 6.45
CA TYR B 136 -15.34 35.02 7.74
C TYR B 136 -14.68 36.38 7.61
N LYS B 137 -14.09 36.84 8.72
CA LYS B 137 -13.45 38.14 8.79
C LYS B 137 -12.19 38.02 9.62
N ASP B 138 -11.05 38.31 9.02
CA ASP B 138 -9.81 38.45 9.75
C ASP B 138 -9.86 39.76 10.53
N VAL B 139 -9.94 39.67 11.84
CA VAL B 139 -9.91 40.83 12.72
C VAL B 139 -8.54 40.87 13.38
N THR B 140 -7.75 41.87 13.03
CA THR B 140 -6.39 42.01 13.53
C THR B 140 -6.28 43.34 14.26
N VAL B 141 -6.04 43.29 15.56
CA VAL B 141 -5.79 44.49 16.34
C VAL B 141 -4.34 44.46 16.82
N SER B 142 -3.59 45.48 16.45
CA SER B 142 -2.17 45.55 16.72
C SER B 142 -1.88 46.70 17.68
N GLN B 143 -1.10 46.41 18.72
CA GLN B 143 -0.65 47.39 19.67
C GLN B 143 0.80 47.75 19.35
N VAL B 144 1.03 49.03 19.04
CA VAL B 144 2.34 49.52 18.64
C VAL B 144 2.80 50.55 19.65
N TRP B 145 4.04 50.40 20.13
CA TRP B 145 4.67 51.39 20.99
C TRP B 145 5.68 52.16 20.16
N PHE B 146 5.59 53.49 20.20
CA PHE B 146 6.41 54.36 19.38
C PHE B 146 7.54 54.93 20.22
N GLY B 147 8.77 54.49 19.94
CA GLY B 147 9.94 54.96 20.65
C GLY B 147 10.44 56.27 20.10
N HIS B 148 11.63 56.66 20.55
CA HIS B 148 12.20 57.93 20.16
C HIS B 148 12.47 57.98 18.66
N ARG B 149 13.00 56.89 18.09
CA ARG B 149 13.24 56.82 16.67
C ARG B 149 12.67 55.58 15.99
N TYR B 150 11.94 54.72 16.73
CA TYR B 150 11.50 53.45 16.18
C TYR B 150 10.09 53.13 16.66
N SER B 151 9.44 52.23 15.92
CA SER B 151 8.14 51.71 16.26
C SER B 151 8.24 50.19 16.42
N GLN B 152 7.55 49.65 17.42
CA GLN B 152 7.63 48.23 17.71
C GLN B 152 6.25 47.67 18.02
N PHE B 153 5.95 46.52 17.45
CA PHE B 153 4.74 45.79 17.83
C PHE B 153 4.92 45.21 19.23
N MET B 154 3.98 45.51 20.11
CA MET B 154 3.95 44.90 21.44
C MET B 154 2.94 43.78 21.51
N GLY B 155 2.26 43.48 20.41
CA GLY B 155 1.21 42.49 20.41
C GLY B 155 0.35 42.61 19.16
N ILE B 156 -0.05 41.49 18.58
CA ILE B 156 -0.92 41.47 17.41
C ILE B 156 -1.96 40.39 17.67
N PHE B 157 -3.15 40.80 18.09
CA PHE B 157 -4.24 39.87 18.30
C PHE B 157 -4.93 39.63 16.97
N GLU B 158 -4.83 38.41 16.46
CA GLU B 158 -5.44 38.02 15.20
C GLU B 158 -6.53 37.00 15.50
N ASP B 159 -7.73 37.26 14.98
CA ASP B 159 -8.88 36.41 15.22
C ASP B 159 -9.65 36.24 13.93
N ARG B 160 -10.44 35.17 13.86
CA ARG B 160 -11.33 34.92 12.74
C ARG B 160 -12.76 34.98 13.25
N ALA B 161 -13.49 35.97 12.82
CA ALA B 161 -14.88 36.09 13.21
C ALA B 161 -15.77 35.54 12.11
N PRO B 162 -16.93 34.98 12.46
CA PRO B 162 -17.89 34.58 11.43
C PRO B 162 -18.67 35.76 10.90
N VAL B 163 -19.10 35.64 9.65
CA VAL B 163 -20.03 36.59 9.05
C VAL B 163 -21.44 36.10 9.32
N PRO B 164 -22.30 36.91 9.95
CA PRO B 164 -23.64 36.42 10.31
C PRO B 164 -24.47 36.06 9.10
N PHE B 165 -25.59 35.37 9.36
CA PHE B 165 -26.51 35.01 8.29
C PHE B 165 -27.08 36.27 7.63
N GLU B 166 -27.46 37.26 8.44
CA GLU B 166 -28.08 38.46 7.91
C GLU B 166 -27.09 39.32 7.14
N GLU B 167 -25.80 39.01 7.21
CA GLU B 167 -24.81 39.69 6.38
C GLU B 167 -24.42 38.88 5.16
N VAL B 168 -24.43 37.55 5.26
CA VAL B 168 -24.12 36.70 4.11
C VAL B 168 -25.19 36.86 3.03
N ILE B 169 -26.45 36.91 3.42
CA ILE B 169 -27.54 36.99 2.47
C ILE B 169 -27.82 38.43 2.05
N ASP B 170 -27.92 39.34 3.00
CA ASP B 170 -28.34 40.71 2.69
C ASP B 170 -27.21 41.51 2.06
N LYS B 171 -25.96 41.27 2.45
CA LYS B 171 -24.84 42.05 1.96
C LYS B 171 -24.04 41.30 0.89
N ILE B 172 -23.50 40.14 1.23
CA ILE B 172 -22.57 39.46 0.34
C ILE B 172 -23.29 38.86 -0.86
N ASN B 173 -24.38 38.14 -0.62
CA ASN B 173 -25.08 37.48 -1.71
C ASN B 173 -25.93 38.47 -2.51
N ALA B 174 -26.48 39.48 -1.85
CA ALA B 174 -27.37 40.42 -2.51
C ALA B 174 -26.61 41.53 -3.24
N LYS B 175 -25.80 42.30 -2.50
CA LYS B 175 -25.12 43.45 -3.04
C LYS B 175 -23.67 43.17 -3.43
N GLY B 176 -23.12 42.04 -3.04
CA GLY B 176 -21.74 41.74 -3.33
C GLY B 176 -20.73 42.44 -2.44
N VAL B 177 -21.21 43.15 -1.41
CA VAL B 177 -20.36 43.92 -0.52
C VAL B 177 -20.36 43.26 0.85
N CYS B 178 -19.44 43.69 1.70
CA CYS B 178 -19.33 43.20 3.06
C CYS B 178 -19.19 44.39 3.99
N ARG B 179 -19.74 44.25 5.19
CA ARG B 179 -19.64 45.32 6.18
C ARG B 179 -18.20 45.50 6.64
N SER B 180 -17.87 46.72 7.04
CA SER B 180 -16.55 47.05 7.55
C SER B 180 -16.45 46.86 9.07
N THR B 181 -17.50 46.36 9.70
CA THR B 181 -17.49 46.09 11.13
C THR B 181 -17.77 44.61 11.36
N ALA B 182 -17.01 44.01 12.26
CA ALA B 182 -17.17 42.61 12.64
C ALA B 182 -17.75 42.56 14.05
N LYS B 183 -19.03 42.21 14.16
CA LYS B 183 -19.70 42.05 15.44
C LYS B 183 -19.99 40.57 15.63
N TYR B 184 -19.41 39.98 16.68
CA TYR B 184 -19.51 38.55 16.88
C TYR B 184 -19.39 38.23 18.36
N VAL B 185 -19.50 36.95 18.69
CA VAL B 185 -19.38 36.48 20.06
C VAL B 185 -18.08 35.73 20.22
N ARG B 186 -17.24 36.19 21.12
CA ARG B 186 -15.97 35.51 21.41
C ARG B 186 -15.80 35.47 22.92
N ASN B 187 -15.39 34.29 23.42
CA ASN B 187 -15.16 34.08 24.85
C ASN B 187 -16.35 34.55 25.68
N ASN B 188 -17.55 34.19 25.22
CA ASN B 188 -18.80 34.53 25.90
C ASN B 188 -18.95 36.04 26.04
N MET B 189 -18.58 36.79 25.00
CA MET B 189 -18.70 38.24 25.06
C MET B 189 -18.99 38.79 23.67
N GLU B 190 -19.91 39.76 23.60
CA GLU B 190 -20.18 40.49 22.37
C GLU B 190 -19.01 41.42 22.08
N THR B 191 -18.23 41.09 21.05
CA THR B 191 -17.11 41.91 20.64
C THR B 191 -17.35 42.49 19.24
N THR B 192 -17.04 43.77 19.09
CA THR B 192 -17.17 44.47 17.82
C THR B 192 -15.84 45.08 17.44
N ALA B 193 -15.50 44.97 16.15
CA ALA B 193 -14.30 45.57 15.61
C ALA B 193 -14.68 46.47 14.44
N PHE B 194 -14.11 47.66 14.39
CA PHE B 194 -14.32 48.60 13.30
C PHE B 194 -13.04 48.70 12.49
N HIS B 195 -13.16 48.51 11.18
CA HIS B 195 -12.01 48.64 10.30
C HIS B 195 -11.49 50.07 10.32
N ARG B 196 -10.18 50.21 10.47
CA ARG B 196 -9.50 51.51 10.55
C ARG B 196 -10.04 52.38 11.68
N ASP B 197 -10.75 51.77 12.64
CA ASP B 197 -11.40 52.49 13.73
C ASP B 197 -12.34 53.57 13.21
N ASP B 198 -12.96 53.33 12.06
CA ASP B 198 -13.80 54.29 11.38
C ASP B 198 -15.26 53.87 11.48
N HIS B 199 -16.12 54.61 10.79
CA HIS B 199 -17.55 54.31 10.76
C HIS B 199 -17.80 53.06 9.93
N GLU B 200 -18.99 52.49 10.09
CA GLU B 200 -19.37 51.33 9.31
C GLU B 200 -19.52 51.70 7.84
N THR B 201 -19.04 50.81 6.97
CA THR B 201 -19.07 51.06 5.54
C THR B 201 -19.18 49.72 4.83
N ASP B 202 -19.78 49.74 3.64
CA ASP B 202 -19.85 48.58 2.78
C ASP B 202 -18.66 48.60 1.82
N MET B 203 -17.86 47.53 1.84
CA MET B 203 -16.69 47.42 0.99
C MET B 203 -16.90 46.29 -0.01
N GLU B 204 -16.54 46.56 -1.26
CA GLU B 204 -16.69 45.59 -2.33
C GLU B 204 -15.77 44.40 -2.11
N LEU B 205 -16.27 43.21 -2.43
CA LEU B 205 -15.50 41.98 -2.33
C LEU B 205 -14.82 41.74 -3.68
N LYS B 206 -13.54 42.01 -3.74
CA LYS B 206 -12.78 41.88 -4.97
C LYS B 206 -11.94 40.60 -4.97
N PRO B 207 -11.64 40.05 -6.14
CA PRO B 207 -10.89 38.80 -6.18
C PRO B 207 -9.51 38.92 -5.55
N ALA B 208 -9.08 37.85 -4.89
CA ALA B 208 -7.77 37.81 -4.28
C ALA B 208 -6.70 37.58 -5.33
N LYS B 209 -5.44 37.78 -4.93
CA LYS B 209 -4.32 37.57 -5.82
C LYS B 209 -4.25 36.09 -6.22
N VAL B 210 -3.88 35.86 -7.48
CA VAL B 210 -3.90 34.50 -8.03
C VAL B 210 -2.72 33.71 -7.48
N ALA B 211 -3.01 32.53 -6.94
CA ALA B 211 -2.01 31.58 -6.49
C ALA B 211 -2.26 30.25 -7.18
N THR B 212 -1.17 29.57 -7.52
CA THR B 212 -1.28 28.33 -8.29
C THR B 212 -1.96 27.23 -7.49
N ARG B 213 -2.83 26.49 -8.17
CA ARG B 213 -3.53 25.33 -7.59
C ARG B 213 -4.31 25.71 -6.34
N THR B 214 -5.00 26.86 -6.38
CA THR B 214 -5.83 27.30 -5.28
C THR B 214 -7.20 27.71 -5.80
N SER B 215 -8.20 27.53 -4.93
CA SER B 215 -9.58 27.85 -5.27
C SER B 215 -9.80 29.36 -5.27
N ARG B 216 -10.99 29.76 -5.71
CA ARG B 216 -11.31 31.18 -5.78
C ARG B 216 -11.45 31.76 -4.39
N GLY B 217 -11.19 33.06 -4.27
CA GLY B 217 -11.31 33.76 -3.02
C GLY B 217 -11.48 35.24 -3.25
N TRP B 218 -12.18 35.89 -2.33
CA TRP B 218 -12.47 37.31 -2.39
C TRP B 218 -12.20 37.94 -1.04
N HIS B 219 -11.79 39.21 -1.05
CA HIS B 219 -11.52 39.95 0.16
C HIS B 219 -11.80 41.43 -0.08
N THR B 220 -11.97 42.17 1.00
CA THR B 220 -12.28 43.58 0.95
C THR B 220 -11.06 44.47 1.14
N THR B 221 -10.22 44.13 2.12
CA THR B 221 -9.07 44.94 2.46
C THR B 221 -7.78 44.21 2.11
N ASP B 222 -6.75 44.98 1.73
CA ASP B 222 -5.46 44.41 1.39
C ASP B 222 -4.34 44.84 2.32
N LEU B 223 -4.43 46.01 2.95
CA LEU B 223 -3.40 46.52 3.83
C LEU B 223 -3.88 46.51 5.26
N LYS B 224 -3.01 46.07 6.17
CA LYS B 224 -3.28 46.16 7.59
C LYS B 224 -3.22 47.61 8.05
N TYR B 225 -4.10 47.97 8.98
CA TYR B 225 -4.11 49.30 9.55
C TYR B 225 -3.32 49.30 10.85
N ASN B 226 -2.36 50.21 10.95
CA ASN B 226 -1.54 50.37 12.14
C ASN B 226 -1.66 51.81 12.63
N PRO B 227 -1.59 52.03 13.94
CA PRO B 227 -1.87 53.36 14.48
C PRO B 227 -0.85 54.39 14.02
N SER B 228 -1.33 55.62 13.83
CA SER B 228 -0.45 56.72 13.49
C SER B 228 0.48 57.02 14.67
N ARG B 229 1.71 57.42 14.35
CA ARG B 229 2.74 57.55 15.36
C ARG B 229 2.43 58.71 16.30
N VAL B 230 2.34 58.40 17.59
CA VAL B 230 2.31 59.39 18.65
C VAL B 230 3.43 59.04 19.62
N GLU B 231 4.32 60.01 19.87
CA GLU B 231 5.57 59.73 20.55
C GLU B 231 5.34 59.16 21.95
N ALA B 232 6.02 58.06 22.25
CA ALA B 232 6.06 57.45 23.57
C ALA B 232 4.65 57.12 24.09
N PHE B 233 3.88 56.40 23.27
CA PHE B 233 2.54 55.98 23.65
C PHE B 233 2.21 54.66 22.99
N HIS B 234 1.63 53.75 23.76
CA HIS B 234 1.06 52.53 23.20
C HIS B 234 -0.26 52.86 22.52
N ARG B 235 -0.40 52.46 21.25
CA ARG B 235 -1.58 52.75 20.47
C ARG B 235 -2.10 51.49 19.81
N TYR B 236 -3.42 51.43 19.62
CA TYR B 236 -4.09 50.24 19.11
C TYR B 236 -4.72 50.55 17.76
N GLY B 237 -4.57 49.61 16.82
CA GLY B 237 -5.16 49.75 15.50
C GLY B 237 -5.87 48.49 15.03
N THR B 238 -7.07 48.66 14.47
CA THR B 238 -7.92 47.55 14.09
C THR B 238 -8.04 47.43 12.58
N THR B 239 -8.03 46.19 12.10
CA THR B 239 -8.17 45.89 10.69
C THR B 239 -9.18 44.76 10.55
N VAL B 240 -10.23 44.98 9.77
CA VAL B 240 -11.25 43.99 9.52
C VAL B 240 -11.23 43.66 8.03
N ASN B 241 -10.93 42.41 7.70
CA ASN B 241 -10.82 41.97 6.32
C ASN B 241 -11.82 40.85 6.09
N CYS B 242 -12.87 41.13 5.31
CA CYS B 242 -13.93 40.16 5.06
C CYS B 242 -13.51 39.24 3.93
N ILE B 243 -13.38 37.95 4.23
CA ILE B 243 -12.82 36.97 3.32
C ILE B 243 -13.86 35.91 3.00
N VAL B 244 -14.03 35.63 1.71
CA VAL B 244 -14.93 34.61 1.20
C VAL B 244 -14.10 33.63 0.39
N GLU B 245 -14.19 32.35 0.70
CA GLU B 245 -13.37 31.34 0.04
C GLU B 245 -14.22 30.15 -0.37
N GLU B 246 -14.19 29.82 -1.66
CA GLU B 246 -14.74 28.55 -2.11
C GLU B 246 -13.76 27.44 -1.74
N VAL B 247 -14.26 26.40 -1.08
CA VAL B 247 -13.43 25.32 -0.57
C VAL B 247 -14.07 23.99 -0.93
N ASP B 248 -13.24 22.95 -0.94
CA ASP B 248 -13.70 21.58 -1.09
C ASP B 248 -13.87 20.95 0.27
N ALA B 249 -15.06 20.42 0.53
CA ALA B 249 -15.38 19.77 1.79
C ALA B 249 -15.47 18.27 1.56
N ARG B 250 -14.91 17.50 2.49
CA ARG B 250 -14.86 16.05 2.41
C ARG B 250 -15.45 15.43 3.66
N SER B 251 -16.18 14.34 3.50
CA SER B 251 -16.78 13.62 4.61
C SER B 251 -16.59 12.12 4.42
N VAL B 252 -16.59 11.38 5.53
CA VAL B 252 -16.43 9.93 5.51
C VAL B 252 -17.59 9.30 6.24
N TYR B 253 -17.74 7.99 6.03
CA TYR B 253 -18.83 7.25 6.66
C TYR B 253 -18.70 7.33 8.17
N PRO B 254 -19.80 7.51 8.92
CA PRO B 254 -21.20 7.51 8.45
C PRO B 254 -21.75 8.88 8.06
N TYR B 255 -20.88 9.79 7.62
CA TYR B 255 -21.29 11.10 7.14
C TYR B 255 -22.02 11.89 8.22
N ASP B 256 -21.38 12.02 9.37
CA ASP B 256 -21.91 12.82 10.47
C ASP B 256 -21.08 14.06 10.73
N GLU B 257 -20.04 14.30 9.93
CA GLU B 257 -19.19 15.49 10.05
C GLU B 257 -18.34 15.58 8.81
N PHE B 258 -17.98 16.81 8.43
CA PHE B 258 -17.16 17.03 7.25
C PHE B 258 -16.07 18.05 7.56
N VAL B 259 -15.01 17.99 6.77
CA VAL B 259 -13.87 18.88 6.89
C VAL B 259 -13.82 19.77 5.66
N LEU B 260 -13.18 20.92 5.82
CA LEU B 260 -12.95 21.85 4.73
C LEU B 260 -11.48 21.76 4.29
N ALA B 261 -11.19 22.38 3.14
CA ALA B 261 -9.85 22.35 2.60
C ALA B 261 -8.85 23.12 3.48
N THR B 262 -9.35 23.90 4.43
CA THR B 262 -8.50 24.68 5.33
C THR B 262 -8.15 23.93 6.61
N GLY B 263 -8.53 22.66 6.70
CA GLY B 263 -8.27 21.88 7.90
C GLY B 263 -9.30 22.05 8.99
N ASP B 264 -10.36 22.83 8.76
CA ASP B 264 -11.38 23.08 9.74
C ASP B 264 -12.40 21.94 9.75
N PHE B 265 -12.77 21.50 10.95
CA PHE B 265 -13.80 20.50 11.12
C PHE B 265 -15.15 21.16 11.37
N VAL B 266 -16.17 20.63 10.69
CA VAL B 266 -17.55 21.02 10.90
C VAL B 266 -18.30 19.80 11.42
N TYR B 267 -18.82 19.91 12.64
CA TYR B 267 -19.41 18.77 13.33
C TYR B 267 -20.91 18.70 13.08
N MET B 268 -21.24 18.63 11.80
CA MET B 268 -22.61 18.51 11.34
C MET B 268 -22.60 17.66 10.08
N SER B 269 -23.60 16.81 9.95
CA SER B 269 -23.69 15.96 8.78
C SER B 269 -23.89 16.83 7.55
N PRO B 270 -23.23 16.51 6.42
CA PRO B 270 -23.39 17.34 5.22
C PRO B 270 -24.81 17.33 4.69
N PHE B 271 -25.64 16.38 5.12
CA PHE B 271 -27.00 16.23 4.65
C PHE B 271 -28.01 16.65 5.71
N TYR B 272 -27.56 17.37 6.73
CA TYR B 272 -28.48 17.92 7.71
C TYR B 272 -29.30 19.04 7.09
N GLY B 273 -30.60 18.99 7.30
CA GLY B 273 -31.51 19.97 6.73
C GLY B 273 -32.85 19.93 7.41
N TYR B 274 -33.89 20.24 6.65
CA TYR B 274 -35.25 20.34 7.18
C TYR B 274 -36.24 19.42 6.47
N ARG B 275 -35.83 18.74 5.39
CA ARG B 275 -36.76 18.03 4.53
C ARG B 275 -36.56 16.52 4.60
N GLU B 276 -37.68 15.78 4.62
CA GLU B 276 -37.72 14.31 4.67
C GLU B 276 -36.63 13.72 5.58
N GLY B 277 -36.72 14.08 6.85
CA GLY B 277 -35.90 13.43 7.86
C GLY B 277 -34.44 13.84 7.84
N SER B 278 -34.09 14.90 7.14
CA SER B 278 -32.73 15.43 7.19
C SER B 278 -32.41 16.05 8.55
N HIS B 279 -33.43 16.28 9.38
CA HIS B 279 -33.21 16.75 10.74
C HIS B 279 -32.85 15.63 11.70
N THR B 280 -32.91 14.37 11.26
CA THR B 280 -32.42 13.25 12.05
C THR B 280 -30.92 13.05 11.93
N GLU B 281 -30.27 13.74 10.98
CA GLU B 281 -28.84 13.63 10.82
C GLU B 281 -28.12 14.26 12.02
N HIS B 282 -26.86 13.90 12.18
CA HIS B 282 -26.08 14.38 13.31
C HIS B 282 -25.82 15.87 13.22
N THR B 283 -26.02 16.56 14.35
CA THR B 283 -25.64 17.96 14.49
C THR B 283 -25.10 18.18 15.89
N SER B 284 -23.95 18.84 15.98
CA SER B 284 -23.32 19.11 17.26
C SER B 284 -23.42 20.58 17.68
N TYR B 285 -24.17 21.39 16.94
CA TYR B 285 -24.30 22.81 17.22
C TYR B 285 -25.72 23.14 17.66
N ALA B 286 -25.86 24.33 18.24
CA ALA B 286 -27.17 24.81 18.67
C ALA B 286 -28.07 25.02 17.46
N ALA B 287 -29.37 24.97 17.70
CA ALA B 287 -30.33 25.14 16.61
C ALA B 287 -30.27 26.53 16.00
N ASP B 288 -29.76 27.52 16.74
CA ASP B 288 -29.69 28.88 16.25
C ASP B 288 -28.47 29.14 15.38
N ARG B 289 -27.52 28.20 15.32
CA ARG B 289 -26.34 28.35 14.49
C ARG B 289 -26.54 27.81 13.08
N PHE B 290 -27.65 27.16 12.79
CA PHE B 290 -27.91 26.56 11.50
C PHE B 290 -29.14 27.18 10.88
N LYS B 291 -29.10 27.41 9.57
CA LYS B 291 -30.21 28.00 8.84
C LYS B 291 -30.22 27.43 7.43
N GLN B 292 -31.31 26.78 7.06
CA GLN B 292 -31.47 26.26 5.71
C GLN B 292 -32.41 27.18 4.95
N VAL B 293 -31.88 27.86 3.94
CA VAL B 293 -32.64 28.83 3.17
C VAL B 293 -33.04 28.18 1.86
N ASP B 294 -34.33 28.22 1.53
CA ASP B 294 -34.81 27.75 0.25
C ASP B 294 -35.13 28.93 -0.64
N GLY B 295 -35.05 28.72 -1.95
CA GLY B 295 -35.17 29.81 -2.89
C GLY B 295 -33.96 30.73 -2.82
N PHE B 296 -32.76 30.13 -2.83
CA PHE B 296 -31.52 30.86 -2.76
C PHE B 296 -30.99 31.05 -4.18
N TYR B 297 -30.72 32.31 -4.55
CA TYR B 297 -30.20 32.65 -5.86
C TYR B 297 -28.75 33.09 -5.69
N ALA B 298 -27.83 32.16 -5.93
CA ALA B 298 -26.42 32.41 -5.68
C ALA B 298 -25.86 33.42 -6.68
N ARG B 299 -25.04 34.34 -6.18
CA ARG B 299 -24.42 35.38 -6.99
C ARG B 299 -22.94 35.05 -7.11
N ASP B 300 -22.47 34.89 -8.36
CA ASP B 300 -21.05 34.78 -8.59
C ASP B 300 -20.36 36.10 -8.29
N LEU B 301 -19.31 36.07 -7.48
CA LEU B 301 -18.69 37.31 -7.02
C LEU B 301 -17.69 37.88 -8.01
N THR B 302 -17.27 37.11 -9.02
CA THR B 302 -16.41 37.63 -10.08
C THR B 302 -17.23 38.13 -11.27
N THR B 303 -18.02 37.24 -11.87
CA THR B 303 -18.82 37.61 -13.05
C THR B 303 -20.03 38.45 -12.68
N LYS B 304 -20.41 38.49 -11.40
CA LYS B 304 -21.54 39.27 -10.92
C LYS B 304 -22.84 38.88 -11.64
N ALA B 305 -22.99 37.58 -11.90
CA ALA B 305 -24.18 37.04 -12.54
C ALA B 305 -24.89 36.11 -11.56
N ARG B 306 -26.13 36.44 -11.22
CA ARG B 306 -26.88 35.67 -10.25
C ARG B 306 -27.50 34.44 -10.92
N ALA B 307 -27.41 33.30 -10.24
CA ALA B 307 -28.01 32.07 -10.75
C ALA B 307 -29.52 32.16 -10.74
N THR B 308 -30.13 31.66 -11.81
CA THR B 308 -31.58 31.76 -11.98
C THR B 308 -32.33 30.66 -11.25
N SER B 309 -31.73 29.47 -11.15
CA SER B 309 -32.37 28.34 -10.50
C SER B 309 -32.21 28.45 -8.99
N PRO B 310 -33.28 28.38 -8.20
CA PRO B 310 -33.14 28.39 -6.75
C PRO B 310 -32.47 27.12 -6.25
N THR B 311 -31.77 27.25 -5.12
CA THR B 311 -31.12 26.11 -4.49
C THR B 311 -31.40 26.13 -3.00
N THR B 312 -31.28 24.95 -2.38
CA THR B 312 -31.40 24.82 -0.95
C THR B 312 -30.01 25.00 -0.33
N ARG B 313 -29.85 26.06 0.44
CA ARG B 313 -28.55 26.48 0.95
C ARG B 313 -28.52 26.32 2.46
N ASN B 314 -27.69 25.39 2.94
CA ASN B 314 -27.41 25.29 4.37
C ASN B 314 -26.34 26.31 4.74
N LEU B 315 -26.55 26.98 5.86
CA LEU B 315 -25.58 27.89 6.42
C LEU B 315 -25.38 27.55 7.89
N LEU B 316 -24.13 27.41 8.30
CA LEU B 316 -23.78 27.12 9.68
C LEU B 316 -22.74 28.12 10.14
N THR B 317 -23.03 28.82 11.24
CA THR B 317 -22.13 29.81 11.81
C THR B 317 -21.37 29.16 12.96
N THR B 318 -20.20 28.63 12.64
CA THR B 318 -19.29 28.13 13.64
C THR B 318 -18.63 29.31 14.35
N PRO B 319 -18.02 29.09 15.52
CA PRO B 319 -17.37 30.20 16.23
C PRO B 319 -16.28 30.90 15.43
N LYS B 320 -15.67 30.23 14.45
CA LYS B 320 -14.56 30.78 13.71
C LYS B 320 -14.93 31.24 12.31
N PHE B 321 -15.97 30.68 11.70
CA PHE B 321 -16.33 31.00 10.32
C PHE B 321 -17.79 30.67 10.10
N THR B 322 -18.27 30.91 8.88
CA THR B 322 -19.61 30.55 8.45
C THR B 322 -19.51 29.73 7.18
N VAL B 323 -19.91 28.48 7.23
CA VAL B 323 -19.91 27.63 6.05
C VAL B 323 -21.29 27.67 5.41
N ALA B 324 -21.31 27.68 4.08
CA ALA B 324 -22.55 27.55 3.34
C ALA B 324 -22.35 26.54 2.22
N TRP B 325 -23.31 25.64 2.07
CA TRP B 325 -23.22 24.64 1.01
C TRP B 325 -24.62 24.25 0.55
N ASP B 326 -24.72 23.79 -0.69
CA ASP B 326 -25.99 23.38 -1.25
C ASP B 326 -26.42 22.05 -0.63
N TRP B 327 -27.67 21.99 -0.19
CA TRP B 327 -28.20 20.76 0.38
C TRP B 327 -28.56 19.78 -0.72
N VAL B 328 -28.13 18.52 -0.55
CA VAL B 328 -28.54 17.45 -1.44
C VAL B 328 -28.96 16.24 -0.61
N PRO B 329 -29.96 15.50 -1.08
CA PRO B 329 -30.42 14.32 -0.33
C PRO B 329 -29.31 13.30 -0.17
N LYS B 330 -29.27 12.69 1.01
CA LYS B 330 -28.18 11.78 1.35
C LYS B 330 -28.28 10.48 0.57
N ARG B 331 -29.49 9.96 0.41
CA ARG B 331 -29.67 8.61 -0.12
C ARG B 331 -29.10 8.45 -1.53
N PRO B 332 -29.36 9.34 -2.50
CA PRO B 332 -28.75 9.17 -3.82
C PRO B 332 -27.40 9.84 -4.03
N ALA B 333 -26.75 10.30 -2.96
CA ALA B 333 -25.50 11.05 -3.07
C ALA B 333 -24.29 10.25 -2.63
N VAL B 334 -24.41 9.48 -1.54
CA VAL B 334 -23.32 8.70 -1.03
C VAL B 334 -23.60 7.22 -1.26
N CYS B 335 -22.56 6.40 -1.18
CA CYS B 335 -22.69 4.98 -1.39
C CYS B 335 -21.48 4.26 -0.81
N THR B 336 -21.72 3.10 -0.22
CA THR B 336 -20.66 2.32 0.41
C THR B 336 -19.92 1.41 -0.58
N MET B 337 -20.38 1.34 -1.81
CA MET B 337 -19.75 0.51 -2.84
C MET B 337 -19.48 1.36 -4.07
N THR B 338 -18.33 1.14 -4.68
CA THR B 338 -17.95 1.84 -5.90
C THR B 338 -17.67 0.83 -7.00
N LYS B 339 -18.11 1.14 -8.21
CA LYS B 339 -17.94 0.22 -9.33
C LYS B 339 -16.47 0.16 -9.71
N TRP B 340 -15.92 -1.05 -9.76
CA TRP B 340 -14.51 -1.26 -10.02
C TRP B 340 -14.23 -1.83 -11.40
N GLN B 341 -14.93 -2.88 -11.80
CA GLN B 341 -14.64 -3.52 -13.08
C GLN B 341 -15.93 -3.79 -13.85
N GLU B 342 -15.82 -3.75 -15.17
CA GLU B 342 -16.89 -4.16 -16.08
C GLU B 342 -16.37 -5.31 -16.93
N VAL B 343 -17.06 -6.45 -16.89
CA VAL B 343 -16.62 -7.67 -17.54
C VAL B 343 -17.63 -8.01 -18.64
N ASP B 344 -17.17 -7.94 -19.89
CA ASP B 344 -18.02 -8.31 -21.02
C ASP B 344 -18.38 -9.79 -20.98
N GLU B 345 -17.40 -10.64 -20.68
CA GLU B 345 -17.58 -12.09 -20.67
C GLU B 345 -17.10 -12.63 -19.32
N MET B 346 -18.03 -12.82 -18.39
CA MET B 346 -17.75 -13.50 -17.14
C MET B 346 -18.47 -14.85 -17.17
N LEU B 347 -17.71 -15.92 -17.36
CA LEU B 347 -18.30 -17.25 -17.37
C LEU B 347 -18.60 -17.70 -15.95
N ARG B 348 -19.86 -18.06 -15.70
CA ARG B 348 -20.28 -18.53 -14.40
C ARG B 348 -20.48 -20.04 -14.45
N ALA B 349 -19.83 -20.74 -13.52
CA ALA B 349 -19.91 -22.19 -13.44
C ALA B 349 -20.33 -22.60 -12.04
N GLU B 350 -21.07 -23.70 -11.95
CA GLU B 350 -21.50 -24.24 -10.66
C GLU B 350 -20.68 -25.48 -10.35
N TYR B 351 -20.03 -25.48 -9.19
CA TYR B 351 -19.17 -26.59 -8.81
C TYR B 351 -19.01 -26.66 -7.29
N GLY B 352 -19.17 -27.86 -6.74
CA GLY B 352 -18.98 -28.07 -5.32
C GLY B 352 -19.86 -27.19 -4.44
N GLY B 353 -21.08 -26.94 -4.89
CA GLY B 353 -21.96 -26.04 -4.17
C GLY B 353 -21.44 -24.61 -4.09
N SER B 354 -20.79 -24.15 -5.15
CA SER B 354 -20.31 -22.77 -5.21
C SER B 354 -20.35 -22.29 -6.65
N PHE B 355 -20.36 -20.97 -6.81
CA PHE B 355 -20.33 -20.34 -8.12
C PHE B 355 -18.93 -19.80 -8.37
N ARG B 356 -18.39 -20.11 -9.54
CA ARG B 356 -17.09 -19.61 -9.97
C ARG B 356 -17.31 -18.68 -11.16
N PHE B 357 -16.95 -17.41 -10.99
CA PHE B 357 -17.05 -16.41 -12.05
C PHE B 357 -15.64 -16.16 -12.57
N SER B 358 -15.38 -16.58 -13.81
CA SER B 358 -14.07 -16.46 -14.40
C SER B 358 -14.10 -15.44 -15.53
N SER B 359 -13.15 -14.53 -15.52
CA SER B 359 -12.97 -13.53 -16.56
C SER B 359 -11.59 -13.71 -17.17
N ASP B 360 -11.58 -14.00 -18.48
CA ASP B 360 -10.33 -14.17 -19.22
C ASP B 360 -9.64 -12.84 -19.47
N ALA B 361 -10.41 -11.75 -19.63
CA ALA B 361 -9.84 -10.46 -19.96
C ALA B 361 -8.96 -9.94 -18.83
N ILE B 362 -9.50 -9.93 -17.60
CA ILE B 362 -8.74 -9.50 -16.44
C ILE B 362 -8.06 -10.66 -15.73
N SER B 363 -8.29 -11.90 -16.19
CA SER B 363 -7.66 -13.09 -15.63
C SER B 363 -7.98 -13.21 -14.14
N THR B 364 -9.27 -13.33 -13.83
CA THR B 364 -9.70 -13.29 -12.44
C THR B 364 -10.85 -14.25 -12.23
N THR B 365 -10.76 -15.07 -11.17
CA THR B 365 -11.81 -16.01 -10.82
C THR B 365 -12.29 -15.70 -9.40
N PHE B 366 -13.60 -15.50 -9.26
CA PHE B 366 -14.23 -15.26 -7.97
C PHE B 366 -15.06 -16.47 -7.56
N THR B 367 -15.07 -16.75 -6.26
CA THR B 367 -15.85 -17.85 -5.69
C THR B 367 -16.93 -17.27 -4.77
N THR B 368 -18.18 -17.64 -5.04
CA THR B 368 -19.33 -17.14 -4.28
C THR B 368 -20.17 -18.31 -3.84
N ASN B 369 -20.99 -18.08 -2.81
CA ASN B 369 -22.00 -19.05 -2.43
C ASN B 369 -23.12 -19.07 -3.48
N LEU B 370 -23.83 -20.18 -3.55
CA LEU B 370 -24.91 -20.31 -4.53
C LEU B 370 -26.04 -19.35 -4.23
N THR B 371 -26.24 -19.00 -2.96
CA THR B 371 -27.33 -18.11 -2.58
C THR B 371 -27.07 -16.69 -3.06
N GLN B 372 -28.11 -16.08 -3.61
CA GLN B 372 -28.03 -14.70 -4.06
C GLN B 372 -27.88 -13.75 -2.88
N TYR B 373 -27.13 -12.67 -3.10
CA TYR B 373 -26.90 -11.67 -2.07
C TYR B 373 -27.97 -10.60 -2.15
N SER B 374 -28.59 -10.30 -1.02
CA SER B 374 -29.68 -9.32 -0.97
C SER B 374 -29.10 -7.91 -0.99
N LEU B 375 -29.48 -7.12 -2.01
CA LEU B 375 -28.94 -5.78 -2.12
C LEU B 375 -29.45 -4.85 -1.03
N SER B 376 -30.57 -5.20 -0.40
CA SER B 376 -31.08 -4.40 0.72
C SER B 376 -30.19 -4.53 1.95
N ARG B 377 -29.31 -5.52 1.99
CA ARG B 377 -28.41 -5.70 3.12
C ARG B 377 -27.24 -4.72 3.10
N VAL B 378 -26.99 -4.08 1.95
CA VAL B 378 -25.88 -3.15 1.82
C VAL B 378 -26.31 -1.78 2.33
N ASP B 379 -25.53 -1.22 3.26
CA ASP B 379 -25.83 0.10 3.79
C ASP B 379 -25.60 1.17 2.71
N LEU B 380 -26.62 1.98 2.45
CA LEU B 380 -26.55 3.05 1.47
C LEU B 380 -26.07 2.53 0.11
N GLY B 381 -26.58 1.36 -0.26
CA GLY B 381 -26.12 0.71 -1.48
C GLY B 381 -27.06 0.93 -2.65
N ASP B 382 -27.59 2.14 -2.78
CA ASP B 382 -28.49 2.46 -3.87
C ASP B 382 -27.78 2.84 -5.17
N CYS B 383 -26.47 3.07 -5.11
CA CYS B 383 -25.74 3.29 -6.35
C CYS B 383 -25.53 1.98 -7.10
N ILE B 384 -25.52 0.86 -6.37
CA ILE B 384 -25.13 -0.41 -6.94
C ILE B 384 -26.10 -0.83 -8.04
N GLY B 385 -27.40 -0.77 -7.76
CA GLY B 385 -28.38 -1.19 -8.74
C GLY B 385 -28.33 -0.34 -10.00
N ARG B 386 -28.29 0.99 -9.83
CA ARG B 386 -28.27 1.89 -10.97
C ARG B 386 -27.01 1.69 -11.81
N ASP B 387 -25.84 1.65 -11.15
CA ASP B 387 -24.59 1.48 -11.88
C ASP B 387 -24.54 0.15 -12.61
N ALA B 388 -24.95 -0.94 -11.92
CA ALA B 388 -24.92 -2.25 -12.55
C ALA B 388 -25.87 -2.32 -13.74
N ARG B 389 -27.09 -1.79 -13.58
CA ARG B 389 -28.04 -1.79 -14.68
C ARG B 389 -27.50 -1.01 -15.87
N GLU B 390 -26.96 0.18 -15.62
CA GLU B 390 -26.47 1.02 -16.71
C GLU B 390 -25.30 0.36 -17.43
N ALA B 391 -24.34 -0.17 -16.67
CA ALA B 391 -23.18 -0.81 -17.28
C ALA B 391 -23.58 -2.06 -18.07
N ILE B 392 -24.46 -2.87 -17.49
CA ILE B 392 -24.89 -4.10 -18.16
C ILE B 392 -25.62 -3.76 -19.45
N ASP B 393 -26.51 -2.76 -19.42
CA ASP B 393 -27.22 -2.37 -20.62
C ASP B 393 -26.26 -1.87 -21.69
N ARG B 394 -25.30 -1.03 -21.28
CA ARG B 394 -24.34 -0.48 -22.25
C ARG B 394 -23.53 -1.61 -22.90
N MET B 395 -23.04 -2.55 -22.08
CA MET B 395 -22.20 -3.61 -22.61
C MET B 395 -23.00 -4.58 -23.49
N PHE B 396 -24.23 -4.90 -23.08
CA PHE B 396 -25.07 -5.76 -23.90
C PHE B 396 -25.37 -5.12 -25.24
N ALA B 397 -25.71 -3.82 -25.24
CA ALA B 397 -25.93 -3.13 -26.51
C ALA B 397 -24.66 -3.04 -27.34
N ARG B 398 -23.50 -2.97 -26.67
CA ARG B 398 -22.24 -2.91 -27.39
C ARG B 398 -21.92 -4.21 -28.11
N LYS B 399 -22.14 -5.35 -27.45
CA LYS B 399 -21.67 -6.61 -28.01
C LYS B 399 -22.77 -7.64 -28.27
N TYR B 400 -23.69 -7.84 -27.33
CA TYR B 400 -24.53 -9.04 -27.37
C TYR B 400 -25.94 -8.78 -27.87
N ASN B 401 -26.21 -7.58 -28.41
CA ASN B 401 -27.58 -7.28 -28.83
C ASN B 401 -28.03 -8.15 -30.00
N ALA B 402 -27.10 -8.52 -30.88
CA ALA B 402 -27.43 -9.24 -32.10
C ALA B 402 -27.31 -10.76 -31.98
N THR B 403 -26.81 -11.28 -30.85
CA THR B 403 -26.57 -12.71 -30.76
C THR B 403 -27.21 -13.33 -29.52
N HIS B 404 -27.38 -12.55 -28.45
CA HIS B 404 -27.79 -13.09 -27.17
C HIS B 404 -29.04 -12.38 -26.67
N ILE B 405 -29.64 -12.96 -25.64
CA ILE B 405 -30.79 -12.39 -24.94
C ILE B 405 -30.58 -12.56 -23.44
N LYS B 406 -31.05 -11.57 -22.68
CA LYS B 406 -30.96 -11.64 -21.24
C LYS B 406 -31.87 -12.73 -20.70
N VAL B 407 -31.45 -13.35 -19.60
CA VAL B 407 -32.24 -14.36 -18.91
C VAL B 407 -32.48 -13.85 -17.50
N GLY B 408 -33.60 -13.16 -17.31
CA GLY B 408 -33.95 -12.64 -16.01
C GLY B 408 -33.24 -11.33 -15.68
N GLN B 409 -33.59 -10.79 -14.53
CA GLN B 409 -32.99 -9.57 -14.04
C GLN B 409 -31.59 -9.83 -13.52
N PRO B 410 -30.74 -8.80 -13.47
CA PRO B 410 -29.39 -8.98 -12.93
C PRO B 410 -29.41 -9.49 -11.49
N GLN B 411 -28.52 -10.42 -11.19
CA GLN B 411 -28.37 -11.01 -9.87
C GLN B 411 -27.14 -10.44 -9.19
N TYR B 412 -27.10 -10.57 -7.86
CA TYR B 412 -26.01 -10.02 -7.08
C TYR B 412 -25.44 -11.08 -6.16
N TYR B 413 -24.12 -11.27 -6.22
CA TYR B 413 -23.42 -12.26 -5.42
C TYR B 413 -22.28 -11.60 -4.67
N LEU B 414 -21.95 -12.17 -3.52
CA LEU B 414 -20.83 -11.72 -2.71
C LEU B 414 -19.68 -12.70 -2.86
N ALA B 415 -18.59 -12.23 -3.48
CA ALA B 415 -17.41 -13.03 -3.74
C ALA B 415 -16.40 -12.82 -2.62
N THR B 416 -15.69 -13.89 -2.28
CA THR B 416 -14.72 -13.87 -1.19
C THR B 416 -13.66 -12.80 -1.45
N GLY B 417 -13.21 -12.18 -0.36
CA GLY B 417 -12.42 -10.98 -0.46
C GLY B 417 -13.24 -9.71 -0.38
N GLY B 418 -14.57 -9.83 -0.41
CA GLY B 418 -15.44 -8.68 -0.28
C GLY B 418 -15.75 -7.99 -1.59
N PHE B 419 -16.16 -8.75 -2.60
CA PHE B 419 -16.52 -8.17 -3.88
C PHE B 419 -18.00 -8.40 -4.15
N LEU B 420 -18.63 -7.46 -4.86
CA LEU B 420 -20.03 -7.60 -5.22
C LEU B 420 -20.13 -7.76 -6.73
N ILE B 421 -20.56 -8.93 -7.18
CA ILE B 421 -20.68 -9.23 -8.60
C ILE B 421 -22.14 -9.13 -9.00
N ALA B 422 -22.45 -8.17 -9.87
CA ALA B 422 -23.74 -8.10 -10.52
C ALA B 422 -23.63 -8.84 -11.84
N TYR B 423 -24.32 -9.97 -11.92
CA TYR B 423 -24.23 -10.89 -13.03
C TYR B 423 -25.55 -10.88 -13.81
N GLN B 424 -25.46 -10.62 -15.10
CA GLN B 424 -26.59 -10.71 -16.01
C GLN B 424 -26.38 -11.92 -16.91
N PRO B 425 -27.09 -13.03 -16.70
CA PRO B 425 -26.90 -14.19 -17.56
C PRO B 425 -27.39 -13.90 -18.97
N LEU B 426 -26.76 -14.57 -19.94
CA LEU B 426 -27.10 -14.44 -21.33
C LEU B 426 -27.35 -15.81 -21.94
N LEU B 427 -28.23 -15.85 -22.93
CA LEU B 427 -28.52 -17.08 -23.66
C LEU B 427 -28.43 -16.77 -25.15
N SER B 428 -27.69 -17.60 -25.88
CA SER B 428 -27.59 -17.43 -27.32
C SER B 428 -28.93 -17.74 -27.98
N ASN B 429 -29.14 -17.15 -29.15
CA ASN B 429 -30.39 -17.37 -29.88
C ASN B 429 -30.56 -18.83 -30.29
N THR B 430 -29.46 -19.57 -30.44
CA THR B 430 -29.53 -20.98 -30.78
C THR B 430 -30.02 -21.80 -29.59
N VAL B 465 -28.53 -4.71 7.31
CA VAL B 465 -27.77 -3.48 7.03
C VAL B 465 -26.35 -3.61 7.58
N GLU B 466 -25.39 -3.75 6.67
CA GLU B 466 -23.99 -3.93 7.04
C GLU B 466 -23.11 -3.35 5.93
N ARG B 467 -21.85 -3.10 6.28
CA ARG B 467 -20.87 -2.57 5.35
C ARG B 467 -19.86 -3.67 5.02
N ILE B 468 -19.67 -3.91 3.72
CA ILE B 468 -18.80 -4.99 3.26
C ILE B 468 -17.37 -4.49 3.14
N LYS B 469 -16.43 -5.23 3.72
CA LYS B 469 -15.02 -4.88 3.68
C LYS B 469 -14.32 -5.66 2.58
N THR B 470 -13.59 -4.96 1.72
CA THR B 470 -12.93 -5.55 0.57
C THR B 470 -11.44 -5.62 0.80
N THR B 471 -10.84 -6.78 0.51
CA THR B 471 -9.40 -6.93 0.62
C THR B 471 -8.69 -6.12 -0.44
N SER B 472 -7.44 -5.77 -0.17
CA SER B 472 -6.65 -4.95 -1.07
C SER B 472 -5.80 -5.77 -2.04
N SER B 473 -5.83 -7.09 -1.95
CA SER B 473 -5.03 -7.96 -2.79
C SER B 473 -5.95 -8.81 -3.66
N ILE B 474 -5.96 -8.53 -4.96
CA ILE B 474 -6.69 -9.36 -5.92
C ILE B 474 -5.86 -10.53 -6.39
N GLU B 475 -4.62 -10.65 -5.96
CA GLU B 475 -3.70 -11.63 -6.52
C GLU B 475 -4.15 -13.06 -6.24
N PHE B 476 -4.93 -13.26 -5.17
CA PHE B 476 -5.45 -14.59 -4.88
C PHE B 476 -6.40 -15.05 -5.98
N ALA B 477 -7.25 -14.14 -6.48
CA ALA B 477 -8.19 -14.50 -7.52
C ALA B 477 -7.49 -14.75 -8.85
N ARG B 478 -6.46 -13.96 -9.15
CA ARG B 478 -5.68 -14.19 -10.37
C ARG B 478 -4.92 -15.51 -10.29
N LEU B 479 -4.39 -15.83 -9.12
CA LEU B 479 -3.75 -17.12 -8.92
C LEU B 479 -4.75 -18.25 -9.10
N GLN B 480 -5.97 -18.06 -8.60
CA GLN B 480 -7.02 -19.04 -8.79
C GLN B 480 -7.32 -19.25 -10.27
N PHE B 481 -7.42 -18.16 -11.02
CA PHE B 481 -7.68 -18.26 -12.45
C PHE B 481 -6.57 -19.01 -13.17
N THR B 482 -5.31 -18.65 -12.89
CA THR B 482 -4.18 -19.28 -13.56
C THR B 482 -4.11 -20.76 -13.22
N TYR B 483 -4.27 -21.09 -11.94
CA TYR B 483 -4.24 -22.49 -11.53
C TYR B 483 -5.38 -23.28 -12.17
N ASN B 484 -6.59 -22.69 -12.22
CA ASN B 484 -7.71 -23.40 -12.82
C ASN B 484 -7.45 -23.66 -14.29
N HIS B 485 -6.92 -22.67 -15.00
CA HIS B 485 -6.65 -22.81 -16.43
C HIS B 485 -5.64 -23.93 -16.68
N ILE B 486 -4.50 -23.86 -15.99
CA ILE B 486 -3.45 -24.85 -16.18
C ILE B 486 -3.94 -26.24 -15.78
N GLN B 487 -4.63 -26.32 -14.64
CA GLN B 487 -5.11 -27.60 -14.13
C GLN B 487 -6.11 -28.22 -15.09
N ARG B 488 -7.03 -27.42 -15.63
CA ARG B 488 -8.04 -27.93 -16.53
C ARG B 488 -7.40 -28.46 -17.80
N HIS B 489 -6.46 -27.70 -18.37
CA HIS B 489 -5.81 -28.19 -19.58
C HIS B 489 -5.03 -29.48 -19.31
N VAL B 490 -4.31 -29.52 -18.20
CA VAL B 490 -3.50 -30.69 -17.89
C VAL B 490 -4.39 -31.91 -17.67
N ASN B 491 -5.49 -31.75 -16.93
CA ASN B 491 -6.38 -32.88 -16.69
C ASN B 491 -7.03 -33.35 -17.97
N ASP B 492 -7.42 -32.43 -18.85
CA ASP B 492 -7.98 -32.83 -20.14
C ASP B 492 -6.98 -33.64 -20.95
N MET B 493 -5.74 -33.15 -21.08
CA MET B 493 -4.78 -33.82 -21.94
C MET B 493 -4.34 -35.15 -21.34
N LEU B 494 -4.12 -35.20 -20.03
CA LEU B 494 -3.73 -36.46 -19.40
C LEU B 494 -4.87 -37.47 -19.43
N GLY B 495 -6.10 -37.00 -19.31
CA GLY B 495 -7.25 -37.89 -19.46
C GLY B 495 -7.32 -38.49 -20.85
N ARG B 496 -7.09 -37.67 -21.86
CA ARG B 496 -7.06 -38.18 -23.23
C ARG B 496 -5.93 -39.19 -23.41
N ILE B 497 -4.77 -38.90 -22.82
CA ILE B 497 -3.64 -39.82 -22.91
C ILE B 497 -3.98 -41.16 -22.27
N ALA B 498 -4.61 -41.12 -21.10
CA ALA B 498 -4.98 -42.35 -20.40
C ALA B 498 -5.98 -43.17 -21.22
N VAL B 499 -6.99 -42.50 -21.77
CA VAL B 499 -7.97 -43.20 -22.58
C VAL B 499 -7.30 -43.84 -23.81
N ALA B 500 -6.44 -43.07 -24.47
CA ALA B 500 -5.74 -43.59 -25.64
C ALA B 500 -4.85 -44.77 -25.29
N TRP B 501 -4.17 -44.70 -24.14
CA TRP B 501 -3.33 -45.81 -23.72
C TRP B 501 -4.15 -47.07 -23.49
N CYS B 502 -5.32 -46.92 -22.85
CA CYS B 502 -6.22 -48.04 -22.66
C CYS B 502 -6.65 -48.66 -23.99
N GLU B 503 -7.09 -47.82 -24.93
CA GLU B 503 -7.50 -48.34 -26.23
C GLU B 503 -6.34 -49.03 -26.92
N LEU B 504 -5.12 -48.49 -26.78
CA LEU B 504 -3.96 -49.10 -27.41
C LEU B 504 -3.70 -50.49 -26.84
N GLN B 505 -3.80 -50.65 -25.52
CA GLN B 505 -3.58 -51.96 -24.93
C GLN B 505 -4.64 -52.96 -25.39
N ASN B 506 -5.91 -52.55 -25.36
CA ASN B 506 -6.98 -53.42 -25.83
C ASN B 506 -6.79 -53.78 -27.31
N HIS B 507 -6.20 -52.86 -28.08
CA HIS B 507 -5.98 -53.07 -29.49
C HIS B 507 -4.83 -54.05 -29.73
N GLU B 508 -3.79 -53.97 -28.89
CA GLU B 508 -2.62 -54.81 -29.04
C GLU B 508 -2.87 -56.22 -28.52
N LEU B 509 -3.87 -56.40 -27.67
CA LEU B 509 -4.21 -57.73 -27.22
C LEU B 509 -4.51 -58.68 -28.39
N THR B 510 -5.06 -58.14 -29.48
CA THR B 510 -5.33 -58.96 -30.66
C THR B 510 -4.04 -59.49 -31.27
N LEU B 511 -3.03 -58.63 -31.41
CA LEU B 511 -1.74 -59.09 -31.92
C LEU B 511 -1.11 -60.11 -30.98
N TRP B 512 -1.27 -59.89 -29.67
CA TRP B 512 -0.71 -60.83 -28.71
C TRP B 512 -1.34 -62.20 -28.84
N ASN B 513 -2.66 -62.25 -29.05
CA ASN B 513 -3.35 -63.52 -29.21
C ASN B 513 -2.82 -64.32 -30.39
N GLU B 514 -2.34 -63.66 -31.43
CA GLU B 514 -1.85 -64.37 -32.61
C GLU B 514 -0.38 -64.74 -32.48
N ALA B 515 0.42 -63.84 -31.91
CA ALA B 515 1.82 -64.15 -31.64
C ALA B 515 1.92 -65.31 -30.66
N ARG B 516 0.93 -65.46 -29.77
CA ARG B 516 0.90 -66.62 -28.89
C ARG B 516 0.81 -67.92 -29.69
N LYS B 517 -0.06 -67.96 -30.69
CA LYS B 517 -0.15 -69.14 -31.56
C LYS B 517 1.15 -69.34 -32.33
N LEU B 518 1.77 -68.24 -32.77
CA LEU B 518 2.98 -68.36 -33.59
C LEU B 518 4.11 -69.01 -32.81
N ASN B 519 4.42 -68.48 -31.63
CA ASN B 519 5.58 -68.93 -30.86
C ASN B 519 5.22 -68.84 -29.39
N PRO B 520 4.70 -69.93 -28.81
CA PRO B 520 4.22 -69.86 -27.43
C PRO B 520 5.31 -69.57 -26.41
N ASN B 521 6.54 -70.02 -26.64
CA ASN B 521 7.59 -69.91 -25.62
C ASN B 521 7.94 -68.45 -25.37
N ALA B 522 8.20 -67.68 -26.43
CA ALA B 522 8.60 -66.28 -26.26
C ALA B 522 7.46 -65.46 -25.65
N ILE B 523 6.23 -65.70 -26.11
CA ILE B 523 5.09 -64.96 -25.60
C ILE B 523 4.87 -65.26 -24.11
N ALA B 524 4.98 -66.53 -23.73
CA ALA B 524 4.83 -66.90 -22.33
C ALA B 524 5.94 -66.30 -21.48
N SER B 525 7.17 -66.33 -21.97
CA SER B 525 8.29 -65.75 -21.23
C SER B 525 8.10 -64.25 -21.04
N ALA B 526 7.57 -63.57 -22.07
CA ALA B 526 7.37 -62.13 -21.98
C ALA B 526 6.24 -61.79 -21.01
N THR B 527 5.10 -62.47 -21.13
CA THR B 527 3.94 -62.10 -20.32
C THR B 527 4.10 -62.54 -18.87
N VAL B 528 4.59 -63.76 -18.65
CA VAL B 528 4.70 -64.28 -17.28
C VAL B 528 5.78 -63.54 -16.51
N GLY B 529 6.92 -63.27 -17.16
CA GLY B 529 8.05 -62.63 -16.52
C GLY B 529 9.20 -63.56 -16.23
N ARG B 530 9.03 -64.87 -16.44
CA ARG B 530 10.10 -65.83 -16.24
C ARG B 530 10.28 -66.66 -17.51
N ARG B 531 11.50 -67.12 -17.75
CA ARG B 531 11.79 -67.95 -18.91
C ARG B 531 11.09 -69.30 -18.71
N ALA B 532 9.97 -69.51 -19.41
CA ALA B 532 9.19 -70.72 -19.30
C ALA B 532 8.93 -71.27 -20.69
N SER B 533 8.64 -72.57 -20.73
CA SER B 533 8.27 -73.24 -21.97
C SER B 533 6.74 -73.40 -21.99
N ALA B 534 6.14 -73.04 -23.12
CA ALA B 534 4.69 -73.07 -23.25
C ALA B 534 4.30 -73.88 -24.48
N ARG B 535 3.13 -74.51 -24.38
CA ARG B 535 2.54 -75.20 -25.51
C ARG B 535 1.03 -75.01 -25.45
N MET B 536 0.41 -74.84 -26.60
CA MET B 536 -1.01 -74.53 -26.64
C MET B 536 -1.85 -75.76 -26.27
N LEU B 537 -2.91 -75.52 -25.50
CA LEU B 537 -3.86 -76.54 -25.10
C LEU B 537 -5.23 -76.26 -25.73
N GLY B 538 -5.21 -75.92 -27.02
CA GLY B 538 -6.41 -75.45 -27.67
C GLY B 538 -6.45 -73.94 -27.69
N ASP B 539 -7.20 -73.35 -26.76
CA ASP B 539 -7.35 -71.90 -26.66
C ASP B 539 -6.68 -71.34 -25.41
N VAL B 540 -5.63 -72.01 -24.92
CA VAL B 540 -4.93 -71.54 -23.73
C VAL B 540 -3.55 -72.21 -23.72
N MET B 541 -2.62 -71.62 -22.97
CA MET B 541 -1.25 -72.10 -22.92
C MET B 541 -1.00 -72.89 -21.63
N ALA B 542 -0.21 -73.95 -21.76
CA ALA B 542 0.34 -74.65 -20.61
C ALA B 542 1.83 -74.37 -20.53
N VAL B 543 2.30 -73.95 -19.35
CA VAL B 543 3.65 -73.45 -19.17
C VAL B 543 4.37 -74.27 -18.12
N SER B 544 5.70 -74.27 -18.20
CA SER B 544 6.55 -74.98 -17.25
C SER B 544 7.85 -74.22 -17.11
N THR B 545 8.32 -74.06 -15.86
CA THR B 545 9.53 -73.30 -15.60
C THR B 545 10.75 -74.01 -16.16
N CYS B 546 11.67 -73.24 -16.74
CA CYS B 546 12.89 -73.78 -17.34
C CYS B 546 14.06 -73.67 -16.36
N VAL B 547 14.89 -74.70 -16.34
CA VAL B 547 16.01 -74.77 -15.40
C VAL B 547 17.18 -73.98 -15.98
N PRO B 548 17.73 -73.03 -15.23
CA PRO B 548 18.94 -72.32 -15.69
C PRO B 548 20.13 -73.24 -15.84
N VAL B 549 21.00 -72.88 -16.79
CA VAL B 549 22.26 -73.57 -17.05
C VAL B 549 23.32 -72.52 -17.32
N ALA B 550 24.46 -72.66 -16.65
CA ALA B 550 25.54 -71.68 -16.80
C ALA B 550 26.18 -71.81 -18.19
N PRO B 551 26.55 -70.69 -18.81
CA PRO B 551 27.15 -70.74 -20.15
C PRO B 551 28.42 -71.57 -20.25
N ASP B 552 29.28 -71.57 -19.21
CA ASP B 552 30.55 -72.26 -19.31
C ASP B 552 30.40 -73.78 -19.31
N ASN B 553 29.20 -74.28 -19.00
CA ASN B 553 28.93 -75.71 -19.00
C ASN B 553 28.36 -76.19 -20.34
N VAL B 554 28.36 -75.34 -21.36
CA VAL B 554 27.80 -75.68 -22.66
C VAL B 554 28.89 -75.53 -23.71
N ILE B 555 29.06 -76.55 -24.54
CA ILE B 555 30.03 -76.54 -25.63
C ILE B 555 29.30 -76.82 -26.93
N VAL B 556 29.81 -76.25 -28.02
CA VAL B 556 29.19 -76.36 -29.34
C VAL B 556 29.94 -77.39 -30.16
N GLN B 557 29.19 -78.37 -30.69
CA GLN B 557 29.77 -79.37 -31.58
C GLN B 557 30.15 -78.73 -32.91
N ASN B 558 31.14 -79.31 -33.57
CA ASN B 558 31.80 -78.64 -34.69
C ASN B 558 30.92 -78.58 -35.94
N SER B 559 30.56 -79.75 -36.49
CA SER B 559 29.93 -79.80 -37.80
C SER B 559 28.48 -80.27 -37.70
N MET B 560 27.58 -79.51 -38.32
CA MET B 560 26.17 -79.87 -38.37
C MET B 560 25.87 -80.94 -39.41
N ARG B 561 26.88 -81.39 -40.16
CA ARG B 561 26.68 -82.46 -41.12
C ARG B 561 26.31 -83.75 -40.41
N VAL B 562 25.50 -84.57 -41.08
CA VAL B 562 25.12 -85.88 -40.59
C VAL B 562 25.82 -86.93 -41.43
N SER B 563 26.72 -87.70 -40.79
CA SER B 563 27.53 -88.65 -41.52
C SER B 563 26.78 -89.94 -41.84
N SER B 564 25.65 -90.20 -41.16
CA SER B 564 24.88 -91.40 -41.39
C SER B 564 23.96 -91.29 -42.60
N ARG B 565 23.36 -90.12 -42.83
CA ARG B 565 22.42 -89.92 -43.93
C ARG B 565 22.81 -88.66 -44.71
N PRO B 566 23.72 -88.79 -45.68
CA PRO B 566 24.09 -87.63 -46.49
C PRO B 566 22.91 -87.10 -47.28
N GLY B 567 22.90 -85.77 -47.46
CA GLY B 567 21.82 -85.08 -48.12
C GLY B 567 20.87 -84.38 -47.15
N THR B 568 20.65 -84.96 -45.97
CA THR B 568 19.86 -84.34 -44.91
C THR B 568 20.79 -84.01 -43.75
N CYS B 569 20.58 -82.84 -43.15
CA CYS B 569 21.49 -82.35 -42.13
C CYS B 569 20.75 -81.39 -41.21
N TYR B 570 21.38 -81.13 -40.05
CA TYR B 570 20.74 -80.38 -38.99
C TYR B 570 20.66 -78.89 -39.33
N SER B 571 19.56 -78.27 -38.89
CA SER B 571 19.34 -76.84 -39.13
C SER B 571 19.76 -75.97 -37.96
N ARG B 572 20.09 -76.57 -36.81
CA ARG B 572 20.51 -75.82 -35.63
C ARG B 572 21.82 -76.42 -35.11
N PRO B 573 22.64 -75.61 -34.43
CA PRO B 573 23.89 -76.14 -33.89
C PRO B 573 23.65 -77.22 -32.84
N LEU B 574 24.62 -78.12 -32.74
CA LEU B 574 24.57 -79.22 -31.79
C LEU B 574 25.46 -78.88 -30.60
N VAL B 575 24.96 -79.14 -29.38
CA VAL B 575 25.64 -78.73 -28.17
C VAL B 575 25.70 -79.89 -27.20
N SER B 576 26.62 -79.77 -26.24
CA SER B 576 26.72 -80.67 -25.10
C SER B 576 26.75 -79.81 -23.84
N PHE B 577 25.84 -80.08 -22.93
CA PHE B 577 25.70 -79.27 -21.72
C PHE B 577 25.61 -80.17 -20.50
N ARG B 578 26.12 -79.65 -19.37
CA ARG B 578 26.07 -80.33 -18.09
C ARG B 578 25.45 -79.39 -17.06
N TYR B 579 24.55 -79.93 -16.23
CA TYR B 579 23.87 -79.12 -15.24
C TYR B 579 24.86 -78.57 -14.21
N GLU B 580 25.80 -79.42 -13.76
CA GLU B 580 26.79 -79.03 -12.76
C GLU B 580 28.18 -79.11 -13.35
N ASP B 581 29.15 -78.58 -12.61
CA ASP B 581 30.53 -78.58 -13.08
C ASP B 581 31.07 -79.99 -13.27
N GLN B 582 30.76 -80.90 -12.33
CA GLN B 582 31.20 -82.29 -12.42
C GLN B 582 30.09 -83.21 -12.91
N GLY B 583 28.95 -82.65 -13.32
CA GLY B 583 27.82 -83.45 -13.75
C GLY B 583 28.05 -84.13 -15.08
N PRO B 584 27.22 -85.11 -15.39
CA PRO B 584 27.37 -85.83 -16.67
C PRO B 584 27.09 -84.92 -17.86
N LEU B 585 27.77 -85.21 -18.96
CA LEU B 585 27.59 -84.45 -20.19
C LEU B 585 26.37 -84.98 -20.93
N ILE B 586 25.45 -84.08 -21.27
CA ILE B 586 24.21 -84.44 -21.95
C ILE B 586 24.20 -83.74 -23.31
N GLU B 587 24.03 -84.53 -24.38
CA GLU B 587 24.01 -83.98 -25.72
C GLU B 587 22.64 -83.37 -26.03
N GLY B 588 22.60 -82.53 -27.05
CA GLY B 588 21.35 -81.92 -27.46
C GLY B 588 21.58 -80.97 -28.61
N GLN B 589 20.54 -80.22 -28.94
CA GLN B 589 20.59 -79.29 -30.06
C GLN B 589 20.21 -77.90 -29.59
N LEU B 590 20.86 -76.89 -30.18
CA LEU B 590 20.58 -75.51 -29.84
C LEU B 590 19.18 -75.11 -30.31
N GLY B 591 18.53 -74.25 -29.53
CA GLY B 591 17.20 -73.79 -29.85
C GLY B 591 17.13 -72.28 -30.05
N GLU B 592 15.93 -71.72 -29.90
CA GLU B 592 15.72 -70.29 -30.08
C GLU B 592 15.99 -69.57 -28.77
N ASN B 593 16.78 -68.51 -28.84
CA ASN B 593 17.04 -67.62 -27.70
C ASN B 593 17.61 -68.40 -26.51
N ASN B 594 18.78 -68.98 -26.73
CA ASN B 594 19.52 -69.72 -25.70
C ASN B 594 18.68 -70.88 -25.15
N GLU B 595 18.32 -71.79 -26.07
CA GLU B 595 17.52 -72.95 -25.73
C GLU B 595 18.28 -74.23 -26.06
N LEU B 596 18.22 -75.18 -25.13
CA LEU B 596 18.85 -76.49 -25.30
C LEU B 596 17.76 -77.53 -25.52
N ARG B 597 17.73 -78.10 -26.72
CA ARG B 597 16.75 -79.12 -27.08
C ARG B 597 17.41 -80.48 -27.02
N LEU B 598 16.82 -81.39 -26.23
CA LEU B 598 17.43 -82.69 -26.02
C LEU B 598 17.31 -83.58 -27.27
N THR B 599 16.22 -83.43 -28.01
CA THR B 599 15.97 -84.26 -29.19
C THR B 599 16.49 -83.55 -30.43
N ARG B 600 17.36 -84.25 -31.17
CA ARG B 600 17.97 -83.69 -32.38
C ARG B 600 17.18 -84.11 -33.62
N ASP B 601 15.94 -83.62 -33.68
CA ASP B 601 15.02 -83.96 -34.75
C ASP B 601 14.93 -82.90 -35.84
N ALA B 602 15.71 -81.82 -35.73
CA ALA B 602 15.66 -80.72 -36.70
C ALA B 602 16.50 -81.08 -37.91
N LEU B 603 15.86 -81.71 -38.90
CA LEU B 603 16.52 -82.15 -40.12
C LEU B 603 15.96 -81.37 -41.31
N GLU B 604 16.84 -80.95 -42.20
CA GLU B 604 16.46 -80.26 -43.42
C GLU B 604 17.39 -80.70 -44.54
N PRO B 605 16.94 -80.61 -45.79
CA PRO B 605 17.86 -80.84 -46.91
C PRO B 605 18.99 -79.82 -46.91
N CYS B 606 20.20 -80.28 -47.20
CA CYS B 606 21.36 -79.41 -47.15
C CYS B 606 21.39 -78.50 -48.38
N THR B 607 21.80 -77.26 -48.17
CA THR B 607 21.83 -76.25 -49.22
C THR B 607 23.25 -75.73 -49.39
N VAL B 608 23.69 -75.62 -50.66
CA VAL B 608 25.01 -75.10 -50.95
C VAL B 608 25.06 -73.60 -50.67
N GLY B 609 26.12 -73.17 -49.97
CA GLY B 609 26.26 -71.78 -49.58
C GLY B 609 25.47 -71.49 -48.31
N HIS B 610 25.70 -72.32 -47.29
CA HIS B 610 24.93 -72.26 -46.04
C HIS B 610 25.72 -71.45 -45.03
N ARG B 611 25.33 -70.18 -44.86
CA ARG B 611 25.93 -69.30 -43.86
C ARG B 611 24.84 -68.90 -42.89
N ARG B 612 25.07 -69.11 -41.60
CA ARG B 612 24.03 -68.92 -40.60
C ARG B 612 24.60 -68.32 -39.32
N TYR B 613 23.78 -67.47 -38.69
CA TYR B 613 24.07 -66.87 -37.40
C TYR B 613 23.11 -67.42 -36.36
N PHE B 614 23.63 -67.79 -35.20
CA PHE B 614 22.82 -68.35 -34.14
C PHE B 614 23.13 -67.65 -32.83
N ILE B 615 22.12 -67.47 -31.98
CA ILE B 615 22.34 -66.86 -30.68
C ILE B 615 23.06 -67.85 -29.79
N PHE B 616 24.06 -67.36 -29.04
CA PHE B 616 24.86 -68.20 -28.16
C PHE B 616 25.33 -67.35 -26.99
N GLY B 617 24.72 -67.57 -25.82
CA GLY B 617 25.08 -66.77 -24.66
C GLY B 617 24.85 -65.30 -24.93
N GLY B 618 25.90 -64.50 -24.72
CA GLY B 618 25.84 -63.08 -24.99
C GLY B 618 26.21 -62.66 -26.40
N GLY B 619 26.47 -63.60 -27.29
CA GLY B 619 26.86 -63.25 -28.63
C GLY B 619 26.24 -64.15 -29.70
N TYR B 620 26.92 -64.28 -30.84
CA TYR B 620 26.46 -65.13 -31.91
C TYR B 620 27.55 -66.10 -32.33
N VAL B 621 27.13 -67.23 -32.88
CA VAL B 621 28.02 -68.19 -33.54
C VAL B 621 27.68 -68.20 -35.02
N TYR B 622 28.71 -68.14 -35.85
CA TYR B 622 28.58 -68.07 -37.29
C TYR B 622 29.09 -69.40 -37.86
N PHE B 623 28.21 -70.07 -38.60
CA PHE B 623 28.48 -71.36 -39.22
C PHE B 623 28.49 -71.18 -40.74
N GLU B 624 29.50 -71.77 -41.38
CA GLU B 624 29.63 -71.76 -42.83
C GLU B 624 29.60 -73.18 -43.35
N GLU B 625 28.77 -73.42 -44.37
CA GLU B 625 28.64 -74.74 -45.01
C GLU B 625 28.36 -75.82 -43.97
N TYR B 626 27.41 -75.53 -43.08
CA TYR B 626 26.94 -76.48 -42.06
C TYR B 626 28.06 -76.87 -41.11
N ALA B 627 29.07 -76.01 -40.97
CA ALA B 627 30.19 -76.28 -40.07
C ALA B 627 30.53 -75.00 -39.31
N TYR B 628 30.99 -75.17 -38.07
CA TYR B 628 31.39 -74.04 -37.25
C TYR B 628 32.44 -73.19 -37.95
N SER B 629 32.24 -71.88 -37.93
CA SER B 629 33.21 -70.95 -38.48
C SER B 629 33.84 -70.08 -37.39
N HIS B 630 33.04 -69.31 -36.65
CA HIS B 630 33.64 -68.48 -35.60
C HIS B 630 32.55 -67.83 -34.76
N GLN B 631 32.91 -67.50 -33.52
CA GLN B 631 32.03 -66.73 -32.65
C GLN B 631 32.26 -65.24 -32.86
N LEU B 632 31.26 -64.45 -32.44
CA LEU B 632 31.35 -63.00 -32.55
C LEU B 632 30.42 -62.37 -31.52
N SER B 633 30.65 -61.09 -31.26
CA SER B 633 29.90 -60.37 -30.23
C SER B 633 28.65 -59.72 -30.82
N ARG B 634 27.75 -59.31 -29.93
CA ARG B 634 26.52 -58.64 -30.36
C ARG B 634 26.82 -57.31 -31.02
N ALA B 635 27.89 -56.63 -30.59
CA ALA B 635 28.27 -55.36 -31.19
C ALA B 635 28.83 -55.52 -32.60
N ASP B 636 29.22 -56.74 -32.98
CA ASP B 636 29.77 -56.97 -34.30
C ASP B 636 28.72 -56.88 -35.41
N VAL B 637 27.44 -56.88 -35.04
CA VAL B 637 26.34 -56.87 -35.99
C VAL B 637 25.56 -55.56 -35.83
N THR B 638 25.25 -54.91 -36.95
CA THR B 638 24.51 -53.66 -36.90
C THR B 638 23.13 -53.87 -36.29
N THR B 639 22.66 -52.86 -35.57
CA THR B 639 21.38 -52.93 -34.86
C THR B 639 20.42 -51.91 -35.44
N VAL B 640 19.20 -52.35 -35.73
CA VAL B 640 18.10 -51.47 -36.11
C VAL B 640 17.09 -51.47 -34.97
N SER B 641 16.67 -50.28 -34.56
CA SER B 641 15.82 -50.13 -33.38
C SER B 641 14.36 -50.20 -33.78
N THR B 642 13.60 -51.05 -33.09
CA THR B 642 12.15 -51.09 -33.23
C THR B 642 11.45 -50.14 -32.24
N PHE B 643 12.21 -49.37 -31.49
CA PHE B 643 11.67 -48.51 -30.45
C PHE B 643 11.38 -47.12 -31.01
N ILE B 644 10.28 -46.53 -30.54
CA ILE B 644 9.94 -45.15 -30.85
C ILE B 644 10.41 -44.29 -29.70
N ASP B 645 11.28 -43.32 -30.00
CA ASP B 645 11.86 -42.50 -28.95
C ASP B 645 10.84 -41.53 -28.38
N LEU B 646 10.90 -41.33 -27.07
CA LEU B 646 10.07 -40.33 -26.38
C LEU B 646 10.93 -39.68 -25.31
N ASN B 647 11.39 -38.46 -25.57
CA ASN B 647 12.25 -37.73 -24.66
C ASN B 647 11.39 -36.82 -23.79
N ILE B 648 11.22 -37.21 -22.53
CA ILE B 648 10.43 -36.45 -21.57
C ILE B 648 11.37 -35.94 -20.49
N THR B 649 11.35 -34.63 -20.26
CA THR B 649 12.19 -34.00 -19.26
C THR B 649 11.33 -33.26 -18.25
N MET B 650 11.78 -33.24 -17.01
CA MET B 650 11.02 -32.65 -15.92
C MET B 650 11.23 -31.14 -15.88
N LEU B 651 10.28 -30.44 -15.26
CA LEU B 651 10.43 -29.02 -14.98
C LEU B 651 11.56 -28.81 -13.96
N GLU B 652 12.46 -27.89 -14.26
CA GLU B 652 13.48 -27.52 -13.30
C GLU B 652 12.84 -26.71 -12.17
N ASP B 653 13.31 -26.93 -10.95
CA ASP B 653 12.82 -26.18 -9.82
C ASP B 653 13.12 -24.70 -10.00
N HIS B 654 12.15 -23.85 -9.64
CA HIS B 654 12.29 -22.41 -9.76
C HIS B 654 12.07 -21.76 -8.40
N GLU B 655 12.83 -20.70 -8.14
CA GLU B 655 12.72 -19.94 -6.91
C GLU B 655 12.23 -18.53 -7.22
N PHE B 656 11.13 -18.13 -6.59
CA PHE B 656 10.55 -16.81 -6.75
C PHE B 656 11.08 -15.94 -5.61
N VAL B 657 11.90 -14.95 -5.95
CA VAL B 657 12.44 -14.01 -4.97
C VAL B 657 11.37 -12.97 -4.65
N PRO B 658 11.40 -12.36 -3.45
CA PRO B 658 10.45 -11.29 -3.14
C PRO B 658 10.71 -10.07 -4.01
N LEU B 659 9.67 -9.62 -4.70
CA LEU B 659 9.78 -8.48 -5.61
C LEU B 659 8.61 -7.52 -5.38
N GLU B 660 8.92 -6.23 -5.41
CA GLU B 660 7.90 -5.20 -5.28
C GLU B 660 8.39 -3.93 -5.94
N VAL B 661 7.48 -3.22 -6.61
CA VAL B 661 7.84 -1.99 -7.29
C VAL B 661 8.23 -0.91 -6.28
N TYR B 662 7.38 -0.72 -5.27
CA TYR B 662 7.63 0.25 -4.22
C TYR B 662 7.47 -0.43 -2.87
N THR B 663 8.38 -0.14 -1.95
CA THR B 663 8.28 -0.64 -0.59
C THR B 663 7.33 0.23 0.22
N ARG B 664 7.07 -0.17 1.46
CA ARG B 664 6.28 0.67 2.35
C ARG B 664 7.00 1.99 2.62
N HIS B 665 8.33 1.92 2.80
CA HIS B 665 9.11 3.12 3.07
C HIS B 665 9.07 4.09 1.89
N GLU B 666 9.14 3.57 0.67
CA GLU B 666 9.07 4.43 -0.50
C GLU B 666 7.72 5.14 -0.58
N ILE B 667 6.64 4.41 -0.32
CA ILE B 667 5.31 5.01 -0.39
C ILE B 667 5.14 6.05 0.70
N LYS B 668 5.63 5.77 1.91
CA LYS B 668 5.48 6.75 2.99
C LYS B 668 6.38 7.97 2.77
N ASP B 669 7.52 7.77 2.09
CA ASP B 669 8.41 8.88 1.77
C ASP B 669 7.94 9.68 0.56
N SER B 670 7.04 9.12 -0.24
CA SER B 670 6.50 9.87 -1.38
C SER B 670 5.78 11.15 -0.95
N GLY B 671 5.24 11.17 0.27
CA GLY B 671 4.60 12.35 0.80
C GLY B 671 5.57 13.51 1.00
N LEU B 672 5.11 14.72 0.69
CA LEU B 672 5.99 15.88 0.80
C LEU B 672 6.22 16.28 2.25
N LEU B 673 5.17 16.25 3.06
CA LEU B 673 5.26 16.62 4.46
C LEU B 673 4.67 15.49 5.31
N ASP B 674 5.36 15.18 6.40
CA ASP B 674 4.90 14.20 7.38
C ASP B 674 4.52 14.92 8.66
N TYR B 675 3.28 14.77 9.10
CA TYR B 675 2.82 15.47 10.30
C TYR B 675 3.60 15.03 11.53
N THR B 676 3.87 13.74 11.65
CA THR B 676 4.56 13.24 12.83
C THR B 676 5.97 13.80 12.93
N GLU B 677 6.72 13.80 11.83
CA GLU B 677 8.09 14.29 11.88
C GLU B 677 8.14 15.80 12.05
N VAL B 678 7.24 16.52 11.40
CA VAL B 678 7.18 17.97 11.57
C VAL B 678 6.87 18.33 13.02
N GLN B 679 5.90 17.63 13.61
CA GLN B 679 5.56 17.88 15.01
C GLN B 679 6.72 17.52 15.93
N ARG B 680 7.39 16.40 15.67
CA ARG B 680 8.50 15.98 16.51
C ARG B 680 9.64 17.00 16.46
N ARG B 681 9.92 17.56 15.29
CA ARG B 681 10.96 18.57 15.19
C ARG B 681 10.52 19.91 15.79
N ASN B 682 9.27 20.31 15.57
CA ASN B 682 8.79 21.59 16.02
C ASN B 682 8.66 21.66 17.54
N GLN B 683 8.30 20.54 18.18
CA GLN B 683 8.08 20.54 19.61
C GLN B 683 9.37 20.36 20.41
N LEU B 684 10.50 20.18 19.75
CA LEU B 684 11.80 20.19 20.40
C LEU B 684 12.41 21.59 20.41
N HIS B 685 11.70 22.59 19.90
CA HIS B 685 12.26 23.93 19.79
C HIS B 685 12.60 24.49 21.16
N ASP B 686 11.72 24.30 22.14
CA ASP B 686 11.97 24.80 23.48
C ASP B 686 13.12 24.04 24.15
N LEU B 687 13.24 22.75 23.89
CA LEU B 687 14.31 21.95 24.48
C LEU B 687 15.66 22.26 23.83
N ARG B 688 15.66 22.74 22.60
CA ARG B 688 16.90 22.99 21.88
C ARG B 688 17.37 24.44 22.05
N PHE B 689 16.50 25.39 21.74
CA PHE B 689 16.87 26.80 21.67
C PHE B 689 16.42 27.60 22.89
N ALA B 690 16.06 26.93 23.98
CA ALA B 690 15.58 27.64 25.16
C ALA B 690 15.94 26.86 26.40
N ASP B 691 15.99 27.57 27.52
CA ASP B 691 16.28 26.99 28.83
C ASP B 691 14.97 26.92 29.60
N ILE B 692 14.32 25.76 29.58
CA ILE B 692 13.01 25.62 30.18
C ILE B 692 13.11 25.67 31.70
N ASP B 693 14.13 25.02 32.27
CA ASP B 693 14.23 24.81 33.70
C ASP B 693 14.51 26.08 34.49
N THR B 694 15.34 26.99 33.95
CA THR B 694 15.77 28.14 34.72
C THR B 694 14.62 29.08 35.02
N VAL B 695 14.57 29.55 36.27
CA VAL B 695 13.61 30.54 36.71
C VAL B 695 14.40 31.75 37.21
N ILE B 696 14.05 32.93 36.70
CA ILE B 696 14.73 34.17 37.04
C ILE B 696 13.78 35.02 37.87
N ARG B 697 14.22 35.40 39.06
CA ARG B 697 13.43 36.22 39.96
C ARG B 697 14.32 37.34 40.49
N ALA B 698 13.98 38.58 40.18
CA ALA B 698 14.72 39.73 40.68
C ALA B 698 14.32 40.06 42.12
N ALA C 82 2.33 -45.14 -56.13
CA ALA C 82 3.69 -44.79 -55.72
C ALA C 82 4.68 -45.23 -56.79
N GLN C 83 5.82 -45.78 -56.36
CA GLN C 83 6.86 -46.26 -57.26
C GLN C 83 7.24 -47.68 -56.86
N PHE C 84 7.75 -48.43 -57.83
CA PHE C 84 8.02 -49.85 -57.62
C PHE C 84 9.46 -50.05 -57.18
N TYR C 85 9.76 -51.27 -56.71
CA TYR C 85 11.09 -51.62 -56.27
C TYR C 85 11.46 -53.01 -56.78
N VAL C 86 12.73 -53.19 -57.14
CA VAL C 86 13.23 -54.47 -57.63
C VAL C 86 14.54 -54.77 -56.91
N CYS C 87 14.75 -56.05 -56.59
CA CYS C 87 15.97 -56.47 -55.90
C CYS C 87 16.12 -57.98 -55.82
N PRO C 88 17.35 -58.49 -55.95
CA PRO C 88 17.57 -59.94 -55.86
C PRO C 88 17.57 -60.38 -54.40
N PRO C 89 17.62 -61.68 -54.14
CA PRO C 89 17.69 -62.16 -52.76
C PRO C 89 18.94 -61.63 -52.07
N PRO C 90 18.85 -61.33 -50.76
CA PRO C 90 20.00 -60.75 -50.07
C PRO C 90 21.06 -61.80 -49.77
N THR C 91 22.26 -61.30 -49.52
CA THR C 91 23.40 -62.13 -49.14
C THR C 91 23.82 -61.80 -47.72
N GLY C 92 24.73 -62.61 -47.18
CA GLY C 92 25.22 -62.42 -45.83
C GLY C 92 26.17 -61.25 -45.65
N ALA C 93 26.47 -60.52 -46.74
CA ALA C 93 27.39 -59.38 -46.65
C ALA C 93 26.85 -58.31 -45.71
N THR C 94 25.55 -58.01 -45.82
CA THR C 94 24.90 -57.03 -44.97
C THR C 94 23.95 -57.76 -44.02
N VAL C 95 24.27 -57.71 -42.73
CA VAL C 95 23.50 -58.42 -41.71
C VAL C 95 23.12 -57.43 -40.62
N VAL C 96 21.89 -57.52 -40.13
CA VAL C 96 21.37 -56.58 -39.15
C VAL C 96 20.59 -57.35 -38.09
N GLN C 97 20.50 -56.78 -36.89
CA GLN C 97 19.84 -57.40 -35.75
C GLN C 97 18.98 -56.36 -35.04
N PHE C 98 18.02 -56.84 -34.25
CA PHE C 98 17.15 -55.97 -33.48
C PHE C 98 17.81 -55.55 -32.18
N GLU C 99 17.59 -54.30 -31.80
CA GLU C 99 18.10 -53.79 -30.54
C GLU C 99 17.43 -54.50 -29.37
N GLN C 100 18.24 -54.85 -28.36
CA GLN C 100 17.72 -55.53 -27.18
C GLN C 100 16.98 -54.55 -26.29
N PRO C 101 16.08 -55.05 -25.42
CA PRO C 101 15.32 -54.16 -24.55
C PRO C 101 16.22 -53.31 -23.66
N ARG C 102 15.80 -52.08 -23.42
CA ARG C 102 16.59 -51.10 -22.70
C ARG C 102 16.17 -51.01 -21.24
N ARG C 103 17.14 -50.68 -20.38
CA ARG C 103 16.92 -50.55 -18.94
C ARG C 103 16.68 -49.07 -18.66
N CYS C 104 15.40 -48.71 -18.60
CA CYS C 104 14.97 -47.34 -18.38
C CYS C 104 14.59 -47.11 -16.92
N PRO C 105 14.78 -45.91 -16.41
CA PRO C 105 14.60 -45.68 -14.97
C PRO C 105 13.14 -45.69 -14.58
N THR C 106 12.92 -45.89 -13.28
CA THR C 106 11.60 -45.99 -12.69
C THR C 106 11.20 -44.65 -12.08
N ARG C 107 10.10 -44.65 -11.33
CA ARG C 107 9.61 -43.43 -10.70
C ARG C 107 10.65 -42.87 -9.75
N PRO C 108 10.76 -41.54 -9.64
CA PRO C 108 11.70 -40.94 -8.69
C PRO C 108 11.38 -41.32 -7.25
N GLU C 109 12.30 -40.98 -6.36
CA GLU C 109 12.19 -41.41 -4.97
C GLU C 109 10.94 -40.86 -4.31
N GLY C 110 10.63 -39.58 -4.56
CA GLY C 110 9.48 -38.96 -3.95
C GLY C 110 9.86 -38.13 -2.74
N GLN C 111 9.18 -36.98 -2.57
CA GLN C 111 9.53 -36.07 -1.49
C GLN C 111 9.10 -36.63 -0.14
N ASN C 112 9.96 -36.49 0.85
CA ASN C 112 9.65 -36.87 2.23
C ASN C 112 9.17 -35.63 2.97
N TYR C 113 7.93 -35.67 3.46
CA TYR C 113 7.30 -34.54 4.09
C TYR C 113 7.20 -34.75 5.60
N THR C 114 7.60 -33.74 6.36
CA THR C 114 7.53 -33.78 7.81
C THR C 114 6.30 -33.02 8.26
N GLU C 115 5.25 -33.75 8.63
CA GLU C 115 4.04 -33.12 9.13
C GLU C 115 4.32 -32.43 10.46
N GLY C 116 3.73 -31.26 10.64
CA GLY C 116 3.97 -30.48 11.84
C GLY C 116 3.03 -29.31 11.92
N ILE C 117 3.29 -28.47 12.91
CA ILE C 117 2.49 -27.27 13.17
C ILE C 117 3.41 -26.08 13.04
N ALA C 118 2.84 -24.91 12.73
CA ALA C 118 3.69 -23.73 12.55
C ALA C 118 2.96 -22.46 12.98
N VAL C 119 3.74 -21.48 13.42
CA VAL C 119 3.27 -20.13 13.64
C VAL C 119 4.21 -19.20 12.88
N VAL C 120 3.64 -18.35 12.03
CA VAL C 120 4.41 -17.44 11.19
C VAL C 120 4.27 -16.04 11.74
N PHE C 121 5.39 -15.44 12.11
CA PHE C 121 5.49 -14.09 12.62
C PHE C 121 6.02 -13.15 11.55
N LYS C 122 5.41 -11.98 11.44
CA LYS C 122 5.86 -10.91 10.58
C LYS C 122 6.45 -9.78 11.42
N GLU C 123 7.10 -8.83 10.75
CA GLU C 123 7.64 -7.67 11.44
C GLU C 123 6.52 -6.85 12.04
N ASN C 124 6.72 -6.37 13.27
CA ASN C 124 5.73 -5.58 13.97
C ASN C 124 5.86 -4.12 13.58
N ILE C 125 4.77 -3.53 13.09
CA ILE C 125 4.76 -2.13 12.71
C ILE C 125 3.79 -1.31 13.53
N ALA C 126 2.90 -1.93 14.30
CA ALA C 126 1.93 -1.19 15.10
C ALA C 126 2.63 -0.54 16.28
N PRO C 127 2.36 0.74 16.56
CA PRO C 127 2.96 1.38 17.73
C PRO C 127 2.46 0.78 19.03
N TYR C 128 3.30 0.84 20.05
CA TYR C 128 2.90 0.45 21.39
C TYR C 128 1.97 1.50 21.97
N LYS C 129 0.77 1.08 22.37
CA LYS C 129 -0.28 1.99 22.80
C LYS C 129 -0.59 1.78 24.28
N PHE C 130 -0.88 2.87 24.98
CA PHE C 130 -1.27 2.79 26.37
C PHE C 130 -2.13 3.99 26.74
N LYS C 131 -2.63 3.97 27.98
CA LYS C 131 -3.51 5.01 28.47
C LYS C 131 -2.69 6.03 29.24
N ALA C 132 -2.84 7.32 28.90
CA ALA C 132 -2.21 8.39 29.63
C ALA C 132 -3.27 9.38 30.08
N THR C 133 -2.91 10.26 31.01
CA THR C 133 -3.82 11.28 31.49
C THR C 133 -3.11 12.62 31.48
N MET C 134 -3.76 13.62 30.88
CA MET C 134 -3.21 14.96 30.78
C MET C 134 -3.92 15.87 31.78
N TYR C 135 -3.14 16.48 32.66
CA TYR C 135 -3.61 17.46 33.63
C TYR C 135 -3.04 18.80 33.20
N TYR C 136 -3.90 19.76 32.90
CA TYR C 136 -3.40 21.09 32.58
C TYR C 136 -4.47 22.13 32.93
N LYS C 137 -4.13 23.39 32.67
CA LYS C 137 -5.00 24.50 32.98
C LYS C 137 -4.96 25.49 31.83
N ASP C 138 -6.12 25.79 31.26
CA ASP C 138 -6.22 26.90 30.32
C ASP C 138 -6.28 28.19 31.11
N VAL C 139 -5.26 29.03 30.95
CA VAL C 139 -5.21 30.35 31.51
C VAL C 139 -5.46 31.33 30.38
N THR C 140 -6.61 31.99 30.40
CA THR C 140 -7.01 32.91 29.37
C THR C 140 -7.16 34.29 30.00
N VAL C 141 -6.28 35.21 29.63
CA VAL C 141 -6.37 36.59 30.08
C VAL C 141 -6.73 37.45 28.88
N SER C 142 -7.85 38.16 29.00
CA SER C 142 -8.41 38.92 27.90
C SER C 142 -8.39 40.39 28.25
N GLN C 143 -7.89 41.21 27.32
CA GLN C 143 -7.87 42.65 27.46
C GLN C 143 -9.01 43.22 26.61
N VAL C 144 -9.94 43.90 27.28
CA VAL C 144 -11.13 44.44 26.62
C VAL C 144 -11.09 45.96 26.76
N TRP C 145 -11.30 46.65 25.64
CA TRP C 145 -11.46 48.10 25.64
C TRP C 145 -12.95 48.40 25.52
N PHE C 146 -13.49 49.12 26.51
CA PHE C 146 -14.90 49.44 26.55
C PHE C 146 -15.12 50.81 25.91
N GLY C 147 -15.69 50.81 24.72
CA GLY C 147 -16.00 52.05 24.04
C GLY C 147 -17.29 52.65 24.54
N HIS C 148 -17.76 53.67 23.80
CA HIS C 148 -18.99 54.34 24.19
C HIS C 148 -20.18 53.39 24.14
N ARG C 149 -20.36 52.72 23.00
CA ARG C 149 -21.52 51.84 22.81
C ARG C 149 -21.15 50.39 22.60
N TYR C 150 -19.85 50.07 22.47
CA TYR C 150 -19.41 48.73 22.17
C TYR C 150 -18.24 48.34 23.05
N SER C 151 -17.97 47.04 23.08
CA SER C 151 -16.79 46.48 23.75
C SER C 151 -15.99 45.69 22.72
N GLN C 152 -14.67 45.82 22.76
CA GLN C 152 -13.81 45.18 21.79
C GLN C 152 -12.70 44.41 22.50
N PHE C 153 -12.38 43.23 21.99
CA PHE C 153 -11.23 42.47 22.44
C PHE C 153 -9.97 43.07 21.86
N MET C 154 -9.10 43.58 22.71
CA MET C 154 -7.80 44.09 22.29
C MET C 154 -6.71 43.04 22.39
N GLY C 155 -7.06 41.82 22.77
CA GLY C 155 -6.08 40.76 22.92
C GLY C 155 -6.61 39.66 23.81
N ILE C 156 -6.29 38.41 23.48
CA ILE C 156 -6.67 37.26 24.27
C ILE C 156 -5.45 36.36 24.37
N PHE C 157 -4.73 36.43 25.50
CA PHE C 157 -3.61 35.56 25.74
C PHE C 157 -4.11 34.26 26.33
N GLU C 158 -4.06 33.19 25.54
CA GLU C 158 -4.47 31.85 25.97
C GLU C 158 -3.21 31.01 26.14
N ASP C 159 -3.08 30.37 27.30
CA ASP C 159 -1.92 29.57 27.61
C ASP C 159 -2.36 28.28 28.28
N ARG C 160 -1.51 27.27 28.18
CA ARG C 160 -1.69 26.01 28.88
C ARG C 160 -0.61 25.89 29.94
N ALA C 161 -1.01 25.59 31.17
CA ALA C 161 -0.08 25.46 32.27
C ALA C 161 -0.17 24.07 32.87
N PRO C 162 0.94 23.47 33.28
CA PRO C 162 0.88 22.17 33.92
C PRO C 162 0.25 22.25 35.30
N VAL C 163 -0.39 21.18 35.71
CA VAL C 163 -0.85 21.00 37.08
C VAL C 163 0.28 20.33 37.85
N PRO C 164 0.77 20.91 38.94
CA PRO C 164 1.92 20.34 39.64
C PRO C 164 1.61 18.96 40.21
N PHE C 165 2.67 18.26 40.60
CA PHE C 165 2.51 16.97 41.25
C PHE C 165 1.74 17.13 42.56
N GLU C 166 2.08 18.14 43.34
CA GLU C 166 1.44 18.36 44.63
C GLU C 166 -0.02 18.76 44.47
N GLU C 167 -0.46 19.08 43.27
CA GLU C 167 -1.87 19.33 43.02
C GLU C 167 -2.55 18.15 42.36
N VAL C 168 -1.85 17.43 41.49
CA VAL C 168 -2.43 16.23 40.88
C VAL C 168 -2.69 15.16 41.93
N ILE C 169 -1.74 14.97 42.85
CA ILE C 169 -1.89 13.94 43.88
C ILE C 169 -2.78 14.42 45.02
N ASP C 170 -2.50 15.59 45.58
CA ASP C 170 -3.16 16.02 46.79
C ASP C 170 -4.58 16.51 46.54
N LYS C 171 -4.82 17.16 45.40
CA LYS C 171 -6.14 17.72 45.12
C LYS C 171 -6.94 16.87 44.15
N ILE C 172 -6.40 16.59 42.96
CA ILE C 172 -7.18 15.94 41.93
C ILE C 172 -7.46 14.48 42.31
N ASN C 173 -6.44 13.76 42.76
CA ASN C 173 -6.63 12.36 43.10
C ASN C 173 -7.37 12.19 44.42
N ALA C 174 -7.02 12.98 45.43
CA ALA C 174 -7.56 12.76 46.77
C ALA C 174 -8.99 13.29 46.91
N LYS C 175 -9.18 14.59 46.69
CA LYS C 175 -10.48 15.21 46.89
C LYS C 175 -11.33 15.25 45.64
N GLY C 176 -10.75 15.01 44.46
CA GLY C 176 -11.48 15.14 43.22
C GLY C 176 -11.70 16.56 42.73
N VAL C 177 -10.99 17.53 43.32
CA VAL C 177 -11.14 18.93 42.98
C VAL C 177 -9.80 19.48 42.49
N CYS C 178 -9.85 20.67 41.93
CA CYS C 178 -8.66 21.33 41.39
C CYS C 178 -8.63 22.77 41.90
N ARG C 179 -7.42 23.28 42.11
CA ARG C 179 -7.27 24.65 42.57
C ARG C 179 -7.71 25.63 41.50
N SER C 180 -8.11 26.83 41.93
CA SER C 180 -8.55 27.88 41.03
C SER C 180 -7.41 28.81 40.60
N THR C 181 -6.19 28.57 41.06
CA THR C 181 -5.04 29.38 40.70
C THR C 181 -4.03 28.52 39.98
N ALA C 182 -3.47 29.05 38.90
CA ALA C 182 -2.43 28.39 38.13
C ALA C 182 -1.10 29.08 38.43
N LYS C 183 -0.23 28.40 39.15
CA LYS C 183 1.09 28.90 39.49
C LYS C 183 2.12 28.04 38.75
N TYR C 184 2.82 28.63 37.78
CA TYR C 184 3.67 27.85 36.91
C TYR C 184 4.78 28.71 36.36
N VAL C 185 5.83 28.06 35.85
CA VAL C 185 6.97 28.75 35.27
C VAL C 185 6.76 28.86 33.76
N ARG C 186 6.88 30.07 33.24
CA ARG C 186 6.69 30.35 31.83
C ARG C 186 7.68 31.43 31.42
N ASN C 187 8.43 31.17 30.34
CA ASN C 187 9.45 32.09 29.84
C ASN C 187 10.42 32.51 30.95
N ASN C 188 10.90 31.52 31.70
CA ASN C 188 11.88 31.74 32.76
C ASN C 188 11.36 32.74 33.79
N MET C 189 10.11 32.57 34.20
CA MET C 189 9.50 33.46 35.17
C MET C 189 8.32 32.74 35.82
N GLU C 190 8.18 32.90 37.12
CA GLU C 190 7.09 32.30 37.89
C GLU C 190 5.87 33.20 37.76
N THR C 191 4.84 32.72 37.07
CA THR C 191 3.61 33.45 36.87
C THR C 191 2.45 32.75 37.57
N THR C 192 1.55 33.56 38.12
CA THR C 192 0.36 33.06 38.79
C THR C 192 -0.87 33.73 38.19
N ALA C 193 -1.89 32.92 37.93
CA ALA C 193 -3.17 33.39 37.43
C ALA C 193 -4.25 32.98 38.40
N PHE C 194 -5.10 33.93 38.79
CA PHE C 194 -6.22 33.69 39.68
C PHE C 194 -7.51 33.71 38.87
N HIS C 195 -8.33 32.68 39.02
CA HIS C 195 -9.59 32.62 38.30
C HIS C 195 -10.50 33.75 38.75
N ARG C 196 -11.13 34.42 37.79
CA ARG C 196 -12.05 35.54 38.03
C ARG C 196 -11.36 36.68 38.76
N ASP C 197 -10.03 36.72 38.75
CA ASP C 197 -9.26 37.71 39.50
C ASP C 197 -9.65 37.72 40.97
N ASP C 198 -9.91 36.53 41.52
CA ASP C 198 -10.45 36.37 42.86
C ASP C 198 -9.48 35.52 43.69
N HIS C 199 -9.88 35.24 44.94
CA HIS C 199 -9.06 34.47 45.85
C HIS C 199 -9.02 33.00 45.43
N GLU C 200 -8.04 32.29 45.97
CA GLU C 200 -7.88 30.87 45.66
C GLU C 200 -9.03 30.07 46.26
N THR C 201 -9.54 29.12 45.50
CA THR C 201 -10.60 28.23 45.95
C THR C 201 -10.47 26.90 45.23
N ASP C 202 -11.11 25.87 45.80
CA ASP C 202 -11.12 24.54 45.22
C ASP C 202 -12.41 24.35 44.43
N MET C 203 -12.28 23.96 43.16
CA MET C 203 -13.41 23.79 42.28
C MET C 203 -13.54 22.33 41.90
N GLU C 204 -14.76 21.81 41.92
CA GLU C 204 -15.02 20.42 41.59
C GLU C 204 -14.77 20.18 40.10
N LEU C 205 -14.26 18.99 39.80
CA LEU C 205 -14.01 18.57 38.42
C LEU C 205 -15.25 17.84 37.92
N LYS C 206 -15.96 18.46 36.99
CA LYS C 206 -17.19 17.90 36.44
C LYS C 206 -16.95 17.37 35.04
N PRO C 207 -17.72 16.36 34.60
CA PRO C 207 -17.48 15.78 33.27
C PRO C 207 -17.70 16.80 32.16
N ALA C 208 -16.92 16.66 31.10
CA ALA C 208 -17.04 17.54 29.94
C ALA C 208 -18.30 17.19 29.16
N LYS C 209 -18.70 18.11 28.29
CA LYS C 209 -19.86 17.88 27.44
C LYS C 209 -19.57 16.71 26.50
N VAL C 210 -20.60 15.91 26.23
CA VAL C 210 -20.42 14.68 25.47
C VAL C 210 -20.10 15.02 24.02
N ALA C 211 -19.07 14.38 23.49
CA ALA C 211 -18.69 14.50 22.08
C ALA C 211 -18.53 13.11 21.49
N THR C 212 -18.85 12.99 20.21
CA THR C 212 -18.84 11.69 19.55
C THR C 212 -17.42 11.18 19.39
N ARG C 213 -17.21 9.91 19.73
CA ARG C 213 -15.92 9.23 19.56
C ARG C 213 -14.79 10.00 20.26
N THR C 214 -15.04 10.43 21.49
CA THR C 214 -14.03 11.14 22.27
C THR C 214 -13.84 10.44 23.60
N SER C 215 -12.61 10.55 24.12
CA SER C 215 -12.28 9.99 25.42
C SER C 215 -12.88 10.86 26.52
N ARG C 216 -12.79 10.37 27.76
CA ARG C 216 -13.36 11.09 28.88
C ARG C 216 -12.57 12.36 29.15
N GLY C 217 -13.26 13.34 29.73
CA GLY C 217 -12.64 14.60 30.08
C GLY C 217 -13.42 15.28 31.19
N TRP C 218 -12.69 16.01 32.03
CA TRP C 218 -13.26 16.71 33.16
C TRP C 218 -12.71 18.13 33.19
N HIS C 219 -13.51 19.07 33.70
CA HIS C 219 -13.09 20.45 33.80
C HIS C 219 -13.80 21.11 34.97
N THR C 220 -13.30 22.27 35.38
CA THR C 220 -13.85 23.01 36.50
C THR C 220 -14.76 24.16 36.07
N THR C 221 -14.33 24.94 35.08
CA THR C 221 -15.05 26.13 34.65
C THR C 221 -15.55 25.96 33.22
N ASP C 222 -16.71 26.54 32.92
CA ASP C 222 -17.30 26.45 31.59
C ASP C 222 -17.42 27.79 30.87
N LEU C 223 -17.55 28.90 31.60
CA LEU C 223 -17.68 30.22 31.02
C LEU C 223 -16.39 31.01 31.21
N LYS C 224 -15.93 31.66 30.15
CA LYS C 224 -14.80 32.57 30.26
C LYS C 224 -15.21 33.82 31.02
N TYR C 225 -14.29 34.33 31.84
CA TYR C 225 -14.53 35.53 32.61
C TYR C 225 -13.97 36.73 31.87
N ASN C 226 -14.77 37.78 31.73
CA ASN C 226 -14.35 39.00 31.08
C ASN C 226 -14.61 40.19 32.00
N PRO C 227 -13.80 41.24 31.90
CA PRO C 227 -13.90 42.34 32.86
C PRO C 227 -15.24 43.06 32.77
N SER C 228 -15.67 43.60 33.92
CA SER C 228 -16.87 44.41 33.96
C SER C 228 -16.65 45.70 33.19
N ARG C 229 -17.73 46.26 32.65
CA ARG C 229 -17.62 47.44 31.81
C ARG C 229 -17.20 48.66 32.63
N VAL C 230 -16.14 49.32 32.17
CA VAL C 230 -15.75 50.63 32.67
C VAL C 230 -15.45 51.50 31.46
N GLU C 231 -16.14 52.64 31.35
CA GLU C 231 -16.11 53.44 30.13
C GLU C 231 -14.69 53.93 29.82
N ALA C 232 -14.28 53.76 28.56
CA ALA C 232 -13.03 54.30 28.04
C ALA C 232 -11.84 53.83 28.86
N PHE C 233 -11.77 52.52 29.11
CA PHE C 233 -10.68 51.95 29.88
C PHE C 233 -10.38 50.55 29.39
N HIS C 234 -9.10 50.24 29.21
CA HIS C 234 -8.67 48.88 28.96
C HIS C 234 -8.68 48.11 30.26
N ARG C 235 -9.29 46.92 30.26
CA ARG C 235 -9.42 46.12 31.45
C ARG C 235 -9.04 44.68 31.16
N TYR C 236 -8.39 44.03 32.12
CA TYR C 236 -7.90 42.67 31.96
C TYR C 236 -8.71 41.70 32.81
N GLY C 237 -9.03 40.55 32.24
CA GLY C 237 -9.77 39.53 32.96
C GLY C 237 -9.13 38.16 32.82
N THR C 238 -9.01 37.44 33.93
CA THR C 238 -8.34 36.15 33.97
C THR C 238 -9.34 35.02 34.16
N THR C 239 -9.10 33.92 33.44
CA THR C 239 -9.91 32.72 33.57
C THR C 239 -8.98 31.52 33.64
N VAL C 240 -9.14 30.71 34.68
CA VAL C 240 -8.36 29.49 34.87
C VAL C 240 -9.31 28.30 34.83
N ASN C 241 -9.10 27.40 33.87
CA ASN C 241 -9.93 26.23 33.71
C ASN C 241 -9.05 24.99 33.81
N CYS C 242 -9.24 24.21 34.88
CA CYS C 242 -8.45 23.02 35.11
C CYS C 242 -9.07 21.83 34.39
N ILE C 243 -8.33 21.26 33.44
CA ILE C 243 -8.82 20.20 32.58
C ILE C 243 -8.02 18.92 32.80
N VAL C 244 -8.73 17.81 32.87
CA VAL C 244 -8.15 16.47 32.98
C VAL C 244 -8.70 15.65 31.82
N GLU C 245 -7.80 15.12 30.98
CA GLU C 245 -8.20 14.39 29.79
C GLU C 245 -7.55 13.02 29.77
N GLU C 246 -8.34 11.97 29.64
CA GLU C 246 -7.80 10.66 29.34
C GLU C 246 -7.45 10.60 27.86
N VAL C 247 -6.22 10.22 27.54
CA VAL C 247 -5.72 10.25 26.17
C VAL C 247 -5.04 8.93 25.86
N ASP C 248 -4.92 8.65 24.57
CA ASP C 248 -4.15 7.53 24.07
C ASP C 248 -2.73 7.97 23.81
N ALA C 249 -1.77 7.15 24.22
CA ALA C 249 -0.37 7.44 23.99
C ALA C 249 0.24 6.34 23.16
N ARG C 250 1.02 6.74 22.15
CA ARG C 250 1.63 5.81 21.20
C ARG C 250 3.12 6.01 21.15
N SER C 251 3.86 4.91 21.03
CA SER C 251 5.31 4.94 20.93
C SER C 251 5.75 4.00 19.82
N VAL C 252 6.92 4.29 19.24
CA VAL C 252 7.50 3.46 18.20
C VAL C 252 8.93 3.13 18.58
N TYR C 253 9.46 2.08 17.96
CA TYR C 253 10.80 1.61 18.26
C TYR C 253 11.80 2.73 18.00
N PRO C 254 12.80 2.92 18.88
CA PRO C 254 13.13 2.11 20.05
C PRO C 254 12.44 2.53 21.35
N TYR C 255 11.25 3.12 21.24
CA TYR C 255 10.42 3.46 22.40
C TYR C 255 11.15 4.41 23.36
N ASP C 256 11.81 5.42 22.79
CA ASP C 256 12.46 6.45 23.60
C ASP C 256 11.67 7.74 23.68
N GLU C 257 10.45 7.76 23.12
CA GLU C 257 9.57 8.92 23.18
C GLU C 257 8.19 8.49 22.75
N PHE C 258 7.16 9.15 23.27
CA PHE C 258 5.79 8.81 22.92
C PHE C 258 4.97 10.08 22.68
N VAL C 259 3.86 9.91 21.99
CA VAL C 259 2.95 11.00 21.61
C VAL C 259 1.60 10.75 22.27
N LEU C 260 0.87 11.83 22.48
CA LEU C 260 -0.48 11.77 22.99
C LEU C 260 -1.47 12.03 21.86
N ALA C 261 -2.74 11.70 22.12
CA ALA C 261 -3.77 11.85 21.11
C ALA C 261 -4.01 13.31 20.73
N THR C 262 -3.53 14.26 21.54
CA THR C 262 -3.67 15.69 21.25
C THR C 262 -2.59 16.21 20.31
N GLY C 263 -1.68 15.34 19.87
CA GLY C 263 -0.59 15.75 19.01
C GLY C 263 0.66 16.20 19.74
N ASP C 264 0.67 16.14 21.07
CA ASP C 264 1.83 16.54 21.83
C ASP C 264 2.85 15.40 21.90
N PHE C 265 4.12 15.77 21.92
CA PHE C 265 5.20 14.83 22.09
C PHE C 265 5.73 14.89 23.52
N VAL C 266 5.99 13.71 24.07
CA VAL C 266 6.61 13.58 25.39
C VAL C 266 7.94 12.86 25.18
N TYR C 267 9.03 13.61 25.29
CA TYR C 267 10.36 13.11 24.92
C TYR C 267 10.97 12.30 26.06
N MET C 268 10.28 11.22 26.41
CA MET C 268 10.79 10.30 27.40
C MET C 268 10.19 8.93 27.14
N SER C 269 10.97 7.90 27.42
CA SER C 269 10.53 6.53 27.18
C SER C 269 9.32 6.22 28.05
N PRO C 270 8.29 5.57 27.51
CA PRO C 270 7.13 5.20 28.32
C PRO C 270 7.47 4.24 29.44
N PHE C 271 8.62 3.56 29.35
CA PHE C 271 9.06 2.60 30.34
C PHE C 271 10.13 3.18 31.26
N TYR C 272 10.34 4.48 31.21
CA TYR C 272 11.25 5.13 32.15
C TYR C 272 10.68 5.06 33.56
N GLY C 273 11.55 4.82 34.53
CA GLY C 273 11.14 4.67 35.90
C GLY C 273 12.32 4.74 36.84
N TYR C 274 12.16 4.09 37.99
CA TYR C 274 13.17 4.09 39.04
C TYR C 274 13.65 2.70 39.41
N ARG C 275 13.10 1.65 38.79
CA ARG C 275 13.24 0.29 39.28
C ARG C 275 13.72 -0.65 38.19
N GLU C 276 14.65 -1.55 38.55
CA GLU C 276 15.15 -2.63 37.71
C GLU C 276 15.49 -2.17 36.30
N GLY C 277 16.47 -1.29 36.22
CA GLY C 277 17.04 -0.90 34.95
C GLY C 277 16.17 -0.02 34.09
N SER C 278 15.05 0.47 34.61
CA SER C 278 14.20 1.39 33.89
C SER C 278 14.71 2.82 33.92
N HIS C 279 15.74 3.11 34.73
CA HIS C 279 16.37 4.41 34.75
C HIS C 279 17.38 4.59 33.63
N THR C 280 17.70 3.54 32.88
CA THR C 280 18.54 3.64 31.71
C THR C 280 17.77 4.06 30.46
N GLU C 281 16.44 4.09 30.53
CA GLU C 281 15.64 4.52 29.39
C GLU C 281 15.85 6.01 29.14
N HIS C 282 15.55 6.42 27.90
CA HIS C 282 15.82 7.77 27.49
C HIS C 282 14.91 8.76 28.21
N THR C 283 15.49 9.87 28.64
CA THR C 283 14.75 11.00 29.19
C THR C 283 15.40 12.28 28.71
N SER C 284 14.57 13.22 28.26
CA SER C 284 15.05 14.51 27.78
C SER C 284 14.74 15.66 28.73
N TYR C 285 14.08 15.39 29.85
CA TYR C 285 13.72 16.41 30.81
C TYR C 285 14.58 16.31 32.06
N ALA C 286 14.55 17.38 32.85
CA ALA C 286 15.29 17.41 34.11
C ALA C 286 14.73 16.38 35.08
N ALA C 287 15.59 15.95 36.01
CA ALA C 287 15.19 14.92 36.96
C ALA C 287 14.08 15.38 37.89
N ASP C 288 13.91 16.69 38.06
CA ASP C 288 12.88 17.21 38.94
C ASP C 288 11.53 17.37 38.25
N ARG C 289 11.47 17.17 36.94
CA ARG C 289 10.20 17.20 36.22
C ARG C 289 9.50 15.86 36.19
N PHE C 290 10.18 14.79 36.62
CA PHE C 290 9.63 13.45 36.62
C PHE C 290 9.55 12.90 38.03
N LYS C 291 8.45 12.21 38.32
CA LYS C 291 8.23 11.64 39.64
C LYS C 291 7.46 10.33 39.48
N GLN C 292 7.99 9.26 40.03
CA GLN C 292 7.33 7.96 39.98
C GLN C 292 6.79 7.67 41.37
N VAL C 293 5.46 7.61 41.49
CA VAL C 293 4.80 7.37 42.76
C VAL C 293 4.36 5.92 42.79
N ASP C 294 4.76 5.20 43.83
CA ASP C 294 4.34 3.82 44.01
C ASP C 294 3.35 3.74 45.15
N GLY C 295 2.47 2.75 45.08
CA GLY C 295 1.35 2.73 46.00
C GLY C 295 0.38 3.85 45.68
N PHE C 296 0.05 3.98 44.39
CA PHE C 296 -0.86 5.00 43.92
C PHE C 296 -2.26 4.41 43.79
N TYR C 297 -3.23 5.04 44.43
CA TYR C 297 -4.62 4.60 44.42
C TYR C 297 -5.43 5.55 43.57
N ALA C 298 -5.69 5.16 42.33
CA ALA C 298 -6.35 6.04 41.37
C ALA C 298 -7.82 6.20 41.71
N ARG C 299 -8.35 7.40 41.51
CA ARG C 299 -9.74 7.73 41.76
C ARG C 299 -10.40 8.02 40.42
N ASP C 300 -11.47 7.28 40.11
CA ASP C 300 -12.28 7.60 38.95
C ASP C 300 -13.04 8.89 39.21
N LEU C 301 -12.95 9.84 38.28
CA LEU C 301 -13.54 11.15 38.51
C LEU C 301 -15.03 11.19 38.22
N THR C 302 -15.58 10.18 37.54
CA THR C 302 -17.02 10.10 37.31
C THR C 302 -17.71 9.29 38.40
N THR C 303 -17.28 8.04 38.59
CA THR C 303 -17.88 7.17 39.58
C THR C 303 -17.45 7.52 41.01
N LYS C 304 -16.37 8.29 41.16
CA LYS C 304 -15.82 8.64 42.47
C LYS C 304 -15.50 7.41 43.30
N ALA C 305 -15.00 6.36 42.63
CA ALA C 305 -14.63 5.11 43.28
C ALA C 305 -13.13 4.90 43.12
N ARG C 306 -12.44 4.76 44.24
CA ARG C 306 -10.99 4.60 44.22
C ARG C 306 -10.61 3.14 44.01
N ALA C 307 -9.62 2.92 43.14
CA ALA C 307 -9.14 1.57 42.88
C ALA C 307 -8.39 1.04 44.09
N THR C 308 -8.71 -0.20 44.48
CA THR C 308 -8.08 -0.79 45.67
C THR C 308 -6.66 -1.23 45.39
N SER C 309 -6.38 -1.69 44.17
CA SER C 309 -5.07 -2.21 43.84
C SER C 309 -4.10 -1.06 43.59
N PRO C 310 -2.95 -1.01 44.28
CA PRO C 310 -1.98 0.05 44.01
C PRO C 310 -1.34 -0.13 42.64
N THR C 311 -0.90 0.98 42.06
CA THR C 311 -0.22 0.98 40.79
C THR C 311 1.00 1.90 40.85
N THR C 312 1.97 1.60 40.00
CA THR C 312 3.14 2.45 39.83
C THR C 312 2.82 3.51 38.78
N ARG C 313 2.78 4.77 39.21
CA ARG C 313 2.31 5.86 38.38
C ARG C 313 3.47 6.81 38.08
N ASN C 314 3.85 6.91 36.81
CA ASN C 314 4.79 7.94 36.39
C ASN C 314 4.04 9.25 36.15
N LEU C 315 4.65 10.34 36.59
CA LEU C 315 4.12 11.68 36.35
C LEU C 315 5.25 12.52 35.79
N LEU C 316 4.96 13.27 34.73
CA LEU C 316 5.93 14.16 34.10
C LEU C 316 5.29 15.52 33.93
N THR C 317 6.00 16.57 34.34
CA THR C 317 5.53 17.94 34.21
C THR C 317 6.26 18.55 33.01
N THR C 318 5.63 18.46 31.85
CA THR C 318 6.12 19.18 30.68
C THR C 318 5.78 20.66 30.84
N PRO C 319 6.43 21.54 30.06
CA PRO C 319 6.14 22.97 30.18
C PRO C 319 4.68 23.34 29.88
N LYS C 320 3.95 22.50 29.14
CA LYS C 320 2.60 22.84 28.71
C LYS C 320 1.52 22.01 29.39
N PHE C 321 1.86 20.83 29.91
CA PHE C 321 0.89 19.94 30.52
C PHE C 321 1.60 18.99 31.47
N THR C 322 0.82 18.16 32.16
CA THR C 322 1.35 17.11 33.02
C THR C 322 0.78 15.79 32.56
N VAL C 323 1.64 14.85 32.22
CA VAL C 323 1.18 13.52 31.84
C VAL C 323 1.36 12.58 33.02
N ALA C 324 0.44 11.63 33.15
CA ALA C 324 0.55 10.58 34.13
C ALA C 324 0.15 9.27 33.47
N TRP C 325 0.92 8.21 33.73
CA TRP C 325 0.59 6.92 33.15
C TRP C 325 1.11 5.80 34.04
N ASP C 326 0.41 4.68 34.02
CA ASP C 326 0.81 3.51 34.79
C ASP C 326 2.07 2.89 34.20
N TRP C 327 3.03 2.60 35.07
CA TRP C 327 4.32 2.05 34.66
C TRP C 327 4.22 0.54 34.52
N VAL C 328 4.74 0.03 33.40
CA VAL C 328 4.85 -1.40 33.16
C VAL C 328 6.27 -1.68 32.67
N PRO C 329 6.83 -2.87 32.95
CA PRO C 329 8.17 -3.18 32.46
C PRO C 329 8.20 -3.22 30.93
N LYS C 330 9.34 -2.84 30.36
CA LYS C 330 9.47 -2.74 28.92
C LYS C 330 9.50 -4.11 28.26
N ARG C 331 10.24 -5.05 28.85
CA ARG C 331 10.53 -6.31 28.18
C ARG C 331 9.27 -7.11 27.85
N PRO C 332 8.32 -7.33 28.77
CA PRO C 332 7.12 -8.09 28.41
C PRO C 332 5.99 -7.27 27.82
N ALA C 333 6.23 -6.02 27.41
CA ALA C 333 5.19 -5.14 26.90
C ALA C 333 5.30 -4.91 25.39
N VAL C 334 6.51 -4.69 24.89
CA VAL C 334 6.72 -4.41 23.49
C VAL C 334 7.41 -5.59 22.83
N CYS C 335 7.31 -5.67 21.50
CA CYS C 335 7.92 -6.76 20.76
C CYS C 335 8.07 -6.34 19.31
N THR C 336 9.17 -6.76 18.69
CA THR C 336 9.50 -6.37 17.33
C THR C 336 8.88 -7.29 16.28
N MET C 337 8.32 -8.43 16.69
CA MET C 337 7.64 -9.34 15.78
C MET C 337 6.24 -9.60 16.30
N THR C 338 5.28 -9.59 15.39
CA THR C 338 3.89 -9.85 15.73
C THR C 338 3.43 -11.12 15.02
N LYS C 339 2.59 -11.90 15.68
CA LYS C 339 2.09 -13.13 15.10
C LYS C 339 1.16 -12.83 13.95
N TRP C 340 1.39 -13.49 12.81
CA TRP C 340 0.63 -13.24 11.60
C TRP C 340 -0.28 -14.40 11.21
N GLN C 341 0.25 -15.62 11.15
CA GLN C 341 -0.54 -16.76 10.72
C GLN C 341 -0.29 -17.96 11.63
N GLU C 342 -1.29 -18.81 11.74
CA GLU C 342 -1.20 -20.08 12.44
C GLU C 342 -1.52 -21.19 11.44
N VAL C 343 -0.56 -22.08 11.21
CA VAL C 343 -0.68 -23.13 10.22
C VAL C 343 -0.79 -24.46 10.95
N ASP C 344 -1.98 -25.08 10.84
CA ASP C 344 -2.17 -26.39 11.44
C ASP C 344 -1.30 -27.45 10.76
N GLU C 345 -1.26 -27.43 9.44
CA GLU C 345 -0.53 -28.42 8.65
C GLU C 345 0.51 -27.67 7.80
N MET C 346 1.74 -27.62 8.31
CA MET C 346 2.86 -27.01 7.60
C MET C 346 3.85 -28.11 7.25
N LEU C 347 3.81 -28.58 6.02
CA LEU C 347 4.72 -29.64 5.59
C LEU C 347 6.12 -29.08 5.41
N ARG C 348 7.10 -29.77 5.98
CA ARG C 348 8.50 -29.36 5.84
C ARG C 348 9.22 -30.37 4.96
N ALA C 349 9.93 -29.86 3.95
CA ALA C 349 10.71 -30.69 3.05
C ALA C 349 12.14 -30.19 3.01
N GLU C 350 13.09 -31.12 2.89
CA GLU C 350 14.50 -30.77 2.80
C GLU C 350 14.98 -30.98 1.38
N TYR C 351 15.53 -29.92 0.77
CA TYR C 351 15.94 -29.97 -0.62
C TYR C 351 16.97 -28.89 -0.91
N GLY C 352 18.01 -29.25 -1.66
CA GLY C 352 19.04 -28.29 -2.03
C GLY C 352 19.72 -27.62 -0.85
N GLY C 353 19.81 -28.32 0.26
CA GLY C 353 20.37 -27.72 1.46
C GLY C 353 19.53 -26.58 2.01
N SER C 354 18.21 -26.69 1.89
CA SER C 354 17.30 -25.69 2.43
C SER C 354 15.98 -26.35 2.78
N PHE C 355 15.21 -25.68 3.63
CA PHE C 355 13.91 -26.16 4.05
C PHE C 355 12.80 -25.44 3.28
N ARG C 356 11.78 -26.19 2.87
CA ARG C 356 10.58 -25.64 2.28
C ARG C 356 9.42 -25.93 3.23
N PHE C 357 8.76 -24.88 3.71
CA PHE C 357 7.56 -25.01 4.52
C PHE C 357 6.36 -24.67 3.65
N SER C 358 5.55 -25.66 3.33
CA SER C 358 4.39 -25.50 2.47
C SER C 358 3.13 -25.62 3.29
N SER C 359 2.23 -24.64 3.15
CA SER C 359 0.94 -24.64 3.82
C SER C 359 -0.15 -24.67 2.75
N ASP C 360 -0.99 -25.71 2.81
CA ASP C 360 -2.06 -25.89 1.84
C ASP C 360 -3.22 -24.94 2.13
N ALA C 361 -3.54 -24.71 3.41
CA ALA C 361 -4.71 -23.90 3.76
C ALA C 361 -4.58 -22.48 3.25
N ILE C 362 -3.40 -21.87 3.42
CA ILE C 362 -3.14 -20.53 2.92
C ILE C 362 -2.38 -20.54 1.61
N SER C 363 -1.97 -21.72 1.12
CA SER C 363 -1.29 -21.84 -0.16
C SER C 363 -0.03 -20.99 -0.19
N THR C 364 0.91 -21.32 0.69
CA THR C 364 2.11 -20.49 0.84
C THR C 364 3.31 -21.38 1.10
N THR C 365 4.40 -21.14 0.36
CA THR C 365 5.63 -21.89 0.54
C THR C 365 6.75 -20.93 0.92
N PHE C 366 7.35 -21.16 2.09
CA PHE C 366 8.49 -20.40 2.56
C PHE C 366 9.76 -21.22 2.37
N THR C 367 10.85 -20.53 2.05
CA THR C 367 12.16 -21.16 1.88
C THR C 367 13.10 -20.62 2.95
N THR C 368 13.68 -21.52 3.74
CA THR C 368 14.54 -21.16 4.85
C THR C 368 15.86 -21.90 4.72
N ASN C 369 16.89 -21.38 5.39
CA ASN C 369 18.16 -22.09 5.47
C ASN C 369 18.03 -23.31 6.39
N LEU C 370 19.01 -24.20 6.28
CA LEU C 370 18.96 -25.45 7.04
C LEU C 370 19.07 -25.18 8.55
N THR C 371 19.92 -24.24 8.94
CA THR C 371 20.15 -23.99 10.35
C THR C 371 18.97 -23.23 10.96
N GLN C 372 18.86 -23.33 12.28
CA GLN C 372 17.80 -22.66 13.01
C GLN C 372 18.13 -21.17 13.15
N TYR C 373 17.17 -20.41 13.66
CA TYR C 373 17.36 -19.00 13.95
C TYR C 373 17.38 -18.81 15.46
N SER C 374 18.49 -18.27 15.96
CA SER C 374 18.64 -18.03 17.39
C SER C 374 17.71 -16.91 17.83
N LEU C 375 16.71 -17.24 18.64
CA LEU C 375 15.73 -16.23 19.05
C LEU C 375 16.37 -15.13 19.90
N SER C 376 17.56 -15.37 20.44
CA SER C 376 18.27 -14.33 21.17
C SER C 376 18.73 -13.19 20.27
N ARG C 377 18.77 -13.41 18.95
CA ARG C 377 19.18 -12.36 18.04
C ARG C 377 18.09 -11.31 17.82
N VAL C 378 16.83 -11.67 18.11
CA VAL C 378 15.72 -10.75 17.88
C VAL C 378 15.66 -9.75 19.03
N ASP C 379 15.70 -8.46 18.70
CA ASP C 379 15.58 -7.42 19.70
C ASP C 379 14.16 -7.38 20.25
N LEU C 380 14.04 -7.39 21.58
CA LEU C 380 12.75 -7.36 22.26
C LEU C 380 11.85 -8.48 21.74
N GLY C 381 12.44 -9.65 21.51
CA GLY C 381 11.71 -10.76 20.94
C GLY C 381 11.25 -11.77 21.96
N ASP C 382 10.76 -11.30 23.11
CA ASP C 382 10.27 -12.18 24.15
C ASP C 382 8.78 -12.46 24.05
N CYS C 383 8.10 -11.95 23.03
CA CYS C 383 6.73 -12.40 22.77
C CYS C 383 6.70 -13.64 21.91
N ILE C 384 7.75 -13.84 21.10
CA ILE C 384 7.73 -14.88 20.08
C ILE C 384 7.63 -16.26 20.71
N GLY C 385 8.47 -16.52 21.72
CA GLY C 385 8.47 -17.84 22.33
C GLY C 385 7.13 -18.16 22.97
N ARG C 386 6.59 -17.23 23.76
CA ARG C 386 5.34 -17.50 24.46
C ARG C 386 4.17 -17.62 23.49
N ASP C 387 4.11 -16.75 22.47
CA ASP C 387 3.03 -16.83 21.51
C ASP C 387 3.09 -18.13 20.72
N ALA C 388 4.29 -18.50 20.27
CA ALA C 388 4.45 -19.73 19.50
C ALA C 388 4.08 -20.94 20.35
N ARG C 389 4.54 -21.00 21.60
CA ARG C 389 4.23 -22.12 22.46
C ARG C 389 2.73 -22.22 22.70
N GLU C 390 2.08 -21.08 23.00
CA GLU C 390 0.65 -21.10 23.26
C GLU C 390 -0.13 -21.56 22.05
N ALA C 391 0.16 -21.00 20.87
CA ALA C 391 -0.58 -21.34 19.67
C ALA C 391 -0.35 -22.80 19.29
N ILE C 392 0.91 -23.26 19.35
CA ILE C 392 1.22 -24.63 19.00
C ILE C 392 0.51 -25.60 19.93
N ASP C 393 0.54 -25.34 21.24
CA ASP C 393 -0.16 -26.20 22.17
C ASP C 393 -1.67 -26.21 21.90
N ARG C 394 -2.24 -25.03 21.64
CA ARG C 394 -3.68 -24.94 21.42
C ARG C 394 -4.10 -25.76 20.20
N MET C 395 -3.40 -25.59 19.08
CA MET C 395 -3.82 -26.27 17.87
C MET C 395 -3.45 -27.76 17.90
N PHE C 396 -2.35 -28.13 18.56
CA PHE C 396 -2.04 -29.54 18.74
C PHE C 396 -3.12 -30.24 19.56
N ALA C 397 -3.56 -29.60 20.66
CA ALA C 397 -4.65 -30.18 21.43
C ALA C 397 -5.95 -30.19 20.63
N ARG C 398 -6.15 -29.19 19.78
CA ARG C 398 -7.42 -29.06 19.07
C ARG C 398 -7.58 -30.14 18.00
N LYS C 399 -6.54 -30.40 17.20
CA LYS C 399 -6.74 -31.29 16.06
C LYS C 399 -5.83 -32.51 16.07
N TYR C 400 -4.55 -32.34 16.39
CA TYR C 400 -3.59 -33.44 16.47
C TYR C 400 -3.46 -34.05 17.87
N ASN C 401 -4.52 -34.02 18.67
CA ASN C 401 -4.44 -34.58 20.01
C ASN C 401 -4.34 -36.11 19.99
N ALA C 402 -5.18 -36.76 19.20
CA ALA C 402 -5.38 -38.20 19.31
C ALA C 402 -4.59 -39.02 18.29
N THR C 403 -3.84 -38.38 17.39
CA THR C 403 -3.19 -39.12 16.32
C THR C 403 -1.68 -38.92 16.30
N HIS C 404 -1.23 -37.75 16.71
CA HIS C 404 0.18 -37.37 16.57
C HIS C 404 0.78 -37.01 17.92
N ILE C 405 2.10 -37.03 17.97
CA ILE C 405 2.86 -36.65 19.15
C ILE C 405 3.98 -35.70 18.72
N LYS C 406 4.35 -34.80 19.63
CA LYS C 406 5.37 -33.82 19.33
C LYS C 406 6.76 -34.47 19.28
N VAL C 407 7.68 -33.82 18.57
CA VAL C 407 9.07 -34.27 18.49
C VAL C 407 9.94 -33.08 18.87
N GLY C 408 10.30 -32.99 20.15
CA GLY C 408 11.20 -31.95 20.61
C GLY C 408 10.52 -30.60 20.76
N GLN C 409 11.31 -29.65 21.24
CA GLN C 409 10.84 -28.29 21.41
C GLN C 409 10.68 -27.62 20.05
N PRO C 410 9.81 -26.60 19.95
CA PRO C 410 9.66 -25.89 18.68
C PRO C 410 10.96 -25.26 18.23
N GLN C 411 11.20 -25.31 16.92
CA GLN C 411 12.36 -24.69 16.30
C GLN C 411 11.94 -23.39 15.62
N TYR C 412 12.92 -22.54 15.35
CA TYR C 412 12.66 -21.24 14.75
C TYR C 412 13.54 -21.06 13.53
N TYR C 413 12.93 -20.70 12.41
CA TYR C 413 13.63 -20.50 11.15
C TYR C 413 13.27 -19.15 10.57
N LEU C 414 14.18 -18.61 9.77
CA LEU C 414 13.98 -17.34 9.08
C LEU C 414 13.77 -17.62 7.60
N ALA C 415 12.63 -17.14 7.08
CA ALA C 415 12.21 -17.39 5.71
C ALA C 415 12.35 -16.12 4.90
N THR C 416 12.75 -16.30 3.63
CA THR C 416 13.01 -15.18 2.73
C THR C 416 11.80 -14.26 2.65
N GLY C 417 12.08 -12.96 2.60
CA GLY C 417 11.06 -11.97 2.81
C GLY C 417 10.93 -11.53 4.25
N GLY C 418 11.64 -12.18 5.17
CA GLY C 418 11.66 -11.77 6.56
C GLY C 418 10.50 -12.31 7.37
N PHE C 419 10.31 -13.63 7.37
CA PHE C 419 9.25 -14.25 8.15
C PHE C 419 9.87 -15.18 9.17
N LEU C 420 9.31 -15.23 10.37
CA LEU C 420 9.83 -16.11 11.42
C LEU C 420 8.87 -17.27 11.59
N ILE C 421 9.32 -18.47 11.25
CA ILE C 421 8.51 -19.67 11.34
C ILE C 421 8.89 -20.43 12.59
N ALA C 422 7.93 -20.59 13.51
CA ALA C 422 8.08 -21.47 14.66
C ALA C 422 7.42 -22.79 14.30
N TYR C 423 8.22 -23.84 14.20
CA TYR C 423 7.81 -25.12 13.69
C TYR C 423 7.86 -26.17 14.81
N GLN C 424 6.78 -26.94 14.93
CA GLN C 424 6.72 -28.07 15.84
C GLN C 424 6.57 -29.34 15.03
N PRO C 425 7.62 -30.13 14.84
CA PRO C 425 7.49 -31.38 14.09
C PRO C 425 6.73 -32.43 14.88
N LEU C 426 6.02 -33.29 14.15
CA LEU C 426 5.14 -34.27 14.76
C LEU C 426 5.37 -35.64 14.13
N LEU C 427 5.05 -36.68 14.90
CA LEU C 427 5.09 -38.05 14.43
C LEU C 427 3.77 -38.73 14.74
N SER C 428 3.22 -39.43 13.75
CA SER C 428 1.97 -40.16 13.97
C SER C 428 2.22 -41.40 14.85
N ASN C 429 1.18 -41.81 15.56
CA ASN C 429 1.29 -42.99 16.41
C ASN C 429 1.50 -44.27 15.61
N THR C 430 1.09 -44.28 14.34
CA THR C 430 1.25 -45.43 13.48
C THR C 430 2.72 -45.63 13.11
N VAL C 465 22.15 -8.60 17.65
CA VAL C 465 20.82 -8.08 17.99
C VAL C 465 20.34 -7.12 16.90
N GLU C 466 19.47 -7.62 16.03
CA GLU C 466 19.01 -6.87 14.87
C GLU C 466 17.53 -7.17 14.64
N ARG C 467 16.88 -6.25 13.93
CA ARG C 467 15.46 -6.35 13.62
C ARG C 467 15.27 -6.95 12.25
N ILE C 468 14.29 -7.85 12.13
CA ILE C 468 13.97 -8.49 10.86
C ILE C 468 12.99 -7.62 10.11
N LYS C 469 13.34 -7.27 8.87
CA LYS C 469 12.46 -6.50 7.99
C LYS C 469 11.68 -7.46 7.10
N THR C 470 10.36 -7.27 7.08
CA THR C 470 9.46 -8.18 6.37
C THR C 470 8.91 -7.49 5.13
N THR C 471 8.92 -8.19 4.00
CA THR C 471 8.35 -7.68 2.77
C THR C 471 6.83 -7.57 2.92
N SER C 472 6.25 -6.65 2.15
CA SER C 472 4.82 -6.38 2.21
C SER C 472 4.00 -7.23 1.25
N SER C 473 4.66 -8.04 0.42
CA SER C 473 3.98 -8.87 -0.57
C SER C 473 4.33 -10.33 -0.32
N ILE C 474 3.33 -11.12 0.08
CA ILE C 474 3.51 -12.56 0.20
C ILE C 474 3.29 -13.27 -1.12
N GLU C 475 3.04 -12.53 -2.19
CA GLU C 475 2.64 -13.14 -3.45
C GLU C 475 3.76 -14.00 -4.05
N PHE C 476 5.00 -13.71 -3.69
CA PHE C 476 6.12 -14.53 -4.14
C PHE C 476 5.99 -15.95 -3.60
N ALA C 477 5.59 -16.08 -2.34
CA ALA C 477 5.46 -17.40 -1.73
C ALA C 477 4.25 -18.15 -2.29
N ARG C 478 3.17 -17.43 -2.57
CA ARG C 478 2.00 -18.06 -3.18
C ARG C 478 2.33 -18.53 -4.60
N LEU C 479 3.06 -17.73 -5.35
CA LEU C 479 3.53 -18.15 -6.67
C LEU C 479 4.43 -19.37 -6.56
N GLN C 480 5.31 -19.38 -5.55
CA GLN C 480 6.16 -20.53 -5.31
C GLN C 480 5.33 -21.78 -5.06
N PHE C 481 4.31 -21.68 -4.21
CA PHE C 481 3.48 -22.82 -3.88
C PHE C 481 2.75 -23.34 -5.12
N THR C 482 2.14 -22.44 -5.89
CA THR C 482 1.39 -22.84 -7.07
C THR C 482 2.31 -23.50 -8.09
N TYR C 483 3.46 -22.90 -8.36
CA TYR C 483 4.41 -23.47 -9.30
C TYR C 483 4.90 -24.83 -8.82
N ASN C 484 5.18 -24.96 -7.52
CA ASN C 484 5.67 -26.22 -6.99
C ASN C 484 4.61 -27.32 -7.14
N HIS C 485 3.35 -26.97 -6.88
CA HIS C 485 2.27 -27.94 -6.96
C HIS C 485 2.11 -28.44 -8.39
N ILE C 486 2.05 -27.50 -9.34
CA ILE C 486 1.88 -27.85 -10.74
C ILE C 486 3.08 -28.64 -11.23
N GLN C 487 4.29 -28.21 -10.84
CA GLN C 487 5.51 -28.91 -11.21
C GLN C 487 5.50 -30.34 -10.71
N ARG C 488 5.12 -30.54 -9.45
CA ARG C 488 5.13 -31.88 -8.87
C ARG C 488 4.17 -32.79 -9.61
N HIS C 489 2.96 -32.31 -9.88
CA HIS C 489 1.99 -33.14 -10.58
C HIS C 489 2.46 -33.47 -12.00
N VAL C 490 2.95 -32.46 -12.72
CA VAL C 490 3.38 -32.67 -14.10
C VAL C 490 4.56 -33.64 -14.15
N ASN C 491 5.53 -33.45 -13.26
CA ASN C 491 6.70 -34.32 -13.24
C ASN C 491 6.35 -35.74 -12.84
N ASP C 492 5.36 -35.94 -11.96
CA ASP C 492 4.90 -37.28 -11.65
C ASP C 492 4.24 -37.93 -12.85
N MET C 493 3.29 -37.22 -13.49
CA MET C 493 2.49 -37.82 -14.54
C MET C 493 3.33 -38.11 -15.79
N LEU C 494 4.16 -37.16 -16.20
CA LEU C 494 4.99 -37.39 -17.37
C LEU C 494 6.07 -38.42 -17.12
N GLY C 495 6.60 -38.49 -15.91
CA GLY C 495 7.51 -39.58 -15.57
C GLY C 495 6.84 -40.94 -15.68
N ARG C 496 5.60 -41.03 -15.19
CA ARG C 496 4.83 -42.26 -15.32
C ARG C 496 4.62 -42.59 -16.80
N ILE C 497 4.32 -41.58 -17.61
CA ILE C 497 4.10 -41.80 -19.03
C ILE C 497 5.37 -42.32 -19.69
N ALA C 498 6.52 -41.76 -19.33
CA ALA C 498 7.79 -42.20 -19.90
C ALA C 498 8.07 -43.65 -19.53
N VAL C 499 7.87 -44.01 -18.26
CA VAL C 499 8.09 -45.38 -17.83
C VAL C 499 7.18 -46.34 -18.59
N ALA C 500 5.89 -45.97 -18.71
CA ALA C 500 4.94 -46.83 -19.40
C ALA C 500 5.32 -46.97 -20.88
N TRP C 501 5.78 -45.89 -21.50
CA TRP C 501 6.17 -45.94 -22.91
C TRP C 501 7.35 -46.89 -23.10
N CYS C 502 8.35 -46.79 -22.22
CA CYS C 502 9.50 -47.67 -22.31
C CYS C 502 9.10 -49.14 -22.15
N GLU C 503 8.25 -49.41 -21.16
CA GLU C 503 7.79 -50.78 -20.97
C GLU C 503 7.01 -51.27 -22.19
N LEU C 504 6.20 -50.40 -22.79
CA LEU C 504 5.44 -50.78 -23.97
C LEU C 504 6.35 -51.15 -25.13
N GLN C 505 7.40 -50.37 -25.34
CA GLN C 505 8.33 -50.67 -26.43
C GLN C 505 9.04 -52.01 -26.19
N ASN C 506 9.56 -52.19 -24.98
CA ASN C 506 10.23 -53.44 -24.64
C ASN C 506 9.28 -54.62 -24.79
N HIS C 507 7.99 -54.38 -24.56
CA HIS C 507 7.02 -55.47 -24.60
C HIS C 507 6.63 -55.80 -26.04
N GLU C 508 6.57 -54.78 -26.89
CA GLU C 508 6.23 -54.97 -28.30
C GLU C 508 7.37 -55.61 -29.07
N LEU C 509 8.59 -55.51 -28.53
CA LEU C 509 9.71 -56.20 -29.17
C LEU C 509 9.42 -57.67 -29.39
N THR C 510 8.68 -58.29 -28.48
CA THR C 510 8.34 -59.70 -28.64
C THR C 510 7.49 -59.93 -29.88
N LEU C 511 6.49 -59.08 -30.12
CA LEU C 511 5.67 -59.22 -31.32
C LEU C 511 6.50 -58.97 -32.58
N TRP C 512 7.45 -58.04 -32.49
CA TRP C 512 8.33 -57.78 -33.63
C TRP C 512 9.17 -59.02 -33.96
N ASN C 513 9.64 -59.73 -32.93
CA ASN C 513 10.47 -60.91 -33.14
C ASN C 513 9.75 -62.00 -33.93
N GLU C 514 8.43 -62.13 -33.79
CA GLU C 514 7.68 -63.10 -34.58
C GLU C 514 7.24 -62.54 -35.92
N ALA C 515 6.92 -61.24 -35.97
CA ALA C 515 6.57 -60.63 -37.24
C ALA C 515 7.73 -60.71 -38.22
N ARG C 516 8.97 -60.61 -37.74
CA ARG C 516 10.10 -60.76 -38.63
C ARG C 516 10.23 -62.19 -39.14
N LYS C 517 9.85 -63.17 -38.32
CA LYS C 517 9.82 -64.56 -38.79
C LYS C 517 8.75 -64.77 -39.84
N LEU C 518 7.63 -64.05 -39.74
CA LEU C 518 6.55 -64.22 -40.71
C LEU C 518 7.00 -63.82 -42.11
N ASN C 519 7.37 -62.55 -42.29
CA ASN C 519 7.91 -62.06 -43.55
C ASN C 519 8.98 -61.02 -43.27
N PRO C 520 10.26 -61.36 -43.46
CA PRO C 520 11.33 -60.42 -43.14
C PRO C 520 11.35 -59.18 -44.01
N ASN C 521 10.70 -59.21 -45.18
CA ASN C 521 10.77 -58.08 -46.10
C ASN C 521 10.15 -56.83 -45.48
N ALA C 522 8.88 -56.91 -45.10
CA ALA C 522 8.19 -55.74 -44.57
C ALA C 522 8.80 -55.27 -43.25
N ILE C 523 9.20 -56.22 -42.41
CA ILE C 523 9.78 -55.86 -41.12
C ILE C 523 11.10 -55.12 -41.32
N ALA C 524 11.94 -55.63 -42.24
CA ALA C 524 13.19 -54.95 -42.53
C ALA C 524 12.95 -53.56 -43.11
N SER C 525 11.98 -53.45 -44.03
CA SER C 525 11.69 -52.16 -44.64
C SER C 525 11.21 -51.16 -43.60
N ALA C 526 10.41 -51.63 -42.64
CA ALA C 526 9.89 -50.73 -41.61
C ALA C 526 10.98 -50.30 -40.63
N THR C 527 11.80 -51.25 -40.17
CA THR C 527 12.81 -50.92 -39.17
C THR C 527 13.97 -50.12 -39.75
N VAL C 528 14.49 -50.52 -40.90
CA VAL C 528 15.63 -49.81 -41.48
C VAL C 528 15.22 -48.45 -42.00
N GLY C 529 14.04 -48.35 -42.63
CA GLY C 529 13.55 -47.10 -43.17
C GLY C 529 13.61 -47.01 -44.68
N ARG C 530 14.28 -47.96 -45.35
CA ARG C 530 14.32 -47.99 -46.80
C ARG C 530 13.84 -49.36 -47.29
N ARG C 531 13.23 -49.37 -48.46
CA ARG C 531 12.67 -50.59 -49.02
C ARG C 531 13.80 -51.56 -49.35
N ALA C 532 13.97 -52.59 -48.51
CA ALA C 532 15.01 -53.58 -48.68
C ALA C 532 14.39 -54.97 -48.69
N SER C 533 15.11 -55.91 -49.29
CA SER C 533 14.74 -57.32 -49.24
C SER C 533 15.55 -57.99 -48.14
N ALA C 534 14.86 -58.78 -47.32
CA ALA C 534 15.48 -59.42 -46.17
C ALA C 534 15.20 -60.91 -46.20
N ARG C 535 16.15 -61.67 -45.65
CA ARG C 535 16.01 -63.11 -45.52
C ARG C 535 16.52 -63.53 -44.14
N MET C 536 15.93 -64.58 -43.59
CA MET C 536 16.36 -65.07 -42.29
C MET C 536 17.70 -65.77 -42.43
N LEU C 537 18.63 -65.43 -41.54
CA LEU C 537 19.98 -65.99 -41.60
C LEU C 537 20.28 -66.70 -40.28
N GLY C 538 19.32 -67.49 -39.82
CA GLY C 538 19.42 -68.14 -38.52
C GLY C 538 18.63 -67.37 -37.47
N ASP C 539 19.33 -66.70 -36.56
CA ASP C 539 18.71 -65.87 -35.55
C ASP C 539 18.87 -64.38 -35.84
N VAL C 540 19.35 -64.04 -37.02
CA VAL C 540 19.44 -62.64 -37.45
C VAL C 540 18.87 -62.56 -38.86
N MET C 541 18.68 -61.32 -39.32
CA MET C 541 18.05 -61.04 -40.59
C MET C 541 19.02 -60.27 -41.49
N ALA C 542 19.22 -60.78 -42.71
CA ALA C 542 20.16 -60.19 -43.66
C ALA C 542 19.40 -59.42 -44.73
N VAL C 543 19.82 -58.18 -44.97
CA VAL C 543 19.07 -57.25 -45.80
C VAL C 543 19.93 -56.78 -46.96
N SER C 544 19.25 -56.32 -48.02
CA SER C 544 19.90 -55.75 -49.19
C SER C 544 18.96 -54.74 -49.82
N THR C 545 19.49 -53.59 -50.22
CA THR C 545 18.66 -52.52 -50.75
C THR C 545 17.99 -52.92 -52.05
N CYS C 546 16.77 -52.42 -52.27
CA CYS C 546 16.02 -52.66 -53.49
C CYS C 546 15.93 -51.36 -54.29
N VAL C 547 16.41 -51.41 -55.54
CA VAL C 547 16.50 -50.22 -56.37
C VAL C 547 15.14 -49.86 -56.95
N PRO C 548 14.84 -48.56 -57.10
CA PRO C 548 13.51 -48.17 -57.57
C PRO C 548 13.31 -48.45 -59.05
N VAL C 549 12.02 -48.53 -59.42
CA VAL C 549 11.58 -48.63 -60.80
C VAL C 549 10.37 -47.74 -60.96
N ALA C 550 10.36 -46.93 -62.02
CA ALA C 550 9.25 -46.01 -62.25
C ALA C 550 7.96 -46.78 -62.53
N PRO C 551 6.80 -46.23 -62.13
CA PRO C 551 5.56 -46.96 -62.32
C PRO C 551 5.11 -47.06 -63.79
N ASP C 552 5.73 -46.31 -64.70
CA ASP C 552 5.31 -46.35 -66.09
C ASP C 552 5.98 -47.47 -66.89
N ASN C 553 6.90 -48.23 -66.29
CA ASN C 553 7.63 -49.27 -66.98
C ASN C 553 7.07 -50.66 -66.74
N VAL C 554 5.89 -50.76 -66.10
CA VAL C 554 5.35 -52.06 -65.71
C VAL C 554 4.05 -52.29 -66.47
N ILE C 555 3.93 -53.47 -67.08
CA ILE C 555 2.75 -53.85 -67.86
C ILE C 555 2.24 -55.19 -67.32
N VAL C 556 0.93 -55.26 -67.08
CA VAL C 556 0.31 -56.46 -66.54
C VAL C 556 -0.37 -57.23 -67.67
N GLN C 557 -0.08 -58.53 -67.75
CA GLN C 557 -0.74 -59.39 -68.73
C GLN C 557 -2.19 -59.63 -68.33
N ASN C 558 -3.02 -59.97 -69.32
CA ASN C 558 -4.45 -60.05 -69.11
C ASN C 558 -4.83 -61.18 -68.15
N SER C 559 -4.19 -62.34 -68.30
CA SER C 559 -4.55 -63.52 -67.51
C SER C 559 -3.31 -64.14 -66.90
N MET C 560 -3.46 -64.72 -65.71
CA MET C 560 -2.40 -65.49 -65.08
C MET C 560 -2.52 -66.98 -65.33
N ARG C 561 -3.48 -67.40 -66.17
CA ARG C 561 -3.62 -68.82 -66.47
C ARG C 561 -2.40 -69.33 -67.24
N VAL C 562 -1.98 -70.54 -66.91
CA VAL C 562 -0.82 -71.16 -67.52
C VAL C 562 -1.31 -72.03 -68.67
N SER C 563 -0.94 -71.65 -69.91
CA SER C 563 -1.35 -72.39 -71.08
C SER C 563 -0.58 -73.70 -71.25
N SER C 564 0.65 -73.76 -70.72
CA SER C 564 1.46 -74.96 -70.86
C SER C 564 1.16 -76.01 -69.79
N ARG C 565 0.37 -75.67 -68.78
CA ARG C 565 0.05 -76.58 -67.68
C ARG C 565 -1.38 -76.33 -67.23
N PRO C 566 -2.34 -77.10 -67.74
CA PRO C 566 -3.73 -76.92 -67.31
C PRO C 566 -3.91 -77.32 -65.85
N GLY C 567 -4.86 -76.65 -65.20
CA GLY C 567 -5.16 -76.92 -63.80
C GLY C 567 -4.27 -76.19 -62.81
N THR C 568 -3.02 -75.88 -63.19
CA THR C 568 -2.11 -75.15 -62.33
C THR C 568 -1.83 -73.78 -62.94
N CYS C 569 -1.87 -72.74 -62.11
CA CYS C 569 -1.77 -71.37 -62.61
C CYS C 569 -1.23 -70.48 -61.50
N TYR C 570 -0.73 -69.31 -61.92
CA TYR C 570 -0.06 -68.41 -60.99
C TYR C 570 -1.07 -67.78 -60.04
N SER C 571 -0.60 -67.54 -58.81
CA SER C 571 -1.43 -66.91 -57.77
C SER C 571 -1.24 -65.40 -57.72
N ARG C 572 -0.30 -64.85 -58.48
CA ARG C 572 -0.04 -63.42 -58.50
C ARG C 572 0.06 -62.94 -59.94
N PRO C 573 -0.28 -61.68 -60.21
CA PRO C 573 -0.36 -61.21 -61.58
C PRO C 573 0.98 -61.25 -62.29
N LEU C 574 0.93 -61.47 -63.61
CA LEU C 574 2.11 -61.36 -64.45
C LEU C 574 2.49 -59.90 -64.63
N VAL C 575 3.76 -59.66 -64.96
CA VAL C 575 4.27 -58.32 -65.11
C VAL C 575 5.48 -58.34 -66.03
N SER C 576 5.63 -57.26 -66.80
CA SER C 576 6.81 -57.02 -67.63
C SER C 576 7.32 -55.63 -67.28
N PHE C 577 8.59 -55.55 -66.89
CA PHE C 577 9.16 -54.30 -66.40
C PHE C 577 10.52 -54.08 -67.03
N ARG C 578 10.95 -52.81 -67.06
CA ARG C 578 12.24 -52.42 -67.58
C ARG C 578 12.83 -51.34 -66.68
N TYR C 579 14.12 -51.45 -66.39
CA TYR C 579 14.78 -50.47 -65.54
C TYR C 579 14.83 -49.10 -66.22
N GLU C 580 15.18 -49.09 -67.51
CA GLU C 580 15.31 -47.86 -68.28
C GLU C 580 14.22 -47.80 -69.34
N ASP C 581 14.09 -46.61 -69.94
CA ASP C 581 13.10 -46.44 -71.01
C ASP C 581 13.45 -47.29 -72.23
N GLN C 582 14.74 -47.37 -72.57
CA GLN C 582 15.19 -48.17 -73.71
C GLN C 582 15.75 -49.52 -73.30
N GLY C 583 15.60 -49.89 -72.02
CA GLY C 583 16.13 -51.15 -71.53
C GLY C 583 15.32 -52.33 -72.03
N PRO C 584 15.91 -53.53 -71.92
CA PRO C 584 15.19 -54.73 -72.33
C PRO C 584 14.01 -55.02 -71.42
N LEU C 585 13.00 -55.69 -72.00
CA LEU C 585 11.82 -56.07 -71.23
C LEU C 585 12.12 -57.34 -70.44
N ILE C 586 11.84 -57.32 -69.14
CA ILE C 586 12.07 -58.44 -68.25
C ILE C 586 10.74 -58.88 -67.67
N GLU C 587 10.44 -60.17 -67.81
CA GLU C 587 9.16 -60.70 -67.36
C GLU C 587 9.27 -61.29 -65.96
N GLY C 588 8.12 -61.35 -65.28
CA GLY C 588 8.08 -61.90 -63.94
C GLY C 588 6.66 -61.83 -63.40
N GLN C 589 6.55 -61.96 -62.07
CA GLN C 589 5.25 -61.87 -61.43
C GLN C 589 5.31 -60.80 -60.34
N LEU C 590 4.14 -60.22 -60.05
CA LEU C 590 4.04 -59.20 -59.03
C LEU C 590 4.26 -59.81 -57.64
N GLY C 591 4.67 -58.96 -56.70
CA GLY C 591 4.93 -59.42 -55.35
C GLY C 591 4.04 -58.72 -54.32
N GLU C 592 4.57 -58.55 -53.11
CA GLU C 592 3.83 -57.94 -52.03
C GLU C 592 4.22 -56.46 -51.92
N ASN C 593 3.22 -55.58 -52.00
CA ASN C 593 3.41 -54.14 -51.81
C ASN C 593 4.44 -53.60 -52.81
N ASN C 594 4.07 -53.68 -54.10
CA ASN C 594 4.88 -53.13 -55.19
C ASN C 594 6.28 -53.74 -55.21
N GLU C 595 6.33 -55.07 -55.33
CA GLU C 595 7.58 -55.79 -55.45
C GLU C 595 7.55 -56.62 -56.74
N LEU C 596 8.67 -56.61 -57.45
CA LEU C 596 8.80 -57.29 -58.72
C LEU C 596 9.64 -58.55 -58.51
N ARG C 597 9.07 -59.70 -58.86
CA ARG C 597 9.74 -60.98 -58.65
C ARG C 597 10.13 -61.58 -59.99
N LEU C 598 11.39 -62.00 -60.09
CA LEU C 598 11.87 -62.62 -61.33
C LEU C 598 11.41 -64.08 -61.43
N THR C 599 11.35 -64.80 -60.30
CA THR C 599 11.05 -66.21 -60.31
C THR C 599 9.53 -66.42 -60.24
N ARG C 600 9.01 -67.19 -61.19
CA ARG C 600 7.57 -67.45 -61.26
C ARG C 600 7.26 -68.81 -60.61
N ASP C 601 7.52 -68.86 -59.31
CA ASP C 601 7.30 -70.08 -58.54
C ASP C 601 6.00 -70.06 -57.75
N ALA C 602 5.16 -69.02 -57.92
CA ALA C 602 3.89 -68.92 -57.21
C ALA C 602 2.82 -69.64 -58.01
N LEU C 603 2.82 -70.97 -57.89
CA LEU C 603 1.88 -71.83 -58.61
C LEU C 603 0.85 -72.39 -57.62
N GLU C 604 -0.41 -72.38 -58.02
CA GLU C 604 -1.49 -72.94 -57.22
C GLU C 604 -2.47 -73.64 -58.14
N PRO C 605 -3.22 -74.62 -57.64
CA PRO C 605 -4.28 -75.22 -58.46
C PRO C 605 -5.44 -74.25 -58.61
N CYS C 606 -5.84 -74.01 -59.86
CA CYS C 606 -6.83 -73.00 -60.16
C CYS C 606 -8.18 -73.36 -59.54
N THR C 607 -8.88 -72.35 -59.03
CA THR C 607 -10.12 -72.54 -58.31
C THR C 607 -11.21 -71.67 -58.93
N VAL C 608 -12.41 -72.25 -59.04
CA VAL C 608 -13.55 -71.51 -59.58
C VAL C 608 -13.99 -70.45 -58.57
N GLY C 609 -14.28 -69.25 -59.07
CA GLY C 609 -14.65 -68.14 -58.22
C GLY C 609 -13.43 -67.37 -57.74
N HIS C 610 -12.49 -67.13 -58.65
CA HIS C 610 -11.25 -66.44 -58.35
C HIS C 610 -11.45 -64.95 -58.49
N ARG C 611 -11.61 -64.26 -57.36
CA ARG C 611 -11.72 -62.81 -57.32
C ARG C 611 -10.60 -62.30 -56.42
N ARG C 612 -9.71 -61.47 -56.96
CA ARG C 612 -8.53 -61.06 -56.21
C ARG C 612 -8.22 -59.59 -56.47
N TYR C 613 -7.72 -58.93 -55.41
CA TYR C 613 -7.20 -57.57 -55.51
C TYR C 613 -5.70 -57.63 -55.25
N PHE C 614 -4.95 -56.82 -56.00
CA PHE C 614 -3.51 -56.75 -55.82
C PHE C 614 -3.06 -55.30 -55.82
N ILE C 615 -2.19 -54.95 -54.87
CA ILE C 615 -1.66 -53.60 -54.82
C ILE C 615 -0.79 -53.36 -56.06
N PHE C 616 -1.15 -52.35 -56.84
CA PHE C 616 -0.46 -52.03 -58.08
C PHE C 616 -0.29 -50.52 -58.15
N GLY C 617 0.95 -50.07 -58.27
CA GLY C 617 1.20 -48.64 -58.29
C GLY C 617 0.69 -47.98 -57.02
N GLY C 618 -0.17 -46.99 -57.19
CA GLY C 618 -0.81 -46.34 -56.07
C GLY C 618 -2.23 -46.80 -55.78
N GLY C 619 -2.70 -47.84 -56.47
CA GLY C 619 -4.07 -48.30 -56.31
C GLY C 619 -4.12 -49.82 -56.26
N TYR C 620 -5.27 -50.37 -56.66
CA TYR C 620 -5.47 -51.80 -56.71
C TYR C 620 -5.77 -52.22 -58.15
N VAL C 621 -5.52 -53.49 -58.43
CA VAL C 621 -5.92 -54.11 -59.68
C VAL C 621 -6.73 -55.34 -59.34
N TYR C 622 -7.90 -55.49 -59.96
CA TYR C 622 -8.87 -56.51 -59.60
C TYR C 622 -8.95 -57.52 -60.74
N PHE C 623 -8.74 -58.80 -60.41
CA PHE C 623 -8.75 -59.91 -61.34
C PHE C 623 -9.95 -60.81 -61.02
N GLU C 624 -10.63 -61.27 -62.07
CA GLU C 624 -11.74 -62.20 -61.94
C GLU C 624 -11.38 -63.48 -62.71
N GLU C 625 -11.50 -64.62 -62.03
CA GLU C 625 -11.25 -65.94 -62.62
C GLU C 625 -9.91 -65.98 -63.33
N TYR C 626 -8.87 -65.57 -62.61
CA TYR C 626 -7.48 -65.63 -63.08
C TYR C 626 -7.27 -64.78 -64.33
N ALA C 627 -8.11 -63.77 -64.52
CA ALA C 627 -8.00 -62.87 -65.66
C ALA C 627 -8.24 -61.44 -65.20
N TYR C 628 -7.56 -60.50 -65.86
CA TYR C 628 -7.69 -59.09 -65.50
C TYR C 628 -9.13 -58.62 -65.66
N SER C 629 -9.62 -57.91 -64.64
CA SER C 629 -10.95 -57.31 -64.70
C SER C 629 -10.88 -55.79 -64.80
N HIS C 630 -10.25 -55.12 -63.85
CA HIS C 630 -10.17 -53.67 -63.96
C HIS C 630 -9.21 -53.09 -62.93
N GLN C 631 -8.64 -51.94 -63.26
CA GLN C 631 -7.92 -51.13 -62.29
C GLN C 631 -8.91 -50.50 -61.32
N LEU C 632 -8.38 -49.98 -60.20
CA LEU C 632 -9.24 -49.41 -59.19
C LEU C 632 -8.43 -48.46 -58.33
N SER C 633 -9.04 -47.32 -57.98
CA SER C 633 -8.40 -46.37 -57.08
C SER C 633 -8.43 -46.88 -55.65
N ARG C 634 -7.38 -46.52 -54.89
CA ARG C 634 -7.28 -46.99 -53.51
C ARG C 634 -8.37 -46.35 -52.64
N ALA C 635 -8.75 -45.11 -52.93
CA ALA C 635 -9.74 -44.41 -52.12
C ALA C 635 -11.14 -44.99 -52.29
N ASP C 636 -11.37 -45.82 -53.31
CA ASP C 636 -12.71 -46.33 -53.55
C ASP C 636 -13.05 -47.47 -52.59
N VAL C 637 -12.08 -48.29 -52.21
CA VAL C 637 -12.30 -49.39 -51.28
C VAL C 637 -12.40 -48.82 -49.88
N THR C 638 -13.44 -49.20 -49.15
CA THR C 638 -13.65 -48.66 -47.81
C THR C 638 -12.49 -49.03 -46.89
N THR C 639 -12.15 -48.11 -46.01
CA THR C 639 -10.96 -48.21 -45.18
C THR C 639 -11.36 -48.38 -43.72
N VAL C 640 -10.74 -49.36 -43.05
CA VAL C 640 -10.88 -49.55 -41.62
C VAL C 640 -9.57 -49.11 -40.96
N SER C 641 -9.69 -48.25 -39.95
CA SER C 641 -8.54 -47.62 -39.33
C SER C 641 -8.02 -48.51 -38.20
N THR C 642 -6.74 -48.83 -38.26
CA THR C 642 -6.08 -49.59 -37.20
C THR C 642 -5.37 -48.70 -36.19
N PHE C 643 -5.55 -47.38 -36.29
CA PHE C 643 -4.87 -46.42 -35.44
C PHE C 643 -5.77 -46.00 -34.29
N ILE C 644 -5.15 -45.68 -33.15
CA ILE C 644 -5.87 -45.14 -32.00
C ILE C 644 -5.68 -43.63 -32.01
N ASP C 645 -6.78 -42.89 -32.03
CA ASP C 645 -6.72 -41.43 -32.09
C ASP C 645 -6.32 -40.85 -30.75
N LEU C 646 -5.40 -39.88 -30.79
CA LEU C 646 -4.99 -39.13 -29.61
C LEU C 646 -4.93 -37.65 -29.99
N ASN C 647 -5.91 -36.88 -29.51
CA ASN C 647 -6.02 -35.47 -29.87
C ASN C 647 -5.43 -34.63 -28.75
N ILE C 648 -4.21 -34.15 -28.94
CA ILE C 648 -3.53 -33.32 -27.96
C ILE C 648 -3.47 -31.90 -28.52
N THR C 649 -4.13 -30.97 -27.83
CA THR C 649 -4.10 -29.57 -28.21
C THR C 649 -3.28 -28.77 -27.21
N MET C 650 -2.69 -27.68 -27.69
CA MET C 650 -1.74 -26.90 -26.93
C MET C 650 -2.47 -25.86 -26.06
N LEU C 651 -1.80 -25.44 -24.99
CA LEU C 651 -2.29 -24.29 -24.23
C LEU C 651 -2.14 -23.02 -25.04
N GLU C 652 -3.21 -22.24 -25.09
CA GLU C 652 -3.19 -20.96 -25.77
C GLU C 652 -2.44 -19.95 -24.90
N ASP C 653 -1.71 -19.04 -25.55
CA ASP C 653 -1.04 -17.98 -24.83
C ASP C 653 -2.06 -17.08 -24.16
N HIS C 654 -1.75 -16.66 -22.93
CA HIS C 654 -2.62 -15.81 -22.15
C HIS C 654 -1.88 -14.53 -21.79
N GLU C 655 -2.61 -13.41 -21.80
CA GLU C 655 -2.04 -12.11 -21.47
C GLU C 655 -2.63 -11.64 -20.15
N PHE C 656 -1.75 -11.28 -19.21
CA PHE C 656 -2.16 -10.75 -17.93
C PHE C 656 -2.01 -9.23 -17.94
N VAL C 657 -3.11 -8.53 -17.73
CA VAL C 657 -3.10 -7.07 -17.67
C VAL C 657 -2.82 -6.65 -16.22
N PRO C 658 -2.27 -5.45 -15.99
CA PRO C 658 -2.09 -4.97 -14.63
C PRO C 658 -3.45 -4.69 -13.98
N LEU C 659 -3.74 -5.42 -12.91
CA LEU C 659 -5.01 -5.28 -12.20
C LEU C 659 -4.73 -5.08 -10.70
N GLU C 660 -5.41 -4.09 -10.13
CA GLU C 660 -5.29 -3.83 -8.70
C GLU C 660 -6.58 -3.21 -8.19
N VAL C 661 -6.96 -3.59 -6.97
CA VAL C 661 -8.22 -3.13 -6.39
C VAL C 661 -8.18 -1.62 -6.17
N TYR C 662 -7.13 -1.13 -5.51
CA TYR C 662 -6.97 0.28 -5.22
C TYR C 662 -5.57 0.71 -5.63
N THR C 663 -5.48 1.87 -6.28
CA THR C 663 -4.20 2.41 -6.66
C THR C 663 -3.58 3.21 -5.51
N ARG C 664 -2.37 3.69 -5.72
CA ARG C 664 -1.73 4.55 -4.72
C ARG C 664 -2.52 5.84 -4.54
N HIS C 665 -3.01 6.41 -5.64
CA HIS C 665 -3.74 7.66 -5.57
C HIS C 665 -5.05 7.48 -4.81
N GLU C 666 -5.72 6.34 -5.00
CA GLU C 666 -6.95 6.07 -4.26
C GLU C 666 -6.68 5.96 -2.76
N ILE C 667 -5.59 5.30 -2.39
CA ILE C 667 -5.21 5.18 -0.99
C ILE C 667 -4.90 6.56 -0.41
N LYS C 668 -4.18 7.39 -1.16
CA LYS C 668 -3.86 8.73 -0.68
C LYS C 668 -5.12 9.59 -0.52
N ASP C 669 -6.05 9.48 -1.46
CA ASP C 669 -7.28 10.25 -1.39
C ASP C 669 -8.26 9.70 -0.37
N SER C 670 -8.08 8.46 0.09
CA SER C 670 -8.98 7.90 1.09
C SER C 670 -8.90 8.67 2.40
N GLY C 671 -7.79 9.37 2.64
CA GLY C 671 -7.64 10.20 3.82
C GLY C 671 -8.59 11.40 3.83
N LEU C 672 -9.10 11.73 5.01
CA LEU C 672 -10.02 12.86 5.12
C LEU C 672 -9.28 14.20 5.01
N LEU C 673 -8.13 14.31 5.67
CA LEU C 673 -7.33 15.53 5.65
C LEU C 673 -5.91 15.16 5.25
N ASP C 674 -5.31 15.97 4.39
CA ASP C 674 -3.91 15.84 4.01
C ASP C 674 -3.13 16.99 4.62
N TYR C 675 -2.12 16.67 5.42
CA TYR C 675 -1.34 17.70 6.09
C TYR C 675 -0.65 18.61 5.09
N THR C 676 -0.06 18.05 4.04
CA THR C 676 0.69 18.84 3.09
C THR C 676 -0.20 19.80 2.32
N GLU C 677 -1.33 19.30 1.81
CA GLU C 677 -2.25 20.15 1.05
C GLU C 677 -2.86 21.23 1.94
N VAL C 678 -3.22 20.88 3.17
CA VAL C 678 -3.79 21.85 4.09
C VAL C 678 -2.77 22.94 4.40
N GLN C 679 -1.53 22.55 4.66
CA GLN C 679 -0.49 23.52 4.96
C GLN C 679 -0.21 24.41 3.75
N ARG C 680 -0.18 23.83 2.56
CA ARG C 680 0.06 24.61 1.35
C ARG C 680 -1.03 25.64 1.13
N ARG C 681 -2.29 25.25 1.30
CA ARG C 681 -3.38 26.20 1.16
C ARG C 681 -3.34 27.26 2.25
N ASN C 682 -3.02 26.88 3.47
CA ASN C 682 -3.04 27.80 4.60
C ASN C 682 -1.92 28.83 4.53
N GLN C 683 -0.75 28.44 4.01
CA GLN C 683 0.40 29.33 4.00
C GLN C 683 0.45 30.25 2.78
N LEU C 684 -0.49 30.12 1.85
CA LEU C 684 -0.71 31.12 0.82
C LEU C 684 -1.71 32.18 1.22
N HIS C 685 -2.18 32.16 2.46
CA HIS C 685 -3.15 33.15 2.91
C HIS C 685 -2.56 34.56 2.85
N ASP C 686 -1.31 34.72 3.26
CA ASP C 686 -0.67 36.03 3.21
C ASP C 686 -0.37 36.45 1.78
N LEU C 687 -0.09 35.48 0.91
CA LEU C 687 0.19 35.79 -0.49
C LEU C 687 -1.08 36.03 -1.29
N ARG C 688 -2.25 35.65 -0.76
CA ARG C 688 -3.51 35.82 -1.47
C ARG C 688 -4.30 37.00 -0.95
N PHE C 689 -4.57 37.03 0.36
CA PHE C 689 -5.46 38.00 0.95
C PHE C 689 -4.72 39.12 1.69
N ALA C 690 -3.45 39.32 1.35
CA ALA C 690 -2.67 40.35 2.03
C ALA C 690 -1.64 40.92 1.06
N ASP C 691 -1.18 42.12 1.38
CA ASP C 691 -0.15 42.82 0.62
C ASP C 691 1.13 42.76 1.45
N ILE C 692 1.98 41.78 1.16
CA ILE C 692 3.13 41.51 2.00
C ILE C 692 4.18 42.62 1.86
N ASP C 693 4.44 43.04 0.62
CA ASP C 693 5.60 43.89 0.36
C ASP C 693 5.40 45.34 0.77
N THR C 694 4.17 45.85 0.73
CA THR C 694 3.94 47.26 0.99
C THR C 694 4.27 47.61 2.44
N VAL C 695 4.97 48.74 2.61
CA VAL C 695 5.28 49.29 3.92
C VAL C 695 4.66 50.69 4.01
N ILE C 696 3.82 50.89 5.02
CA ILE C 696 3.11 52.14 5.20
C ILE C 696 3.72 52.88 6.37
N ARG C 697 4.21 54.10 6.10
CA ARG C 697 4.79 54.95 7.13
C ARG C 697 4.17 56.33 6.96
N ALA C 698 3.56 56.85 8.02
CA ALA C 698 2.94 58.18 7.96
C ALA C 698 3.53 59.12 9.02
N VAL D 2 -41.83 24.72 -5.22
CA VAL D 2 -42.87 24.86 -4.21
C VAL D 2 -44.08 25.57 -4.83
N GLN D 3 -45.26 25.25 -4.32
CA GLN D 3 -46.51 25.82 -4.79
C GLN D 3 -47.32 26.30 -3.58
N LEU D 4 -47.80 27.54 -3.63
CA LEU D 4 -48.62 28.09 -2.57
C LEU D 4 -50.08 28.12 -3.03
N VAL D 5 -50.94 27.47 -2.27
CA VAL D 5 -52.37 27.39 -2.56
C VAL D 5 -53.14 27.98 -1.39
N GLN D 6 -54.01 28.94 -1.68
CA GLN D 6 -54.76 29.62 -0.64
C GLN D 6 -56.19 29.12 -0.59
N SER D 7 -56.94 29.65 0.38
CA SER D 7 -58.32 29.24 0.59
C SER D 7 -59.22 29.92 -0.44
N GLY D 8 -60.54 29.81 -0.24
CA GLY D 8 -61.50 30.42 -1.14
C GLY D 8 -61.86 31.84 -0.70
N ALA D 9 -62.80 32.42 -1.46
CA ALA D 9 -63.28 33.77 -1.16
C ALA D 9 -64.07 33.77 0.15
N GLU D 10 -63.94 34.86 0.89
CA GLU D 10 -64.61 35.02 2.16
C GLU D 10 -65.41 36.32 2.15
N VAL D 11 -66.68 36.24 2.54
CA VAL D 11 -67.53 37.41 2.69
C VAL D 11 -67.90 37.54 4.17
N LYS D 12 -67.56 38.68 4.77
CA LYS D 12 -67.70 38.86 6.20
C LYS D 12 -68.33 40.22 6.47
N THR D 13 -68.93 40.33 7.65
CA THR D 13 -69.53 41.58 8.12
C THR D 13 -68.47 42.44 8.79
N PRO D 14 -68.68 43.76 8.82
CA PRO D 14 -67.73 44.63 9.54
C PRO D 14 -67.65 44.25 11.01
N GLY D 15 -66.44 44.34 11.55
CA GLY D 15 -66.19 43.98 12.93
C GLY D 15 -65.92 42.51 13.16
N ALA D 16 -66.04 41.68 12.14
CA ALA D 16 -65.78 40.25 12.28
C ALA D 16 -64.28 39.98 12.07
N SER D 17 -63.91 38.71 12.09
CA SER D 17 -62.53 38.30 11.87
C SER D 17 -62.46 37.28 10.75
N VAL D 18 -61.40 37.37 9.95
CA VAL D 18 -61.23 36.49 8.80
C VAL D 18 -59.86 35.83 8.87
N ARG D 19 -59.84 34.51 8.61
CA ARG D 19 -58.62 33.74 8.62
C ARG D 19 -58.40 33.14 7.23
N VAL D 20 -57.26 33.49 6.62
CA VAL D 20 -56.88 32.99 5.31
C VAL D 20 -55.74 32.00 5.50
N SER D 21 -55.84 30.85 4.84
CA SER D 21 -54.84 29.80 4.94
C SER D 21 -54.07 29.69 3.63
N CYS D 22 -52.76 29.45 3.76
CA CYS D 22 -51.86 29.31 2.61
C CYS D 22 -51.02 28.06 2.83
N LYS D 23 -51.23 27.04 2.00
CA LYS D 23 -50.55 25.76 2.14
C LYS D 23 -49.48 25.64 1.07
N ALA D 24 -48.29 25.22 1.50
CA ALA D 24 -47.16 25.02 0.61
C ALA D 24 -47.00 23.54 0.29
N SER D 25 -46.84 23.25 -1.00
CA SER D 25 -46.66 21.89 -1.46
C SER D 25 -45.36 21.78 -2.26
N GLY D 26 -44.57 20.76 -1.96
CA GLY D 26 -43.31 20.53 -2.65
C GLY D 26 -42.09 20.63 -1.75
N HIS D 27 -42.13 21.47 -0.73
CA HIS D 27 -41.00 21.60 0.20
C HIS D 27 -41.53 21.40 1.62
N THR D 28 -40.61 21.47 2.58
CA THR D 28 -40.99 21.32 3.98
C THR D 28 -41.57 22.60 4.57
N PHE D 29 -41.49 23.72 3.85
CA PHE D 29 -42.17 24.96 4.24
C PHE D 29 -41.52 25.60 5.46
N ARG D 30 -40.56 24.90 6.06
CA ARG D 30 -39.76 25.45 7.13
C ARG D 30 -38.49 26.12 6.62
N THR D 31 -38.22 26.04 5.31
CA THR D 31 -37.00 26.57 4.73
C THR D 31 -37.18 27.95 4.09
N PHE D 32 -38.34 28.58 4.27
CA PHE D 32 -38.57 29.91 3.75
C PHE D 32 -39.63 30.61 4.59
N ASP D 33 -39.74 31.92 4.39
CA ASP D 33 -40.68 32.74 5.12
C ASP D 33 -41.90 33.06 4.27
N ILE D 34 -43.00 33.42 4.92
CA ILE D 34 -44.27 33.68 4.27
C ILE D 34 -44.62 35.15 4.48
N ASN D 35 -44.78 35.87 3.38
CA ASN D 35 -45.22 37.26 3.39
C ASN D 35 -46.67 37.32 3.00
N TRP D 36 -47.46 38.05 3.80
CA TRP D 36 -48.85 38.33 3.48
C TRP D 36 -48.95 39.78 3.03
N VAL D 37 -49.46 39.98 1.82
CA VAL D 37 -49.60 41.29 1.21
C VAL D 37 -50.96 41.37 0.53
N ARG D 38 -51.67 42.48 0.70
CA ARG D 38 -52.99 42.63 0.14
C ARG D 38 -52.99 43.74 -0.90
N GLN D 39 -53.94 43.63 -1.84
CA GLN D 39 -54.14 44.63 -2.87
C GLN D 39 -55.63 44.93 -2.96
N ALA D 40 -56.00 46.20 -2.79
CA ALA D 40 -57.40 46.58 -2.87
C ALA D 40 -57.84 46.62 -4.32
N ALA D 41 -59.13 46.89 -4.51
CA ALA D 41 -59.71 46.94 -5.86
C ALA D 41 -59.19 48.17 -6.60
N GLY D 42 -58.25 47.94 -7.52
CA GLY D 42 -57.72 49.00 -8.36
C GLY D 42 -56.61 49.83 -7.72
N GLN D 43 -56.13 49.44 -6.54
CA GLN D 43 -55.04 50.14 -5.87
C GLN D 43 -53.78 49.30 -5.92
N GLY D 44 -52.70 49.84 -5.35
CA GLY D 44 -51.42 49.16 -5.36
C GLY D 44 -51.29 48.14 -4.24
N LEU D 45 -50.19 47.40 -4.29
CA LEU D 45 -49.93 46.36 -3.30
C LEU D 45 -49.66 46.98 -1.93
N GLU D 46 -50.15 46.32 -0.89
CA GLU D 46 -49.99 46.80 0.48
C GLU D 46 -49.48 45.65 1.34
N TRP D 47 -48.21 45.71 1.71
CA TRP D 47 -47.63 44.68 2.55
C TRP D 47 -48.28 44.67 3.92
N MET D 48 -48.59 43.48 4.42
CA MET D 48 -49.19 43.34 5.74
C MET D 48 -48.23 42.74 6.75
N GLY D 49 -47.48 41.72 6.39
CA GLY D 49 -46.48 41.24 7.32
C GLY D 49 -45.71 40.05 6.78
N TRP D 50 -44.81 39.55 7.63
CA TRP D 50 -44.01 38.37 7.33
C TRP D 50 -44.02 37.44 8.54
N MET D 51 -43.81 36.15 8.26
CA MET D 51 -43.77 35.12 9.29
C MET D 51 -42.68 34.11 8.95
N SER D 52 -41.97 33.66 9.98
CA SER D 52 -40.97 32.62 9.82
C SER D 52 -41.55 31.31 10.35
N PRO D 53 -42.12 30.44 9.50
CA PRO D 53 -42.77 29.24 10.00
C PRO D 53 -41.86 28.26 10.72
N ASN D 54 -40.54 28.34 10.51
CA ASN D 54 -39.62 27.48 11.24
C ASN D 54 -39.64 27.79 12.73
N SER D 55 -39.61 29.09 13.07
CA SER D 55 -39.52 29.52 14.47
C SER D 55 -40.80 30.16 14.97
N GLY D 56 -41.69 30.59 14.08
CA GLY D 56 -42.90 31.27 14.49
C GLY D 56 -42.77 32.78 14.65
N ASN D 57 -41.58 33.33 14.44
CA ASN D 57 -41.39 34.77 14.53
C ASN D 57 -42.17 35.48 13.44
N THR D 58 -42.75 36.62 13.80
CA THR D 58 -43.55 37.41 12.87
C THR D 58 -43.13 38.87 12.93
N GLY D 59 -43.48 39.60 11.89
CA GLY D 59 -43.29 41.04 11.85
C GLY D 59 -44.33 41.71 10.99
N TYR D 60 -45.05 42.68 11.54
CA TYR D 60 -46.21 43.27 10.89
C TYR D 60 -45.91 44.70 10.46
N ALA D 61 -46.77 45.22 9.59
CA ALA D 61 -46.70 46.62 9.21
C ALA D 61 -47.16 47.50 10.37
N ARG D 62 -46.75 48.77 10.32
CA ARG D 62 -47.14 49.69 11.39
C ARG D 62 -48.64 49.89 11.43
N GLN D 63 -49.28 50.03 10.26
CA GLN D 63 -50.72 50.21 10.21
C GLN D 63 -51.49 48.94 10.56
N PHE D 64 -50.81 47.80 10.60
CA PHE D 64 -51.47 46.52 10.84
C PHE D 64 -51.05 45.88 12.16
N GLN D 65 -50.32 46.60 13.01
CA GLN D 65 -49.89 46.04 14.28
C GLN D 65 -51.08 45.94 15.23
N GLY D 66 -51.27 44.76 15.82
CA GLY D 66 -52.36 44.51 16.73
C GLY D 66 -53.65 44.08 16.08
N ARG D 67 -53.72 44.10 14.74
CA ARG D 67 -54.90 43.65 14.01
C ARG D 67 -54.63 42.38 13.20
N VAL D 68 -53.37 42.01 13.00
CA VAL D 68 -53.01 40.85 12.19
C VAL D 68 -52.29 39.86 13.07
N THR D 69 -52.72 38.60 13.01
CA THR D 69 -52.06 37.51 13.71
C THR D 69 -51.69 36.43 12.72
N MET D 70 -50.41 36.07 12.66
CA MET D 70 -49.92 35.05 11.74
C MET D 70 -49.41 33.86 12.54
N THR D 71 -49.98 32.69 12.28
CA THR D 71 -49.54 31.46 12.90
C THR D 71 -49.33 30.42 11.81
N ARG D 72 -48.92 29.22 12.22
CA ARG D 72 -48.63 28.17 11.25
C ARG D 72 -48.80 26.80 11.90
N ASN D 73 -49.11 25.83 11.05
CA ASN D 73 -49.20 24.43 11.43
C ASN D 73 -48.18 23.67 10.58
N ILE D 74 -47.15 23.14 11.23
CA ILE D 74 -46.06 22.49 10.52
C ILE D 74 -46.52 21.17 9.94
N SER D 75 -47.37 20.44 10.67
CA SER D 75 -47.84 19.13 10.22
C SER D 75 -48.56 19.23 8.89
N ALA D 76 -49.40 20.25 8.73
CA ALA D 76 -50.14 20.47 7.49
C ALA D 76 -49.38 21.38 6.52
N ASN D 77 -48.23 21.91 6.92
CA ASN D 77 -47.47 22.86 6.11
C ASN D 77 -48.35 24.03 5.70
N THR D 78 -49.06 24.61 6.65
CA THR D 78 -50.00 25.68 6.36
C THR D 78 -49.67 26.90 7.21
N ALA D 79 -49.89 28.08 6.63
CA ALA D 79 -49.72 29.35 7.32
C ALA D 79 -51.07 30.06 7.36
N TYR D 80 -51.48 30.47 8.55
CA TYR D 80 -52.77 31.11 8.74
C TYR D 80 -52.57 32.57 9.11
N MET D 81 -53.33 33.44 8.46
CA MET D 81 -53.31 34.87 8.72
C MET D 81 -54.71 35.33 9.11
N GLU D 82 -54.80 36.02 10.24
CA GLU D 82 -56.09 36.42 10.80
C GLU D 82 -56.14 37.95 10.92
N LEU D 83 -57.16 38.54 10.30
CA LEU D 83 -57.52 39.94 10.52
C LEU D 83 -58.70 40.01 11.48
N ARG D 84 -58.61 40.93 12.43
CA ARG D 84 -59.68 41.18 13.39
C ARG D 84 -60.12 42.63 13.26
N GLY D 85 -61.42 42.87 13.41
CA GLY D 85 -61.97 44.20 13.29
C GLY D 85 -61.98 44.69 11.85
N LEU D 86 -62.66 43.93 10.97
CA LEU D 86 -62.70 44.27 9.56
C LEU D 86 -63.49 45.56 9.36
N ARG D 87 -63.06 46.32 8.35
CA ARG D 87 -63.75 47.55 7.95
C ARG D 87 -64.02 47.47 6.46
N PHE D 88 -64.56 48.56 5.89
CA PHE D 88 -64.88 48.57 4.47
C PHE D 88 -63.62 48.59 3.60
N ASP D 89 -62.50 49.04 4.16
CA ASP D 89 -61.26 49.11 3.39
C ASP D 89 -60.47 47.80 3.41
N ASP D 90 -60.97 46.77 4.10
CA ASP D 90 -60.34 45.45 4.10
C ASP D 90 -60.85 44.57 2.97
N THR D 91 -61.71 45.08 2.10
CA THR D 91 -62.15 44.34 0.92
C THR D 91 -61.02 44.36 -0.10
N ALA D 92 -60.30 43.24 -0.22
CA ALA D 92 -59.10 43.21 -1.04
C ALA D 92 -58.76 41.77 -1.37
N VAL D 93 -57.78 41.60 -2.27
CA VAL D 93 -57.23 40.30 -2.60
C VAL D 93 -55.95 40.11 -1.81
N TYR D 94 -55.87 39.02 -1.06
CA TYR D 94 -54.76 38.74 -0.17
C TYR D 94 -53.88 37.66 -0.78
N TYR D 95 -52.56 37.91 -0.76
CA TYR D 95 -51.58 37.04 -1.37
C TYR D 95 -50.59 36.59 -0.31
N CYS D 96 -50.25 35.31 -0.34
CA CYS D 96 -49.14 34.75 0.41
C CYS D 96 -47.99 34.50 -0.57
N ALA D 97 -46.78 34.85 -0.16
CA ALA D 97 -45.62 34.76 -1.02
C ALA D 97 -44.44 34.28 -0.20
N ARG D 98 -43.37 33.89 -0.90
CA ARG D 98 -42.12 33.51 -0.29
C ARG D 98 -41.12 34.62 -0.53
N GLY D 99 -40.84 35.41 0.50
CA GLY D 99 -39.97 36.55 0.36
C GLY D 99 -39.17 36.87 1.60
N PRO D 100 -39.05 38.18 1.88
CA PRO D 100 -38.20 38.63 2.98
C PRO D 100 -38.64 38.09 4.34
N GLY D 101 -37.76 38.26 5.32
CA GLY D 101 -38.04 37.85 6.67
C GLY D 101 -36.83 37.37 7.44
N SER D 102 -36.95 36.21 8.09
CA SER D 102 -35.83 35.65 8.83
C SER D 102 -34.74 35.15 7.89
N THR D 103 -35.14 34.55 6.77
CA THR D 103 -34.18 34.03 5.80
C THR D 103 -33.39 35.12 5.09
N GLY D 104 -33.80 36.38 5.24
CA GLY D 104 -33.08 37.48 4.65
C GLY D 104 -34.00 38.63 4.30
N THR D 105 -33.59 39.85 4.66
CA THR D 105 -34.39 41.03 4.39
C THR D 105 -34.40 41.41 2.92
N THR D 106 -33.43 40.94 2.14
CA THR D 106 -33.31 41.28 0.73
C THR D 106 -33.93 40.23 -0.19
N GLY D 107 -34.69 39.28 0.36
CA GLY D 107 -35.32 38.29 -0.47
C GLY D 107 -36.37 38.87 -1.39
N SER D 108 -36.72 38.10 -2.42
CA SER D 108 -37.74 38.47 -3.38
C SER D 108 -38.95 37.57 -3.22
N MET D 109 -40.14 38.14 -3.41
CA MET D 109 -41.37 37.36 -3.39
C MET D 109 -41.50 36.66 -4.74
N ASP D 110 -40.73 35.59 -4.90
CA ASP D 110 -40.61 34.92 -6.18
C ASP D 110 -41.83 34.05 -6.50
N VAL D 111 -42.39 33.36 -5.51
CA VAL D 111 -43.57 32.54 -5.70
C VAL D 111 -44.73 33.15 -4.94
N TRP D 112 -45.91 33.18 -5.56
CA TRP D 112 -47.10 33.78 -4.99
C TRP D 112 -48.22 32.78 -4.94
N GLY D 113 -49.14 32.99 -4.00
CA GLY D 113 -50.40 32.28 -4.00
C GLY D 113 -51.40 32.91 -4.96
N GLN D 114 -52.50 32.19 -5.21
CA GLN D 114 -53.51 32.70 -6.12
C GLN D 114 -54.26 33.91 -5.55
N GLY D 115 -54.22 34.09 -4.23
CA GLY D 115 -54.88 35.21 -3.60
C GLY D 115 -56.36 34.96 -3.33
N THR D 116 -56.83 35.39 -2.16
CA THR D 116 -58.23 35.22 -1.77
C THR D 116 -58.90 36.57 -1.73
N THR D 117 -60.09 36.66 -2.30
CA THR D 117 -60.88 37.88 -2.27
C THR D 117 -61.69 37.93 -0.98
N VAL D 118 -61.46 38.96 -0.17
CA VAL D 118 -62.17 39.16 1.08
C VAL D 118 -63.01 40.42 0.93
N THR D 119 -64.33 40.26 1.09
CA THR D 119 -65.29 41.34 0.90
C THR D 119 -65.98 41.61 2.22
N VAL D 120 -66.06 42.89 2.60
CA VAL D 120 -66.69 43.27 3.85
C VAL D 120 -68.01 44.01 3.58
N ALA E 2 -38.96 57.21 4.68
CA ALA E 2 -39.05 55.74 4.56
C ALA E 2 -40.13 55.35 3.58
N GLY E 3 -40.11 55.98 2.40
CA GLY E 3 -41.11 55.72 1.39
C GLY E 3 -40.49 55.78 0.00
N LEU E 4 -41.14 55.08 -0.93
CA LEU E 4 -40.70 55.00 -2.31
C LEU E 4 -41.78 55.62 -3.20
N THR E 5 -41.35 56.49 -4.11
CA THR E 5 -42.26 57.21 -5.00
C THR E 5 -42.08 56.73 -6.43
N GLN E 6 -43.19 56.56 -7.14
CA GLN E 6 -43.21 56.14 -8.52
C GLN E 6 -44.16 57.01 -9.32
N PRO E 7 -43.89 57.22 -10.61
CA PRO E 7 -44.85 57.94 -11.45
C PRO E 7 -46.14 57.15 -11.60
N PRO E 8 -47.29 57.79 -11.47
CA PRO E 8 -48.56 57.06 -11.53
C PRO E 8 -48.78 56.32 -12.85
N SER E 9 -48.32 56.89 -13.97
CA SER E 9 -48.52 56.26 -15.27
C SER E 9 -47.36 56.61 -16.18
N VAL E 10 -47.05 55.70 -17.10
CA VAL E 10 -46.03 55.91 -18.12
C VAL E 10 -46.60 55.42 -19.45
N SER E 11 -46.51 56.27 -20.48
CA SER E 11 -47.01 55.92 -21.81
C SER E 11 -45.84 55.94 -22.79
N VAL E 12 -45.68 54.84 -23.52
CA VAL E 12 -44.59 54.69 -24.48
C VAL E 12 -45.13 54.05 -25.76
N ALA E 13 -44.49 54.37 -26.88
CA ALA E 13 -44.82 53.77 -28.16
C ALA E 13 -44.31 52.33 -28.23
N PRO E 14 -44.97 51.48 -29.02
CA PRO E 14 -44.55 50.08 -29.10
C PRO E 14 -43.12 49.89 -29.59
N GLY E 15 -42.61 50.79 -30.42
CA GLY E 15 -41.26 50.62 -30.94
C GLY E 15 -40.17 51.04 -29.97
N LYS E 16 -40.48 52.00 -29.10
CA LYS E 16 -39.46 52.59 -28.26
C LYS E 16 -39.30 51.82 -26.95
N THR E 17 -38.46 52.36 -26.07
CA THR E 17 -38.18 51.76 -24.78
C THR E 17 -38.89 52.53 -23.68
N ALA E 18 -39.30 51.80 -22.64
CA ALA E 18 -40.00 52.38 -21.50
C ALA E 18 -39.05 52.43 -20.31
N ARG E 19 -39.06 53.55 -19.59
CA ARG E 19 -38.20 53.75 -18.44
C ARG E 19 -39.05 54.11 -17.24
N ILE E 20 -38.98 53.30 -16.19
CA ILE E 20 -39.77 53.50 -14.98
C ILE E 20 -38.82 53.78 -13.83
N SER E 21 -39.04 54.91 -13.15
CA SER E 21 -38.18 55.34 -12.07
C SER E 21 -38.82 55.05 -10.72
N CYS E 22 -37.98 54.85 -9.71
CA CYS E 22 -38.43 54.60 -8.35
C CYS E 22 -37.49 55.35 -7.43
N GLY E 23 -38.03 56.34 -6.70
CA GLY E 23 -37.23 57.22 -5.87
C GLY E 23 -37.24 56.80 -4.41
N GLY E 24 -36.18 57.16 -3.72
CA GLY E 24 -36.08 56.86 -2.31
C GLY E 24 -34.77 57.37 -1.76
N ASN E 25 -34.75 57.59 -0.45
CA ASN E 25 -33.56 58.10 0.22
C ASN E 25 -32.56 56.95 0.40
N ASN E 26 -31.36 57.11 -0.18
CA ASN E 26 -30.31 56.10 -0.10
C ASN E 26 -30.80 54.76 -0.60
N ILE E 27 -31.48 54.78 -1.76
CA ILE E 27 -32.01 53.56 -2.35
C ILE E 27 -30.91 52.67 -2.89
N GLY E 28 -29.69 53.20 -3.07
CA GLY E 28 -28.59 52.41 -3.57
C GLY E 28 -28.02 51.44 -2.56
N SER E 29 -28.41 51.56 -1.30
CA SER E 29 -28.02 50.61 -0.27
C SER E 29 -29.06 49.50 -0.09
N LYS E 30 -30.09 49.47 -0.93
CA LYS E 30 -31.16 48.51 -0.84
C LYS E 30 -31.26 47.73 -2.15
N SER E 31 -31.78 46.50 -2.04
CA SER E 31 -31.98 45.64 -3.20
C SER E 31 -33.41 45.81 -3.68
N VAL E 32 -33.58 46.57 -4.77
CA VAL E 32 -34.90 46.84 -5.31
C VAL E 32 -35.32 45.66 -6.19
N HIS E 33 -36.52 45.15 -5.93
CA HIS E 33 -37.11 44.10 -6.73
C HIS E 33 -38.29 44.68 -7.50
N TRP E 34 -38.33 44.42 -8.81
CA TRP E 34 -39.38 44.92 -9.68
C TRP E 34 -40.35 43.80 -10.02
N TYR E 35 -41.61 44.01 -9.68
CA TYR E 35 -42.68 43.07 -9.90
C TYR E 35 -43.62 43.61 -10.98
N GLN E 36 -44.10 42.71 -11.83
CA GLN E 36 -45.06 43.03 -12.87
C GLN E 36 -46.38 42.38 -12.53
N GLN E 37 -47.46 43.15 -12.59
CA GLN E 37 -48.80 42.63 -12.29
C GLN E 37 -49.74 43.01 -13.41
N LYS E 38 -50.23 42.00 -14.12
CA LYS E 38 -51.29 42.18 -15.09
C LYS E 38 -52.64 42.01 -14.40
N PRO E 39 -53.70 42.65 -14.92
CA PRO E 39 -54.98 42.63 -14.21
C PRO E 39 -55.52 41.21 -14.02
N GLY E 40 -56.05 40.97 -12.82
CA GLY E 40 -56.60 39.68 -12.48
C GLY E 40 -55.56 38.59 -12.26
N GLN E 41 -54.32 38.97 -11.97
CA GLN E 41 -53.26 38.00 -11.75
C GLN E 41 -52.40 38.44 -10.57
N ALA E 42 -51.74 37.47 -9.94
CA ALA E 42 -50.77 37.77 -8.91
C ALA E 42 -49.52 38.38 -9.54
N PRO E 43 -48.81 39.25 -8.80
CA PRO E 43 -47.60 39.85 -9.35
C PRO E 43 -46.56 38.80 -9.70
N VAL E 44 -45.84 39.03 -10.79
CA VAL E 44 -44.76 38.16 -11.24
C VAL E 44 -43.45 38.93 -11.12
N LEU E 45 -42.44 38.28 -10.57
CA LEU E 45 -41.14 38.92 -10.40
C LEU E 45 -40.42 39.01 -11.73
N VAL E 46 -40.09 40.23 -12.14
CA VAL E 46 -39.38 40.44 -13.39
C VAL E 46 -37.95 40.93 -13.18
N ILE E 47 -37.65 41.56 -12.05
CA ILE E 47 -36.27 41.96 -11.73
C ILE E 47 -36.04 41.69 -10.25
N TYR E 48 -34.91 41.05 -9.93
CA TYR E 48 -34.50 40.95 -8.54
C TYR E 48 -33.04 41.35 -8.39
N TYR E 49 -32.73 41.94 -7.24
CA TYR E 49 -31.37 42.35 -6.88
C TYR E 49 -30.81 43.34 -7.89
N ASP E 50 -31.69 44.16 -8.45
CA ASP E 50 -31.38 45.40 -9.16
C ASP E 50 -30.82 45.22 -10.56
N SER E 51 -30.36 44.03 -10.93
CA SER E 51 -29.70 43.87 -12.21
C SER E 51 -29.95 42.49 -12.81
N ASP E 52 -30.94 41.77 -12.29
CA ASP E 52 -31.07 40.36 -12.63
C ASP E 52 -32.51 40.04 -12.98
N ARG E 53 -32.68 39.06 -13.87
CA ARG E 53 -34.00 38.62 -14.28
C ARG E 53 -34.20 37.16 -13.91
N PRO E 54 -35.38 36.81 -13.37
CA PRO E 54 -35.67 35.40 -13.10
C PRO E 54 -35.68 34.56 -14.36
N SER E 55 -35.75 33.25 -14.16
CA SER E 55 -35.86 32.33 -15.27
C SER E 55 -37.15 32.58 -16.04
N GLY E 56 -37.05 32.63 -17.38
CA GLY E 56 -38.20 32.84 -18.23
C GLY E 56 -38.49 34.30 -18.53
N ILE E 57 -37.79 35.24 -17.88
CA ILE E 57 -37.97 36.65 -18.15
C ILE E 57 -37.10 37.04 -19.35
N PRO E 58 -37.67 37.68 -20.37
CA PRO E 58 -36.88 37.96 -21.57
C PRO E 58 -35.74 38.94 -21.30
N GLU E 59 -34.77 38.92 -22.22
CA GLU E 59 -33.60 39.77 -22.12
C GLU E 59 -33.93 41.26 -22.30
N ARG E 60 -35.15 41.59 -22.72
CA ARG E 60 -35.53 42.98 -22.91
C ARG E 60 -35.45 43.77 -21.61
N PHE E 61 -35.90 43.18 -20.50
CA PHE E 61 -35.91 43.88 -19.22
C PHE E 61 -34.49 44.11 -18.72
N SER E 62 -34.30 45.25 -18.06
CA SER E 62 -33.03 45.59 -17.45
C SER E 62 -33.29 46.42 -16.21
N GLY E 63 -32.34 46.39 -15.28
CA GLY E 63 -32.50 47.12 -14.03
C GLY E 63 -31.24 47.87 -13.69
N SER E 64 -31.42 48.97 -12.96
CA SER E 64 -30.32 49.78 -12.47
C SER E 64 -30.68 50.35 -11.11
N ASN E 65 -29.66 50.63 -10.30
CA ASN E 65 -29.87 51.19 -8.98
C ASN E 65 -28.67 52.07 -8.66
N SER E 66 -28.91 53.34 -8.36
CA SER E 66 -27.82 54.24 -8.02
C SER E 66 -28.34 55.41 -7.22
N GLY E 67 -27.60 55.77 -6.17
CA GLY E 67 -27.90 56.96 -5.40
C GLY E 67 -29.30 56.96 -4.80
N ASN E 68 -30.17 57.82 -5.33
CA ASN E 68 -31.54 57.93 -4.87
C ASN E 68 -32.55 57.53 -5.93
N THR E 69 -32.13 56.73 -6.92
CA THR E 69 -33.03 56.33 -7.98
C THR E 69 -32.74 54.91 -8.43
N ALA E 70 -33.80 54.10 -8.53
CA ALA E 70 -33.76 52.81 -9.19
C ALA E 70 -34.56 52.89 -10.48
N THR E 71 -34.14 52.13 -11.48
CA THR E 71 -34.71 52.28 -12.81
C THR E 71 -34.96 50.91 -13.42
N LEU E 72 -36.15 50.74 -14.00
CA LEU E 72 -36.50 49.57 -14.77
C LEU E 72 -36.63 49.98 -16.23
N THR E 73 -35.90 49.29 -17.10
CA THR E 73 -35.87 49.61 -18.52
C THR E 73 -36.45 48.44 -19.30
N ILE E 74 -37.39 48.73 -20.19
CA ILE E 74 -37.98 47.74 -21.07
C ILE E 74 -37.66 48.13 -22.50
N SER E 75 -36.93 47.25 -23.19
CA SER E 75 -36.53 47.48 -24.57
C SER E 75 -37.48 46.74 -25.51
N ARG E 76 -37.84 47.40 -26.61
CA ARG E 76 -38.79 46.87 -27.57
C ARG E 76 -40.10 46.49 -26.89
N VAL E 77 -40.76 47.50 -26.32
CA VAL E 77 -41.94 47.30 -25.50
C VAL E 77 -43.06 46.77 -26.38
N GLU E 78 -43.41 45.50 -26.21
CA GLU E 78 -44.47 44.88 -26.99
C GLU E 78 -45.83 45.26 -26.40
N ALA E 79 -46.89 44.89 -27.12
CA ALA E 79 -48.24 45.22 -26.67
C ALA E 79 -48.63 44.44 -25.41
N GLY E 80 -47.98 43.31 -25.14
CA GLY E 80 -48.28 42.50 -23.99
C GLY E 80 -47.63 42.95 -22.69
N ASP E 81 -46.92 44.08 -22.71
CA ASP E 81 -46.24 44.58 -21.52
C ASP E 81 -47.08 45.57 -20.72
N GLU E 82 -48.33 45.81 -21.12
CA GLU E 82 -49.21 46.66 -20.34
C GLU E 82 -49.51 45.98 -19.01
N ALA E 83 -48.95 46.53 -17.93
CA ALA E 83 -49.16 46.01 -16.59
C ALA E 83 -48.74 47.09 -15.61
N ASP E 84 -48.89 46.80 -14.32
CA ASP E 84 -48.44 47.69 -13.26
C ASP E 84 -47.12 47.18 -12.72
N TYR E 85 -46.14 48.08 -12.59
CA TYR E 85 -44.79 47.71 -12.19
C TYR E 85 -44.50 48.32 -10.82
N TYR E 86 -44.11 47.46 -9.87
CA TYR E 86 -43.90 47.86 -8.49
C TYR E 86 -42.44 47.66 -8.12
N CYS E 87 -41.87 48.64 -7.43
CA CYS E 87 -40.53 48.55 -6.88
C CYS E 87 -40.61 48.31 -5.38
N GLN E 88 -39.94 47.25 -4.92
CA GLN E 88 -40.03 46.83 -3.54
C GLN E 88 -38.63 46.80 -2.92
N VAL E 89 -38.54 47.30 -1.69
CA VAL E 89 -37.31 47.24 -0.91
C VAL E 89 -37.68 46.80 0.50
N TRP E 90 -36.66 46.71 1.36
CA TRP E 90 -36.85 46.43 2.77
C TRP E 90 -36.29 47.60 3.57
N ASP E 91 -37.16 48.27 4.32
CA ASP E 91 -36.80 49.50 5.02
C ASP E 91 -37.21 49.40 6.47
N SER E 92 -36.24 49.13 7.35
CA SER E 92 -36.43 49.15 8.80
C SER E 92 -37.52 48.16 9.22
N GLY E 93 -37.26 46.88 8.99
CA GLY E 93 -38.14 45.84 9.49
C GLY E 93 -39.45 45.68 8.73
N SER E 94 -39.58 46.32 7.57
CA SER E 94 -40.80 46.22 6.79
C SER E 94 -40.46 46.46 5.33
N VAL E 95 -41.05 45.69 4.43
CA VAL E 95 -40.84 45.93 3.02
C VAL E 95 -41.72 47.10 2.60
N VAL E 96 -41.22 47.89 1.66
CA VAL E 96 -41.93 49.02 1.11
C VAL E 96 -42.13 48.77 -0.37
N PHE E 97 -43.39 48.85 -0.82
CA PHE E 97 -43.74 48.72 -2.22
C PHE E 97 -43.86 50.10 -2.85
N GLY E 98 -43.54 50.18 -4.14
CA GLY E 98 -43.75 51.41 -4.86
C GLY E 98 -45.22 51.71 -5.05
N GLY E 99 -45.51 52.95 -5.43
CA GLY E 99 -46.89 53.35 -5.63
C GLY E 99 -47.57 52.64 -6.78
N GLY E 100 -46.77 52.09 -7.71
CA GLY E 100 -47.34 51.43 -8.87
C GLY E 100 -47.30 52.33 -10.10
N THR E 101 -46.81 51.79 -11.20
CA THR E 101 -46.71 52.52 -12.46
C THR E 101 -47.40 51.71 -13.55
N LYS E 102 -48.45 52.29 -14.14
CA LYS E 102 -49.18 51.64 -15.22
C LYS E 102 -48.51 51.97 -16.54
N LEU E 103 -47.94 50.95 -17.18
CA LEU E 103 -47.32 51.11 -18.49
C LEU E 103 -48.37 50.85 -19.57
N THR E 104 -48.52 51.80 -20.49
CA THR E 104 -49.47 51.69 -21.58
C THR E 104 -48.72 51.85 -22.90
N VAL E 105 -48.99 50.94 -23.84
CA VAL E 105 -48.40 50.99 -25.18
C VAL E 105 -49.40 51.66 -26.10
N LEU E 106 -48.91 52.61 -26.90
CA LEU E 106 -49.79 53.35 -27.80
C LEU E 106 -49.66 52.83 -29.23
N ALA F 2 -3.67 23.23 64.86
CA ALA F 2 -3.06 22.07 64.17
C ALA F 2 -3.22 20.81 65.01
N GLY F 3 -4.46 20.55 65.42
CA GLY F 3 -4.75 19.38 66.24
C GLY F 3 -6.09 18.78 65.85
N LEU F 4 -6.21 17.47 66.05
CA LEU F 4 -7.44 16.74 65.81
C LEU F 4 -7.98 16.17 67.12
N THR F 5 -9.27 16.36 67.34
CA THR F 5 -9.93 15.94 68.57
C THR F 5 -10.75 14.69 68.32
N GLN F 6 -10.55 13.67 69.16
CA GLN F 6 -11.22 12.39 69.02
C GLN F 6 -11.57 11.87 70.40
N PRO F 7 -12.80 11.41 70.60
CA PRO F 7 -13.25 11.00 71.94
C PRO F 7 -12.42 9.86 72.49
N PRO F 8 -12.13 9.86 73.79
CA PRO F 8 -11.24 8.86 74.37
C PRO F 8 -11.75 7.43 74.23
N SER F 9 -13.05 7.20 74.30
CA SER F 9 -13.58 5.85 74.21
C SER F 9 -15.01 5.87 73.70
N VAL F 10 -15.39 4.81 72.98
CA VAL F 10 -16.74 4.65 72.47
C VAL F 10 -17.18 3.20 72.73
N SER F 11 -18.37 3.03 73.31
CA SER F 11 -18.90 1.72 73.61
C SER F 11 -20.17 1.50 72.79
N VAL F 12 -20.26 0.34 72.12
CA VAL F 12 -21.38 0.01 71.27
C VAL F 12 -21.76 -1.45 71.50
N ALA F 13 -23.05 -1.76 71.28
CA ALA F 13 -23.60 -3.10 71.37
C ALA F 13 -23.23 -3.91 70.12
N PRO F 14 -23.12 -5.24 70.24
CA PRO F 14 -22.76 -6.05 69.08
C PRO F 14 -23.71 -5.91 67.90
N GLY F 15 -24.98 -5.65 68.15
CA GLY F 15 -25.94 -5.55 67.06
C GLY F 15 -26.02 -4.15 66.45
N LYS F 16 -25.60 -3.14 67.20
CA LYS F 16 -25.75 -1.76 66.76
C LYS F 16 -24.56 -1.34 65.90
N THR F 17 -24.54 -0.06 65.52
CA THR F 17 -23.46 0.51 64.74
C THR F 17 -22.71 1.54 65.56
N ALA F 18 -21.39 1.60 65.36
CA ALA F 18 -20.52 2.47 66.12
C ALA F 18 -20.12 3.67 65.27
N ARG F 19 -20.21 4.87 65.84
CA ARG F 19 -19.83 6.09 65.17
C ARG F 19 -18.70 6.75 65.95
N ILE F 20 -17.56 6.95 65.28
CA ILE F 20 -16.40 7.60 65.86
C ILE F 20 -16.22 8.95 65.19
N SER F 21 -16.13 10.00 66.00
CA SER F 21 -15.99 11.35 65.50
C SER F 21 -14.52 11.79 65.55
N CYS F 22 -14.14 12.62 64.59
CA CYS F 22 -12.80 13.19 64.50
C CYS F 22 -12.98 14.68 64.21
N GLY F 23 -12.67 15.51 65.20
CA GLY F 23 -12.89 16.93 65.12
C GLY F 23 -11.62 17.68 64.74
N GLY F 24 -11.80 18.76 63.99
CA GLY F 24 -10.69 19.59 63.59
C GLY F 24 -11.22 20.81 62.86
N ASN F 25 -10.39 21.86 62.87
CA ASN F 25 -10.75 23.09 62.20
C ASN F 25 -10.53 22.94 60.69
N ASN F 26 -11.61 23.07 59.92
CA ASN F 26 -11.57 22.93 58.47
C ASN F 26 -10.98 21.58 58.07
N ILE F 27 -11.40 20.54 58.78
CA ILE F 27 -10.96 19.17 58.46
C ILE F 27 -11.58 18.68 57.16
N GLY F 28 -12.61 19.34 56.66
CA GLY F 28 -13.22 18.95 55.40
C GLY F 28 -12.36 19.22 54.19
N SER F 29 -11.37 20.10 54.32
CA SER F 29 -10.45 20.40 53.24
C SER F 29 -9.25 19.45 53.21
N LYS F 30 -9.22 18.46 54.10
CA LYS F 30 -8.14 17.50 54.17
C LYS F 30 -8.68 16.09 53.97
N SER F 31 -7.80 15.19 53.54
CA SER F 31 -8.14 13.78 53.44
C SER F 31 -7.81 13.09 54.75
N VAL F 32 -8.85 12.58 55.43
CA VAL F 32 -8.71 11.91 56.71
C VAL F 32 -8.54 10.43 56.47
N HIS F 33 -7.51 9.84 57.06
CA HIS F 33 -7.27 8.41 56.98
C HIS F 33 -7.49 7.78 58.34
N TRP F 34 -8.19 6.65 58.34
CA TRP F 34 -8.58 5.95 59.56
C TRP F 34 -7.85 4.61 59.61
N TYR F 35 -7.07 4.42 60.68
CA TYR F 35 -6.38 3.18 60.95
C TYR F 35 -6.97 2.48 62.17
N GLN F 36 -7.00 1.15 62.09
CA GLN F 36 -7.45 0.30 63.18
C GLN F 36 -6.26 -0.50 63.71
N GLN F 37 -6.01 -0.40 65.01
CA GLN F 37 -4.88 -1.07 65.63
C GLN F 37 -5.38 -1.92 66.78
N LYS F 38 -5.18 -3.23 66.66
CA LYS F 38 -5.41 -4.18 67.74
C LYS F 38 -4.15 -4.30 68.58
N PRO F 39 -4.26 -4.60 69.88
CA PRO F 39 -3.08 -4.56 70.75
C PRO F 39 -2.06 -5.62 70.36
N GLY F 40 -0.79 -5.25 70.48
CA GLY F 40 0.31 -6.12 70.10
C GLY F 40 0.45 -6.29 68.60
N GLN F 41 -0.09 -5.36 67.81
CA GLN F 41 -0.08 -5.48 66.37
C GLN F 41 0.03 -4.08 65.76
N ALA F 42 0.60 -4.02 64.56
CA ALA F 42 0.80 -2.75 63.88
C ALA F 42 -0.55 -2.19 63.41
N PRO F 43 -0.66 -0.87 63.27
CA PRO F 43 -1.90 -0.28 62.77
C PRO F 43 -2.25 -0.78 61.37
N VAL F 44 -3.55 -0.94 61.13
CA VAL F 44 -4.06 -1.39 59.85
C VAL F 44 -4.98 -0.30 59.30
N LEU F 45 -4.67 0.17 58.09
CA LEU F 45 -5.51 1.16 57.45
C LEU F 45 -6.85 0.55 57.07
N VAL F 46 -7.93 1.20 57.50
CA VAL F 46 -9.27 0.69 57.23
C VAL F 46 -10.06 1.67 56.37
N ILE F 47 -9.70 2.95 56.42
CA ILE F 47 -10.36 3.95 55.57
C ILE F 47 -9.29 4.90 55.04
N TYR F 48 -9.31 5.15 53.74
CA TYR F 48 -8.47 6.21 53.20
C TYR F 48 -9.30 7.16 52.36
N TYR F 49 -8.88 8.42 52.33
CA TYR F 49 -9.47 9.45 51.49
C TYR F 49 -10.95 9.67 51.83
N ASP F 50 -11.26 9.57 53.11
CA ASP F 50 -12.52 10.02 53.72
C ASP F 50 -13.71 9.12 53.42
N SER F 51 -13.59 8.23 52.43
CA SER F 51 -14.74 7.43 52.05
C SER F 51 -14.41 5.99 51.66
N ASP F 52 -13.14 5.69 51.37
CA ASP F 52 -12.80 4.48 50.63
C ASP F 52 -12.13 3.47 51.55
N ARG F 53 -12.39 2.19 51.26
CA ARG F 53 -11.86 1.08 52.03
C ARG F 53 -10.78 0.35 51.23
N PRO F 54 -9.62 0.09 51.84
CA PRO F 54 -8.59 -0.69 51.16
C PRO F 54 -9.06 -2.09 50.85
N SER F 55 -8.28 -2.80 50.02
CA SER F 55 -8.61 -4.16 49.66
C SER F 55 -8.61 -5.04 50.90
N GLY F 56 -9.61 -5.93 50.98
CA GLY F 56 -9.74 -6.83 52.11
C GLY F 56 -10.50 -6.26 53.29
N ILE F 57 -10.85 -4.98 53.26
CA ILE F 57 -11.61 -4.36 54.34
C ILE F 57 -13.09 -4.61 54.11
N PRO F 58 -13.81 -5.16 55.09
CA PRO F 58 -15.23 -5.46 54.87
C PRO F 58 -16.05 -4.20 54.64
N GLU F 59 -17.17 -4.37 53.95
CA GLU F 59 -18.04 -3.27 53.56
C GLU F 59 -18.72 -2.61 54.75
N ARG F 60 -18.64 -3.22 55.94
CA ARG F 60 -19.27 -2.64 57.12
C ARG F 60 -18.69 -1.28 57.48
N PHE F 61 -17.44 -1.00 57.10
CA PHE F 61 -16.81 0.27 57.42
C PHE F 61 -17.23 1.33 56.41
N SER F 62 -17.40 2.56 56.89
CA SER F 62 -17.73 3.68 56.03
C SER F 62 -17.16 4.94 56.65
N GLY F 63 -16.97 5.96 55.82
CA GLY F 63 -16.40 7.21 56.29
C GLY F 63 -17.09 8.40 55.65
N SER F 64 -17.08 9.50 56.39
CA SER F 64 -17.58 10.77 55.89
C SER F 64 -16.69 11.89 56.43
N ASN F 65 -16.66 13.00 55.70
CA ASN F 65 -15.84 14.13 56.10
C ASN F 65 -16.49 15.40 55.55
N SER F 66 -16.87 16.31 56.43
CA SER F 66 -17.50 17.55 55.99
C SER F 66 -17.31 18.62 57.05
N GLY F 67 -17.17 19.86 56.59
CA GLY F 67 -17.06 20.99 57.48
C GLY F 67 -15.90 20.89 58.45
N ASN F 68 -16.22 20.66 59.72
CA ASN F 68 -15.22 20.55 60.77
C ASN F 68 -15.28 19.18 61.46
N THR F 69 -15.80 18.16 60.77
CA THR F 69 -15.98 16.86 61.41
C THR F 69 -15.83 15.75 60.38
N ALA F 70 -15.09 14.71 60.76
CA ALA F 70 -15.05 13.45 60.04
C ALA F 70 -15.65 12.37 60.92
N THR F 71 -16.19 11.34 60.28
CA THR F 71 -16.89 10.29 61.01
C THR F 71 -16.59 8.93 60.39
N LEU F 72 -16.26 7.98 61.25
CA LEU F 72 -16.11 6.58 60.87
C LEU F 72 -17.30 5.80 61.42
N THR F 73 -18.00 5.10 60.53
CA THR F 73 -19.19 4.34 60.88
C THR F 73 -18.90 2.86 60.66
N ILE F 74 -19.13 2.05 61.70
CA ILE F 74 -18.97 0.62 61.62
C ILE F 74 -20.36 0.01 61.82
N SER F 75 -20.89 -0.60 60.77
CA SER F 75 -22.22 -1.20 60.82
C SER F 75 -22.11 -2.66 61.21
N ARG F 76 -23.03 -3.10 62.08
CA ARG F 76 -23.05 -4.48 62.59
C ARG F 76 -21.71 -4.81 63.24
N VAL F 77 -21.41 -4.09 64.33
CA VAL F 77 -20.11 -4.18 64.97
C VAL F 77 -19.90 -5.59 65.50
N GLU F 78 -18.98 -6.32 64.88
CA GLU F 78 -18.63 -7.67 65.30
C GLU F 78 -17.71 -7.60 66.52
N ALA F 79 -17.59 -8.72 67.22
CA ALA F 79 -16.71 -8.78 68.38
C ALA F 79 -15.25 -8.56 68.03
N GLY F 80 -14.88 -8.83 66.77
CA GLY F 80 -13.51 -8.64 66.33
C GLY F 80 -13.14 -7.23 65.93
N ASP F 81 -14.08 -6.29 65.99
CA ASP F 81 -13.81 -4.89 65.67
C ASP F 81 -13.33 -4.09 66.89
N GLU F 82 -13.18 -4.74 68.03
CA GLU F 82 -12.69 -4.06 69.22
C GLU F 82 -11.20 -3.76 69.06
N ALA F 83 -10.88 -2.48 68.89
CA ALA F 83 -9.50 -2.04 68.68
C ALA F 83 -9.45 -0.54 68.89
N ASP F 84 -8.27 0.04 68.71
CA ASP F 84 -8.07 1.48 68.78
C ASP F 84 -8.15 2.07 67.38
N TYR F 85 -8.92 3.14 67.21
CA TYR F 85 -9.13 3.75 65.91
C TYR F 85 -8.53 5.15 65.90
N TYR F 86 -7.70 5.41 64.89
CA TYR F 86 -6.97 6.67 64.77
C TYR F 86 -7.34 7.36 63.47
N CYS F 87 -7.72 8.63 63.57
CA CYS F 87 -7.91 9.49 62.41
C CYS F 87 -6.69 10.39 62.27
N GLN F 88 -6.14 10.48 61.07
CA GLN F 88 -4.99 11.33 60.83
C GLN F 88 -5.15 12.10 59.54
N VAL F 89 -4.54 13.29 59.52
CA VAL F 89 -4.50 14.16 58.36
C VAL F 89 -3.10 14.77 58.26
N TRP F 90 -2.90 15.61 57.26
CA TRP F 90 -1.66 16.32 57.04
C TRP F 90 -1.93 17.81 57.20
N ASP F 91 -1.36 18.40 58.25
CA ASP F 91 -1.57 19.80 58.56
C ASP F 91 -0.20 20.46 58.74
N SER F 92 0.03 21.58 58.06
CA SER F 92 1.22 22.39 58.22
C SER F 92 2.50 21.56 58.06
N GLY F 93 2.49 20.71 57.05
CA GLY F 93 3.64 19.85 56.79
C GLY F 93 3.92 18.85 57.89
N SER F 94 2.87 18.32 58.52
CA SER F 94 3.04 17.35 59.59
C SER F 94 1.87 16.37 59.58
N VAL F 95 2.17 15.09 59.68
CA VAL F 95 1.16 14.05 59.79
C VAL F 95 0.65 14.09 61.22
N VAL F 96 -0.50 14.70 61.41
CA VAL F 96 -1.10 14.75 62.74
C VAL F 96 -2.09 13.61 62.89
N PHE F 97 -1.97 12.88 63.99
CA PHE F 97 -2.82 11.76 64.34
C PHE F 97 -3.84 12.20 65.37
N GLY F 98 -5.03 11.60 65.31
CA GLY F 98 -6.03 11.86 66.30
C GLY F 98 -5.65 11.23 67.63
N GLY F 99 -6.37 11.64 68.68
CA GLY F 99 -6.08 11.13 70.00
C GLY F 99 -6.31 9.63 70.14
N GLY F 100 -7.19 9.07 69.32
CA GLY F 100 -7.47 7.66 69.38
C GLY F 100 -8.69 7.37 70.27
N THR F 101 -9.45 6.36 69.86
CA THR F 101 -10.59 5.90 70.61
C THR F 101 -10.54 4.38 70.72
N LYS F 102 -11.02 3.86 71.84
CA LYS F 102 -11.08 2.42 72.06
C LYS F 102 -12.53 1.97 71.93
N LEU F 103 -12.80 1.15 70.93
CA LEU F 103 -14.15 0.65 70.69
C LEU F 103 -14.37 -0.62 71.50
N THR F 104 -15.32 -0.56 72.43
CA THR F 104 -15.63 -1.69 73.30
C THR F 104 -16.96 -2.30 72.88
N VAL F 105 -16.96 -3.60 72.64
CA VAL F 105 -18.15 -4.34 72.25
C VAL F 105 -18.71 -5.01 73.50
N LEU F 106 -19.93 -4.62 73.90
CA LEU F 106 -20.53 -5.13 75.12
C LEU F 106 -21.35 -6.39 74.82
N ALA G 2 37.91 56.77 8.52
CA ALA G 2 37.76 55.80 7.43
C ALA G 2 39.09 55.54 6.74
N GLY G 3 40.08 55.09 7.53
CA GLY G 3 41.40 54.82 6.99
C GLY G 3 42.08 53.71 7.77
N LEU G 4 42.95 52.98 7.08
CA LEU G 4 43.71 51.89 7.67
C LEU G 4 45.19 52.26 7.66
N THR G 5 45.85 52.03 8.80
CA THR G 5 47.26 52.38 8.96
C THR G 5 48.11 51.12 8.84
N GLN G 6 49.09 51.16 7.94
CA GLN G 6 49.99 50.04 7.71
C GLN G 6 51.43 50.53 7.72
N PRO G 7 52.36 49.68 8.15
CA PRO G 7 53.77 50.04 8.08
C PRO G 7 54.25 50.07 6.63
N PRO G 8 55.01 51.09 6.24
CA PRO G 8 55.46 51.18 4.84
C PRO G 8 56.31 50.00 4.39
N SER G 9 57.11 49.41 5.28
CA SER G 9 58.00 48.33 4.87
C SER G 9 58.30 47.44 6.07
N VAL G 10 58.43 46.14 5.79
CA VAL G 10 58.81 45.15 6.80
C VAL G 10 59.90 44.27 6.21
N SER G 11 61.01 44.15 6.92
CA SER G 11 62.15 43.36 6.48
C SER G 11 62.35 42.19 7.44
N VAL G 12 62.36 40.97 6.88
CA VAL G 12 62.46 39.75 7.68
C VAL G 12 63.40 38.78 6.98
N ALA G 13 64.24 38.10 7.77
CA ALA G 13 65.14 37.10 7.23
C ALA G 13 64.36 35.90 6.70
N PRO G 14 64.90 35.20 5.70
CA PRO G 14 64.16 34.08 5.10
C PRO G 14 63.77 32.98 6.09
N GLY G 15 64.59 32.74 7.11
CA GLY G 15 64.25 31.69 8.07
C GLY G 15 63.15 32.07 9.05
N LYS G 16 62.98 33.37 9.32
CA LYS G 16 62.10 33.82 10.39
C LYS G 16 60.69 34.04 9.86
N THR G 17 59.86 34.66 10.69
CA THR G 17 58.47 34.94 10.38
C THR G 17 58.25 36.44 10.28
N ALA G 18 57.31 36.83 9.42
CA ALA G 18 57.01 38.24 9.18
C ALA G 18 55.62 38.57 9.72
N ARG G 19 55.53 39.68 10.44
CA ARG G 19 54.26 40.18 10.95
C ARG G 19 53.95 41.53 10.31
N ILE G 20 52.79 41.63 9.68
CA ILE G 20 52.33 42.86 9.06
C ILE G 20 51.07 43.32 9.78
N SER G 21 51.08 44.56 10.26
CA SER G 21 49.98 45.09 11.05
C SER G 21 49.11 46.01 10.21
N CYS G 22 47.85 46.13 10.61
CA CYS G 22 46.88 47.01 9.98
C CYS G 22 46.02 47.60 11.07
N GLY G 23 46.17 48.90 11.33
CA GLY G 23 45.46 49.56 12.40
C GLY G 23 44.24 50.33 11.92
N GLY G 24 43.25 50.42 12.80
CA GLY G 24 42.04 51.15 12.49
C GLY G 24 41.18 51.24 13.73
N ASN G 25 40.23 52.18 13.68
CA ASN G 25 39.30 52.36 14.79
C ASN G 25 38.24 51.26 14.72
N ASN G 26 38.21 50.39 15.73
CA ASN G 26 37.27 49.29 15.82
C ASN G 26 37.33 48.41 14.58
N ILE G 27 38.54 48.05 14.17
CA ILE G 27 38.72 47.15 13.04
C ILE G 27 38.37 45.72 13.43
N GLY G 28 38.24 45.42 14.72
CA GLY G 28 37.87 44.09 15.15
C GLY G 28 36.45 43.70 14.80
N SER G 29 35.61 44.68 14.47
CA SER G 29 34.23 44.44 14.05
C SER G 29 34.10 44.32 12.54
N LYS G 30 35.20 44.39 11.80
CA LYS G 30 35.18 44.31 10.35
C LYS G 30 35.99 43.10 9.88
N SER G 31 35.65 42.62 8.68
CA SER G 31 36.38 41.52 8.06
C SER G 31 37.55 42.10 7.27
N VAL G 32 38.76 41.82 7.72
CA VAL G 32 39.96 42.32 7.04
C VAL G 32 40.41 41.27 6.03
N HIS G 33 40.50 41.69 4.77
CA HIS G 33 40.97 40.82 3.70
C HIS G 33 42.36 41.27 3.31
N TRP G 34 43.30 40.31 3.28
CA TRP G 34 44.70 40.59 2.97
C TRP G 34 44.99 40.13 1.55
N TYR G 35 45.44 41.07 0.73
CA TYR G 35 45.81 40.84 -0.65
C TYR G 35 47.31 40.94 -0.81
N GLN G 36 47.86 40.09 -1.68
CA GLN G 36 49.28 40.10 -2.01
C GLN G 36 49.43 40.52 -3.46
N GLN G 37 50.43 41.34 -3.74
CA GLN G 37 50.66 41.84 -5.09
C GLN G 37 52.15 41.78 -5.40
N LYS G 38 52.51 40.99 -6.40
CA LYS G 38 53.83 41.02 -6.97
C LYS G 38 53.90 42.15 -8.00
N PRO G 39 55.09 42.67 -8.29
CA PRO G 39 55.20 43.75 -9.28
C PRO G 39 54.68 43.31 -10.64
N GLY G 40 53.95 44.23 -11.28
CA GLY G 40 53.38 43.98 -12.60
C GLY G 40 52.34 42.86 -12.63
N GLN G 41 51.52 42.77 -11.58
CA GLN G 41 50.49 41.75 -11.50
C GLN G 41 49.30 42.30 -10.72
N ALA G 42 48.13 41.73 -11.00
CA ALA G 42 46.94 42.07 -10.23
C ALA G 42 47.06 41.48 -8.83
N PRO G 43 46.45 42.12 -7.81
CA PRO G 43 46.51 41.57 -6.46
C PRO G 43 45.87 40.19 -6.40
N VAL G 44 46.45 39.32 -5.58
CA VAL G 44 45.93 37.97 -5.36
C VAL G 44 45.54 37.86 -3.89
N LEU G 45 44.34 37.36 -3.65
CA LEU G 45 43.83 37.25 -2.29
C LEU G 45 44.55 36.13 -1.55
N VAL G 46 45.17 36.48 -0.42
CA VAL G 46 45.85 35.48 0.39
C VAL G 46 45.16 35.23 1.72
N ILE G 47 44.40 36.17 2.27
CA ILE G 47 43.62 35.93 3.48
C ILE G 47 42.27 36.61 3.34
N TYR G 48 41.20 35.94 3.74
CA TYR G 48 39.89 36.57 3.73
C TYR G 48 39.11 36.20 4.98
N TYR G 49 38.30 37.15 5.44
CA TYR G 49 37.51 37.02 6.66
C TYR G 49 38.39 36.76 7.88
N ASP G 50 39.55 37.42 7.91
CA ASP G 50 40.42 37.60 9.07
C ASP G 50 41.19 36.36 9.50
N SER G 51 40.80 35.17 9.01
CA SER G 51 41.43 33.95 9.48
C SER G 51 41.58 32.88 8.42
N ASP G 52 41.06 33.09 7.21
CA ASP G 52 40.88 32.00 6.27
C ASP G 52 41.78 32.18 5.05
N ARG G 53 42.20 31.05 4.48
CA ARG G 53 43.08 31.05 3.32
C ARG G 53 42.34 30.51 2.11
N PRO G 54 42.38 31.22 0.98
CA PRO G 54 41.76 30.70 -0.24
C PRO G 54 42.42 29.40 -0.70
N SER G 55 41.80 28.79 -1.70
CA SER G 55 42.33 27.56 -2.26
C SER G 55 43.70 27.81 -2.88
N GLY G 56 44.62 26.88 -2.65
CA GLY G 56 45.95 26.97 -3.22
C GLY G 56 46.90 27.88 -2.45
N ILE G 57 46.47 28.44 -1.34
CA ILE G 57 47.29 29.30 -0.51
C ILE G 57 47.98 28.44 0.55
N PRO G 58 49.31 28.54 0.69
CA PRO G 58 50.01 27.66 1.62
C PRO G 58 49.62 27.92 3.07
N GLU G 59 49.86 26.92 3.90
CA GLU G 59 49.54 26.98 5.32
C GLU G 59 50.38 28.03 6.07
N ARG G 60 51.44 28.54 5.44
CA ARG G 60 52.31 29.51 6.10
C ARG G 60 51.57 30.78 6.46
N PHE G 61 50.69 31.26 5.58
CA PHE G 61 49.95 32.49 5.85
C PHE G 61 48.91 32.26 6.94
N SER G 62 48.75 33.27 7.79
CA SER G 62 47.72 33.24 8.82
C SER G 62 47.30 34.67 9.13
N GLY G 63 46.12 34.81 9.71
CA GLY G 63 45.59 36.13 10.00
C GLY G 63 44.89 36.16 11.34
N SER G 64 44.84 37.36 11.90
CA SER G 64 44.09 37.62 13.11
C SER G 64 43.55 39.05 13.06
N ASN G 65 42.48 39.29 13.81
CA ASN G 65 41.85 40.60 13.79
C ASN G 65 41.12 40.80 15.12
N SER G 66 41.59 41.73 15.94
CA SER G 66 40.97 41.93 17.24
C SER G 66 41.20 43.37 17.68
N GLY G 67 40.25 43.87 18.47
CA GLY G 67 40.35 45.20 19.04
C GLY G 67 40.50 46.28 17.98
N ASN G 68 41.69 46.87 17.91
CA ASN G 68 41.99 47.91 16.93
C ASN G 68 43.14 47.52 16.02
N THR G 69 43.39 46.23 15.84
CA THR G 69 44.54 45.81 15.03
C THR G 69 44.24 44.47 14.36
N ALA G 70 44.60 44.38 13.08
CA ALA G 70 44.64 43.12 12.35
C ALA G 70 46.08 42.81 12.01
N THR G 71 46.41 41.53 11.95
CA THR G 71 47.78 41.09 11.73
C THR G 71 47.81 39.94 10.75
N LEU G 72 48.70 40.04 9.77
CA LEU G 72 49.01 38.95 8.85
C LEU G 72 50.38 38.39 9.21
N THR G 73 50.42 37.08 9.46
CA THR G 73 51.64 36.39 9.84
C THR G 73 52.07 35.45 8.72
N ILE G 74 53.31 35.61 8.27
CA ILE G 74 53.88 34.76 7.23
C ILE G 74 55.00 33.96 7.90
N SER G 75 54.76 32.67 8.09
CA SER G 75 55.75 31.79 8.72
C SER G 75 56.63 31.15 7.65
N ARG G 76 57.91 31.01 7.97
CA ARG G 76 58.92 30.49 7.03
C ARG G 76 58.90 31.30 5.73
N VAL G 77 59.24 32.58 5.86
CA VAL G 77 59.13 33.50 4.74
C VAL G 77 60.07 33.08 3.63
N GLU G 78 59.51 32.63 2.51
CA GLU G 78 60.30 32.25 1.36
C GLU G 78 60.78 33.49 0.62
N ALA G 79 61.75 33.28 -0.28
CA ALA G 79 62.24 34.38 -1.10
C ALA G 79 61.17 34.92 -2.05
N GLY G 80 60.20 34.10 -2.43
CA GLY G 80 59.13 34.52 -3.30
C GLY G 80 57.98 35.24 -2.63
N ASP G 81 58.06 35.42 -1.30
CA ASP G 81 57.04 36.14 -0.56
C ASP G 81 57.27 37.65 -0.57
N GLU G 82 58.35 38.11 -1.22
CA GLU G 82 58.62 39.53 -1.33
C GLU G 82 57.57 40.17 -2.24
N ALA G 83 56.66 40.93 -1.64
CA ALA G 83 55.57 41.53 -2.39
C ALA G 83 54.98 42.67 -1.56
N ASP G 84 53.96 43.32 -2.11
CA ASP G 84 53.23 44.37 -1.42
C ASP G 84 51.91 43.80 -0.90
N TYR G 85 51.66 44.00 0.39
CA TYR G 85 50.49 43.43 1.04
C TYR G 85 49.54 44.52 1.49
N TYR G 86 48.25 44.32 1.22
CA TYR G 86 47.22 45.32 1.48
C TYR G 86 46.14 44.72 2.37
N CYS G 87 45.66 45.50 3.33
CA CYS G 87 44.52 45.14 4.16
C CYS G 87 43.31 45.95 3.72
N GLN G 88 42.18 45.27 3.51
CA GLN G 88 40.97 45.90 3.02
C GLN G 88 39.80 45.56 3.93
N VAL G 89 39.07 46.58 4.34
CA VAL G 89 37.80 46.45 5.03
C VAL G 89 36.79 47.37 4.35
N TRP G 90 35.53 47.23 4.72
CA TRP G 90 34.46 48.07 4.21
C TRP G 90 34.02 49.01 5.34
N ASP G 91 34.22 50.30 5.13
CA ASP G 91 33.85 51.32 6.10
C ASP G 91 32.82 52.25 5.48
N SER G 92 31.72 52.46 6.20
CA SER G 92 30.58 53.26 5.73
C SER G 92 30.09 52.61 4.44
N GLY G 93 30.19 53.27 3.29
CA GLY G 93 29.75 52.66 2.05
C GLY G 93 30.88 52.49 1.04
N SER G 94 32.10 52.30 1.54
CA SER G 94 33.28 52.20 0.70
C SER G 94 34.24 51.20 1.31
N VAL G 95 35.07 50.57 0.47
CA VAL G 95 36.13 49.71 0.96
C VAL G 95 37.39 50.56 1.05
N VAL G 96 37.95 50.66 2.25
CA VAL G 96 39.22 51.35 2.41
C VAL G 96 40.34 50.34 2.27
N PHE G 97 41.41 50.75 1.57
CA PHE G 97 42.56 49.91 1.36
C PHE G 97 43.70 50.39 2.23
N GLY G 98 44.47 49.45 2.78
CA GLY G 98 45.62 49.81 3.56
C GLY G 98 46.70 50.46 2.70
N GLY G 99 47.59 51.20 3.35
CA GLY G 99 48.63 51.90 2.64
C GLY G 99 49.58 50.99 1.88
N GLY G 100 49.65 49.72 2.27
CA GLY G 100 50.54 48.78 1.60
C GLY G 100 51.85 48.61 2.36
N THR G 101 52.23 47.35 2.54
CA THR G 101 53.47 47.00 3.20
C THR G 101 54.34 46.21 2.23
N LYS G 102 55.54 46.71 1.96
CA LYS G 102 56.47 46.04 1.08
C LYS G 102 57.34 45.10 1.91
N LEU G 103 57.12 43.79 1.77
CA LEU G 103 57.88 42.80 2.51
C LEU G 103 59.19 42.54 1.77
N THR G 104 60.31 42.68 2.48
CA THR G 104 61.62 42.44 1.92
C THR G 104 62.24 41.21 2.58
N VAL G 105 62.65 40.25 1.75
CA VAL G 105 63.26 39.01 2.23
C VAL G 105 64.76 39.13 2.06
N LEU G 106 65.48 39.01 3.18
CA LEU G 106 66.93 39.19 3.17
C LEU G 106 67.65 37.89 2.85
N VAL H 2 5.49 -4.25 48.18
CA VAL H 2 6.68 -3.96 48.99
C VAL H 2 6.41 -4.40 50.42
N GLN H 3 7.46 -4.83 51.12
CA GLN H 3 7.37 -5.21 52.52
C GLN H 3 8.47 -4.53 53.32
N LEU H 4 8.11 -4.01 54.49
CA LEU H 4 9.06 -3.32 55.36
C LEU H 4 9.41 -4.22 56.53
N VAL H 5 10.70 -4.46 56.72
CA VAL H 5 11.20 -5.28 57.82
C VAL H 5 12.13 -4.42 58.66
N GLN H 6 11.87 -4.37 59.96
CA GLN H 6 12.66 -3.55 60.87
C GLN H 6 13.64 -4.43 61.65
N SER H 7 14.58 -3.78 62.31
CA SER H 7 15.62 -4.48 63.05
C SER H 7 15.04 -5.03 64.36
N GLY H 8 15.91 -5.55 65.23
CA GLY H 8 15.48 -6.08 66.50
C GLY H 8 15.25 -4.98 67.52
N ALA H 9 14.79 -5.41 68.70
CA ALA H 9 14.58 -4.49 69.80
C ALA H 9 15.92 -3.92 70.28
N GLU H 10 15.86 -2.70 70.80
CA GLU H 10 17.05 -2.00 71.26
C GLU H 10 16.89 -1.62 72.72
N VAL H 11 17.93 -1.89 73.51
CA VAL H 11 17.99 -1.48 74.91
C VAL H 11 19.11 -0.46 75.04
N LYS H 12 18.76 0.75 75.49
CA LYS H 12 19.70 1.86 75.51
C LYS H 12 19.60 2.58 76.84
N THR H 13 20.66 3.32 77.14
CA THR H 13 20.74 4.12 78.37
C THR H 13 20.33 5.55 78.08
N PRO H 14 19.81 6.27 79.09
CA PRO H 14 19.44 7.67 78.86
C PRO H 14 20.64 8.51 78.44
N GLY H 15 20.38 9.46 77.54
CA GLY H 15 21.42 10.33 77.02
C GLY H 15 22.20 9.76 75.85
N ALA H 16 21.93 8.51 75.47
CA ALA H 16 22.64 7.88 74.37
C ALA H 16 21.88 8.14 73.06
N SER H 17 22.25 7.42 72.00
CA SER H 17 21.58 7.51 70.71
C SER H 17 21.24 6.12 70.22
N VAL H 18 20.13 6.02 69.48
CA VAL H 18 19.68 4.75 68.94
C VAL H 18 19.44 4.91 67.44
N ARG H 19 19.62 3.82 66.70
CA ARG H 19 19.41 3.81 65.26
C ARG H 19 18.51 2.63 64.92
N VAL H 20 17.40 2.91 64.23
CA VAL H 20 16.45 1.90 63.82
C VAL H 20 16.47 1.83 62.30
N SER H 21 16.58 0.61 61.76
CA SER H 21 16.66 0.37 60.33
C SER H 21 15.36 -0.25 59.84
N CYS H 22 14.92 0.18 58.66
CA CYS H 22 13.72 -0.34 58.02
C CYS H 22 14.08 -0.66 56.58
N LYS H 23 14.12 -1.94 56.23
CA LYS H 23 14.52 -2.38 54.91
C LYS H 23 13.29 -2.73 54.10
N ALA H 24 13.20 -2.18 52.89
CA ALA H 24 12.10 -2.45 51.98
C ALA H 24 12.52 -3.53 50.99
N SER H 25 11.62 -4.50 50.80
CA SER H 25 11.88 -5.63 49.94
C SER H 25 10.76 -5.77 48.92
N GLY H 26 11.13 -6.01 47.66
CA GLY H 26 10.18 -6.18 46.58
C GLY H 26 10.15 -5.01 45.61
N HIS H 27 10.63 -3.85 46.04
CA HIS H 27 10.55 -2.63 45.24
C HIS H 27 11.89 -1.93 45.23
N THR H 28 12.02 -0.93 44.37
CA THR H 28 13.22 -0.12 44.33
C THR H 28 13.34 0.83 45.51
N PHE H 29 12.26 1.01 46.27
CA PHE H 29 12.29 1.75 47.54
C PHE H 29 12.46 3.25 47.31
N ARG H 30 12.73 3.64 46.07
CA ARG H 30 12.88 5.05 45.72
C ARG H 30 11.58 5.68 45.24
N THR H 31 10.51 4.88 45.11
CA THR H 31 9.25 5.35 44.56
C THR H 31 8.21 5.66 45.61
N PHE H 32 8.58 5.71 46.88
CA PHE H 32 7.67 6.07 47.96
C PHE H 32 8.46 6.62 49.13
N ASP H 33 7.75 7.27 50.04
CA ASP H 33 8.37 7.88 51.21
C ASP H 33 8.32 6.93 52.40
N ILE H 34 9.15 7.23 53.40
CA ILE H 34 9.26 6.42 54.61
C ILE H 34 8.89 7.31 55.78
N ASN H 35 7.80 6.96 56.45
CA ASN H 35 7.33 7.69 57.62
C ASN H 35 7.69 6.90 58.86
N TRP H 36 8.33 7.57 59.81
CA TRP H 36 8.65 7.01 61.11
C TRP H 36 7.67 7.57 62.14
N VAL H 37 7.01 6.68 62.87
CA VAL H 37 6.02 7.04 63.88
C VAL H 37 6.20 6.12 65.08
N ARG H 38 6.18 6.70 66.28
CA ARG H 38 6.38 5.93 67.50
C ARG H 38 5.14 5.94 68.36
N GLN H 39 4.90 4.82 69.04
CA GLN H 39 3.75 4.67 69.93
C GLN H 39 4.26 4.22 71.30
N ALA H 40 3.93 5.00 72.32
CA ALA H 40 4.39 4.68 73.67
C ALA H 40 3.60 3.52 74.24
N ALA H 41 3.99 3.08 75.43
CA ALA H 41 3.34 1.96 76.10
C ALA H 41 1.93 2.38 76.53
N GLY H 42 0.92 1.85 75.82
CA GLY H 42 -0.47 2.13 76.15
C GLY H 42 -0.97 3.50 75.73
N GLN H 43 -0.18 4.25 74.97
CA GLN H 43 -0.55 5.56 74.50
C GLN H 43 -0.93 5.51 73.02
N GLY H 44 -1.28 6.67 72.48
CA GLY H 44 -1.67 6.76 71.09
C GLY H 44 -0.47 6.87 70.15
N LEU H 45 -0.77 6.81 68.87
CA LEU H 45 0.26 6.98 67.85
C LEU H 45 0.80 8.40 67.88
N GLU H 46 2.10 8.54 67.65
CA GLU H 46 2.76 9.84 67.73
C GLU H 46 3.77 9.93 66.59
N TRP H 47 3.44 10.75 65.59
CA TRP H 47 4.25 10.85 64.39
C TRP H 47 5.61 11.46 64.70
N MET H 48 6.65 10.90 64.09
CA MET H 48 8.01 11.40 64.24
C MET H 48 8.47 12.19 63.02
N GLY H 49 8.37 11.62 61.82
CA GLY H 49 8.78 12.36 60.65
C GLY H 49 8.61 11.55 59.38
N TRP H 50 8.99 12.16 58.27
CA TRP H 50 8.97 11.54 56.96
C TRP H 50 10.29 11.79 56.24
N MET H 51 10.64 10.87 55.36
CA MET H 51 11.88 10.94 54.60
C MET H 51 11.63 10.46 53.17
N SER H 52 12.26 11.13 52.21
CA SER H 52 12.13 10.75 50.82
C SER H 52 13.40 10.06 50.37
N PRO H 53 13.41 8.72 50.25
CA PRO H 53 14.64 8.02 49.88
C PRO H 53 15.17 8.35 48.48
N ASN H 54 14.33 8.87 47.60
CA ASN H 54 14.81 9.25 46.27
C ASN H 54 15.72 10.47 46.35
N SER H 55 15.31 11.48 47.10
CA SER H 55 16.01 12.75 47.15
C SER H 55 16.70 13.02 48.48
N GLY H 56 16.33 12.31 49.54
CA GLY H 56 16.90 12.54 50.85
C GLY H 56 16.25 13.63 51.66
N ASN H 57 15.29 14.36 51.09
CA ASN H 57 14.62 15.42 51.80
C ASN H 57 13.78 14.84 52.94
N THR H 58 13.83 15.51 54.09
CA THR H 58 13.19 15.02 55.30
C THR H 58 12.28 16.09 55.87
N GLY H 59 11.40 15.66 56.78
CA GLY H 59 10.55 16.58 57.51
C GLY H 59 10.19 16.01 58.86
N TYR H 60 10.46 16.75 59.92
CA TYR H 60 10.28 16.26 61.28
C TYR H 60 9.18 17.03 62.00
N ALA H 61 8.68 16.43 63.06
CA ALA H 61 7.73 17.12 63.93
C ALA H 61 8.43 18.21 64.71
N ARG H 62 7.64 19.11 65.30
CA ARG H 62 8.20 20.20 66.09
C ARG H 62 8.93 19.64 67.31
N GLN H 63 8.43 18.55 67.89
CA GLN H 63 9.00 17.99 69.10
C GLN H 63 10.19 17.06 68.84
N PHE H 64 10.55 16.84 67.58
CA PHE H 64 11.71 16.01 67.26
C PHE H 64 12.77 16.75 66.46
N GLN H 65 12.62 18.06 66.27
CA GLN H 65 13.60 18.81 65.50
C GLN H 65 14.93 18.89 66.26
N GLY H 66 16.00 18.49 65.58
CA GLY H 66 17.32 18.45 66.19
C GLY H 66 17.62 17.19 66.97
N ARG H 67 16.65 16.29 67.11
CA ARG H 67 16.85 15.04 67.83
C ARG H 67 16.78 13.81 66.92
N VAL H 68 16.24 13.94 65.71
CA VAL H 68 16.06 12.83 64.80
C VAL H 68 16.83 13.11 63.52
N THR H 69 17.61 12.13 63.07
CA THR H 69 18.30 12.21 61.80
C THR H 69 17.84 11.06 60.93
N MET H 70 17.40 11.36 59.71
CA MET H 70 16.83 10.37 58.82
C MET H 70 17.76 10.21 57.62
N THR H 71 18.24 8.99 57.41
CA THR H 71 19.21 8.71 56.37
C THR H 71 18.75 7.51 55.55
N ARG H 72 19.44 7.27 54.43
CA ARG H 72 19.03 6.24 53.50
C ARG H 72 20.26 5.54 52.92
N ASN H 73 20.06 4.29 52.52
CA ASN H 73 21.05 3.50 51.82
C ASN H 73 20.34 2.88 50.62
N ILE H 74 20.56 3.47 49.45
CA ILE H 74 19.87 3.04 48.23
C ILE H 74 20.30 1.63 47.84
N SER H 75 21.60 1.33 48.01
CA SER H 75 22.12 0.03 47.58
C SER H 75 21.41 -1.12 48.30
N ALA H 76 21.18 -0.97 49.60
CA ALA H 76 20.47 -1.97 50.38
C ALA H 76 18.99 -1.66 50.54
N ASN H 77 18.51 -0.53 50.01
CA ASN H 77 17.12 -0.10 50.17
C ASN H 77 16.71 -0.07 51.63
N THR H 78 17.51 0.62 52.45
CA THR H 78 17.26 0.66 53.88
C THR H 78 17.18 2.11 54.35
N ALA H 79 16.19 2.38 55.20
CA ALA H 79 15.97 3.71 55.76
C ALA H 79 16.31 3.68 57.24
N TYR H 80 17.17 4.60 57.67
CA TYR H 80 17.63 4.66 59.04
C TYR H 80 17.04 5.89 59.73
N MET H 81 16.52 5.69 60.93
CA MET H 81 16.11 6.77 61.81
C MET H 81 16.97 6.74 63.05
N GLU H 82 17.67 7.83 63.33
CA GLU H 82 18.54 7.93 64.49
C GLU H 82 17.96 8.93 65.47
N LEU H 83 17.64 8.44 66.67
CA LEU H 83 17.15 9.27 67.76
C LEU H 83 18.32 9.59 68.68
N ARG H 84 18.46 10.86 69.04
CA ARG H 84 19.56 11.34 69.86
C ARG H 84 19.00 11.95 71.13
N GLY H 85 19.80 11.93 72.19
CA GLY H 85 19.37 12.48 73.47
C GLY H 85 18.20 11.73 74.07
N LEU H 86 18.29 10.40 74.08
CA LEU H 86 17.21 9.58 74.61
C LEU H 86 16.96 9.91 76.09
N ARG H 87 15.67 9.91 76.44
CA ARG H 87 15.26 10.14 77.82
C ARG H 87 14.32 9.00 78.21
N PHE H 88 13.66 9.15 79.37
CA PHE H 88 12.88 8.05 79.92
C PHE H 88 11.55 7.87 79.20
N ASP H 89 11.10 8.89 78.46
CA ASP H 89 9.82 8.80 77.78
C ASP H 89 9.96 8.33 76.33
N ASP H 90 11.16 7.98 75.89
CA ASP H 90 11.36 7.47 74.54
C ASP H 90 11.16 5.96 74.44
N THR H 91 10.89 5.28 75.55
CA THR H 91 10.57 3.86 75.49
C THR H 91 9.25 3.66 74.76
N ALA H 92 9.32 3.14 73.54
CA ALA H 92 8.13 3.04 72.70
C ALA H 92 8.40 2.05 71.59
N VAL H 93 7.35 1.71 70.86
CA VAL H 93 7.47 0.86 69.67
C VAL H 93 7.49 1.77 68.45
N TYR H 94 8.53 1.63 67.64
CA TYR H 94 8.76 2.50 66.50
C TYR H 94 8.40 1.76 65.22
N TYR H 95 7.61 2.41 64.36
CA TYR H 95 7.15 1.82 63.13
C TYR H 95 7.61 2.67 61.96
N CYS H 96 8.02 1.97 60.90
CA CYS H 96 8.25 2.57 59.60
C CYS H 96 7.07 2.19 58.70
N ALA H 97 6.61 3.15 57.91
CA ALA H 97 5.49 2.92 57.02
C ALA H 97 5.76 3.64 55.71
N ARG H 98 4.98 3.29 54.70
CA ARG H 98 5.00 4.00 53.43
C ARG H 98 3.83 4.99 53.48
N GLY H 99 4.16 6.26 53.70
CA GLY H 99 3.13 7.24 53.95
C GLY H 99 3.35 8.56 53.23
N PRO H 100 2.78 9.63 53.79
CA PRO H 100 2.83 10.93 53.14
C PRO H 100 4.24 11.49 53.09
N GLY H 101 4.41 12.56 52.32
CA GLY H 101 5.69 13.22 52.23
C GLY H 101 5.96 13.89 50.90
N SER H 102 7.08 13.56 50.28
CA SER H 102 7.46 14.16 49.00
C SER H 102 6.50 13.71 47.89
N THR H 103 6.14 12.43 47.88
CA THR H 103 5.25 11.90 46.85
C THR H 103 3.82 12.39 47.01
N GLY H 104 3.49 13.05 48.12
CA GLY H 104 2.17 13.61 48.32
C GLY H 104 1.83 13.72 49.79
N THR H 105 1.24 14.85 50.17
CA THR H 105 0.88 15.09 51.56
C THR H 105 -0.38 14.35 52.00
N THR H 106 -1.19 13.90 51.05
CA THR H 106 -2.43 13.20 51.34
C THR H 106 -2.27 11.69 51.27
N GLY H 107 -1.05 11.18 51.28
CA GLY H 107 -0.85 9.75 51.21
C GLY H 107 -1.31 9.03 52.45
N SER H 108 -1.45 7.72 52.33
CA SER H 108 -1.86 6.85 53.42
C SER H 108 -0.69 5.93 53.79
N MET H 109 -0.56 5.66 55.10
CA MET H 109 0.39 4.67 55.58
C MET H 109 -0.20 3.29 55.33
N ASP H 110 -0.13 2.86 54.07
CA ASP H 110 -0.79 1.63 53.66
C ASP H 110 -0.06 0.39 54.13
N VAL H 111 1.27 0.37 54.05
CA VAL H 111 2.07 -0.76 54.52
C VAL H 111 2.89 -0.31 55.73
N TRP H 112 2.98 -1.17 56.74
CA TRP H 112 3.66 -0.87 57.98
C TRP H 112 4.76 -1.88 58.24
N GLY H 113 5.73 -1.46 59.04
CA GLY H 113 6.76 -2.36 59.51
C GLY H 113 6.33 -3.15 60.73
N GLN H 114 7.20 -4.06 61.17
CA GLN H 114 6.89 -4.85 62.34
C GLN H 114 6.98 -4.02 63.62
N GLY H 115 7.85 -3.00 63.64
CA GLY H 115 8.02 -2.17 64.82
C GLY H 115 9.11 -2.68 65.75
N THR H 116 9.94 -1.77 66.26
CA THR H 116 11.01 -2.11 67.17
C THR H 116 10.73 -1.47 68.53
N THR H 117 10.84 -2.27 69.59
CA THR H 117 10.60 -1.76 70.93
C THR H 117 11.91 -1.23 71.51
N VAL H 118 11.97 0.07 71.76
CA VAL H 118 13.15 0.72 72.32
C VAL H 118 12.83 1.08 73.76
N THR H 119 13.62 0.54 74.69
CA THR H 119 13.42 0.72 76.12
C THR H 119 14.66 1.36 76.72
N VAL H 120 14.46 2.18 77.75
CA VAL H 120 15.57 2.84 78.43
C VAL H 120 15.59 2.45 79.90
N VAL I 2 34.51 32.10 -12.81
CA VAL I 2 34.31 33.25 -13.71
C VAL I 2 35.66 33.88 -14.02
N GLN I 3 35.77 34.45 -15.21
CA GLN I 3 36.96 35.16 -15.65
C GLN I 3 36.58 36.56 -16.09
N LEU I 4 37.41 37.53 -15.70
CA LEU I 4 37.20 38.93 -16.09
C LEU I 4 38.29 39.34 -17.07
N VAL I 5 37.88 39.81 -18.25
CA VAL I 5 38.80 40.24 -19.29
C VAL I 5 38.51 41.70 -19.59
N GLN I 6 39.53 42.55 -19.51
CA GLN I 6 39.37 43.97 -19.73
C GLN I 6 39.86 44.36 -21.12
N SER I 7 39.62 45.63 -21.47
CA SER I 7 39.99 46.15 -22.77
C SER I 7 41.50 46.41 -22.82
N GLY I 8 41.96 47.06 -23.88
CA GLY I 8 43.37 47.36 -24.04
C GLY I 8 43.76 48.66 -23.36
N ALA I 9 45.06 48.96 -23.45
CA ALA I 9 45.58 50.20 -22.88
C ALA I 9 45.04 51.40 -23.64
N GLU I 10 44.91 52.52 -22.93
CA GLU I 10 44.35 53.74 -23.50
C GLU I 10 45.34 54.88 -23.30
N VAL I 11 45.51 55.69 -24.34
CA VAL I 11 46.35 56.89 -24.28
C VAL I 11 45.47 58.08 -24.61
N LYS I 12 45.38 59.04 -23.70
CA LYS I 12 44.45 60.15 -23.82
C LYS I 12 45.14 61.46 -23.49
N THR I 13 44.37 62.54 -23.58
CA THR I 13 44.79 63.89 -23.26
C THR I 13 44.08 64.39 -22.03
N PRO I 14 44.65 65.35 -21.30
CA PRO I 14 43.98 65.90 -20.12
C PRO I 14 42.62 66.50 -20.47
N GLY I 15 41.66 66.29 -19.58
CA GLY I 15 40.31 66.77 -19.78
C GLY I 15 39.43 65.86 -20.62
N ALA I 16 39.96 64.73 -21.10
CA ALA I 16 39.19 63.81 -21.92
C ALA I 16 38.42 62.83 -21.03
N SER I 17 37.81 61.82 -21.67
CA SER I 17 37.05 60.80 -20.97
C SER I 17 37.50 59.43 -21.43
N VAL I 18 37.49 58.48 -20.49
CA VAL I 18 37.95 57.12 -20.77
C VAL I 18 36.89 56.12 -20.32
N ARG I 19 36.49 55.23 -21.22
CA ARG I 19 35.60 54.13 -20.88
C ARG I 19 36.39 52.83 -20.91
N VAL I 20 36.47 52.17 -19.76
CA VAL I 20 37.14 50.88 -19.62
C VAL I 20 36.07 49.81 -19.51
N SER I 21 36.25 48.73 -20.25
CA SER I 21 35.29 47.65 -20.38
C SER I 21 35.81 46.41 -19.66
N CYS I 22 34.90 45.68 -19.01
CA CYS I 22 35.25 44.47 -18.28
C CYS I 22 34.18 43.42 -18.59
N LYS I 23 34.56 42.36 -19.30
CA LYS I 23 33.64 41.32 -19.72
C LYS I 23 33.85 40.08 -18.85
N ALA I 24 32.75 39.56 -18.31
CA ALA I 24 32.76 38.38 -17.48
C ALA I 24 32.37 37.16 -18.30
N SER I 25 33.08 36.05 -18.06
CA SER I 25 32.87 34.83 -18.81
C SER I 25 32.78 33.66 -17.84
N GLY I 26 31.79 32.79 -18.06
CA GLY I 26 31.60 31.62 -17.23
C GLY I 26 30.38 31.66 -16.34
N HIS I 27 29.92 32.85 -15.98
CA HIS I 27 28.73 33.02 -15.14
C HIS I 27 27.79 34.02 -15.81
N THR I 28 26.57 34.08 -15.30
CA THR I 28 25.59 35.03 -15.81
C THR I 28 25.95 36.47 -15.48
N PHE I 29 26.90 36.70 -14.58
CA PHE I 29 27.45 38.01 -14.28
C PHE I 29 26.48 38.89 -13.51
N ARG I 30 25.23 38.44 -13.34
CA ARG I 30 24.26 39.16 -12.53
C ARG I 30 24.27 38.70 -11.07
N THR I 31 25.08 37.70 -10.75
CA THR I 31 25.09 37.09 -9.43
C THR I 31 26.18 37.63 -8.52
N PHE I 32 26.94 38.64 -8.96
CA PHE I 32 27.95 39.26 -8.12
C PHE I 32 28.04 40.73 -8.48
N ASP I 33 28.97 41.42 -7.83
CA ASP I 33 29.19 42.85 -8.03
C ASP I 33 30.52 43.07 -8.74
N ILE I 34 30.67 44.26 -9.32
CA ILE I 34 31.89 44.63 -10.03
C ILE I 34 32.50 45.83 -9.33
N ASN I 35 33.68 45.64 -8.76
CA ASN I 35 34.41 46.68 -8.08
C ASN I 35 35.54 47.15 -8.99
N TRP I 36 35.57 48.45 -9.26
CA TRP I 36 36.64 49.07 -10.03
C TRP I 36 37.60 49.74 -9.07
N VAL I 37 38.88 49.37 -9.15
CA VAL I 37 39.92 49.89 -8.29
C VAL I 37 41.16 50.16 -9.13
N ARG I 38 41.81 51.30 -8.89
CA ARG I 38 42.96 51.70 -9.68
C ARG I 38 44.21 51.80 -8.82
N GLN I 39 45.35 51.54 -9.44
CA GLN I 39 46.64 51.63 -8.79
C GLN I 39 47.56 52.49 -9.65
N ALA I 40 48.12 53.54 -9.04
CA ALA I 40 49.00 54.43 -9.76
C ALA I 40 50.37 53.77 -9.96
N ALA I 41 51.27 54.49 -10.62
CA ALA I 41 52.61 53.98 -10.88
C ALA I 41 53.41 54.00 -9.59
N GLY I 42 53.58 52.81 -8.99
CA GLY I 42 54.37 52.67 -7.78
C GLY I 42 53.66 53.05 -6.49
N GLN I 43 52.35 53.30 -6.54
CA GLN I 43 51.58 53.64 -5.35
C GLN I 43 50.70 52.46 -4.94
N GLY I 44 49.95 52.66 -3.85
CA GLY I 44 49.08 51.62 -3.35
C GLY I 44 47.75 51.57 -4.08
N LEU I 45 46.96 50.57 -3.71
CA LEU I 45 45.64 50.40 -4.32
C LEU I 45 44.71 51.53 -3.89
N GLU I 46 43.91 52.00 -4.84
CA GLU I 46 42.99 53.12 -4.63
C GLU I 46 41.63 52.73 -5.16
N TRP I 47 40.70 52.43 -4.26
CA TRP I 47 39.37 51.99 -4.66
C TRP I 47 38.63 53.12 -5.35
N MET I 48 37.88 52.76 -6.39
CA MET I 48 37.12 53.73 -7.16
C MET I 48 35.62 53.58 -6.98
N GLY I 49 35.09 52.38 -7.11
CA GLY I 49 33.67 52.21 -6.88
C GLY I 49 33.24 50.77 -7.03
N TRP I 50 31.93 50.56 -6.85
CA TRP I 50 31.31 49.26 -7.05
C TRP I 50 29.99 49.44 -7.79
N MET I 51 29.60 48.40 -8.52
CA MET I 51 28.37 48.40 -9.30
C MET I 51 27.69 47.04 -9.16
N SER I 52 26.36 47.05 -9.07
CA SER I 52 25.57 45.83 -9.02
C SER I 52 24.98 45.58 -10.39
N PRO I 53 25.56 44.71 -11.22
CA PRO I 53 25.01 44.49 -12.56
C PRO I 53 23.59 43.93 -12.59
N ASN I 54 23.14 43.30 -11.52
CA ASN I 54 21.77 42.79 -11.51
C ASN I 54 20.76 43.93 -11.54
N SER I 55 21.01 44.98 -10.77
CA SER I 55 20.08 46.09 -10.63
C SER I 55 20.60 47.42 -11.17
N GLY I 56 21.91 47.54 -11.37
CA GLY I 56 22.49 48.80 -11.80
C GLY I 56 22.86 49.75 -10.67
N ASN I 57 22.58 49.37 -9.42
CA ASN I 57 22.96 50.21 -8.30
C ASN I 57 24.48 50.36 -8.23
N THR I 58 24.93 51.59 -7.97
CA THR I 58 26.35 51.89 -7.91
C THR I 58 26.67 52.62 -6.61
N GLY I 59 27.93 52.54 -6.22
CA GLY I 59 28.43 53.31 -5.10
C GLY I 59 29.87 53.70 -5.35
N TYR I 60 30.15 55.00 -5.32
CA TYR I 60 31.46 55.52 -5.68
C TYR I 60 32.20 55.99 -4.44
N ALA I 61 33.51 56.14 -4.60
CA ALA I 61 34.30 56.77 -3.55
C ALA I 61 33.94 58.24 -3.43
N ARG I 62 34.19 58.81 -2.25
CA ARG I 62 33.88 60.22 -2.04
C ARG I 62 34.74 61.11 -2.94
N GLN I 63 35.98 60.70 -3.20
CA GLN I 63 36.89 61.47 -4.04
C GLN I 63 36.63 61.29 -5.52
N PHE I 64 35.82 60.31 -5.91
CA PHE I 64 35.49 60.07 -7.32
C PHE I 64 34.03 60.40 -7.63
N GLN I 65 33.31 61.01 -6.70
CA GLN I 65 31.91 61.33 -6.94
C GLN I 65 31.81 62.47 -7.95
N GLY I 66 30.97 62.28 -8.97
CA GLY I 66 30.77 63.26 -10.01
C GLY I 66 31.69 63.11 -11.21
N ARG I 67 32.69 62.23 -11.13
CA ARG I 67 33.59 62.01 -12.26
C ARG I 67 33.57 60.59 -12.77
N VAL I 68 32.90 59.66 -12.09
CA VAL I 68 32.87 58.26 -12.48
C VAL I 68 31.43 57.88 -12.80
N THR I 69 31.21 57.28 -13.97
CA THR I 69 29.91 56.73 -14.32
C THR I 69 30.08 55.24 -14.57
N MET I 70 29.30 54.43 -13.86
CA MET I 70 29.38 52.98 -13.94
C MET I 70 28.11 52.46 -14.57
N THR I 71 28.25 51.74 -15.68
CA THR I 71 27.10 51.24 -16.41
C THR I 71 27.37 49.78 -16.81
N ARG I 72 26.39 49.18 -17.48
CA ARG I 72 26.49 47.76 -17.79
C ARG I 72 25.71 47.46 -19.07
N ASN I 73 26.08 46.34 -19.69
CA ASN I 73 25.36 45.75 -20.82
C ASN I 73 25.16 44.28 -20.48
N ILE I 74 23.94 43.93 -20.05
CA ILE I 74 23.65 42.57 -19.61
C ILE I 74 23.71 41.60 -20.78
N SER I 75 23.22 42.04 -21.95
CA SER I 75 23.20 41.17 -23.12
C SER I 75 24.60 40.71 -23.51
N ALA I 76 25.57 41.64 -23.51
CA ALA I 76 26.95 41.32 -23.83
C ALA I 76 27.75 40.90 -22.61
N ASN I 77 27.12 40.90 -21.43
CA ASN I 77 27.75 40.47 -20.19
C ASN I 77 28.99 41.31 -19.87
N THR I 78 28.80 42.62 -19.82
CA THR I 78 29.92 43.55 -19.73
C THR I 78 29.59 44.69 -18.78
N ALA I 79 30.62 45.20 -18.11
CA ALA I 79 30.49 46.35 -17.22
C ALA I 79 31.48 47.42 -17.66
N TYR I 80 31.02 48.67 -17.70
CA TYR I 80 31.82 49.79 -18.15
C TYR I 80 32.01 50.81 -17.03
N MET I 81 33.25 51.25 -16.85
CA MET I 81 33.57 52.36 -15.97
C MET I 81 34.09 53.52 -16.82
N GLU I 82 33.48 54.68 -16.68
CA GLU I 82 33.81 55.80 -17.55
C GLU I 82 34.18 57.01 -16.71
N LEU I 83 35.43 57.47 -16.89
CA LEU I 83 35.98 58.62 -16.19
C LEU I 83 35.85 59.87 -17.05
N ARG I 84 35.47 60.97 -16.41
CA ARG I 84 35.36 62.27 -17.05
C ARG I 84 36.29 63.25 -16.35
N GLY I 85 36.74 64.26 -17.09
CA GLY I 85 37.58 65.29 -16.51
C GLY I 85 38.93 64.76 -16.05
N LEU I 86 39.61 64.06 -16.94
CA LEU I 86 40.91 63.47 -16.61
C LEU I 86 41.93 64.55 -16.25
N ARG I 87 42.93 64.15 -15.49
CA ARG I 87 44.05 65.01 -15.15
C ARG I 87 45.32 64.17 -15.17
N PHE I 88 46.42 64.76 -14.70
CA PHE I 88 47.73 64.14 -14.89
C PHE I 88 47.93 62.91 -13.98
N ASP I 89 47.31 62.91 -12.79
CA ASP I 89 47.53 61.81 -11.86
C ASP I 89 46.62 60.62 -12.11
N ASP I 90 45.84 60.65 -13.19
CA ASP I 90 44.94 59.55 -13.53
C ASP I 90 45.65 58.46 -14.34
N THR I 91 46.94 58.61 -14.62
CA THR I 91 47.71 57.55 -15.25
C THR I 91 47.86 56.40 -14.27
N ALA I 92 47.11 55.31 -14.49
CA ALA I 92 47.09 54.23 -13.53
C ALA I 92 46.63 52.95 -14.23
N VAL I 93 46.79 51.83 -13.53
CA VAL I 93 46.27 50.55 -13.97
C VAL I 93 44.94 50.32 -13.28
N TYR I 94 43.90 50.08 -14.06
CA TYR I 94 42.54 49.92 -13.56
C TYR I 94 42.15 48.46 -13.60
N TYR I 95 41.60 47.95 -12.50
CA TYR I 95 41.18 46.57 -12.38
C TYR I 95 39.70 46.52 -12.06
N CYS I 96 39.01 45.59 -12.73
CA CYS I 96 37.67 45.17 -12.34
C CYS I 96 37.79 43.87 -11.58
N ALA I 97 37.02 43.76 -10.49
CA ALA I 97 37.07 42.58 -9.63
C ALA I 97 35.65 42.25 -9.20
N ARG I 98 35.49 41.06 -8.64
CA ARG I 98 34.24 40.67 -7.99
C ARG I 98 34.43 40.87 -6.50
N GLY I 99 33.77 41.88 -5.94
CA GLY I 99 33.96 42.23 -4.56
C GLY I 99 32.69 42.62 -3.85
N PRO I 100 32.82 43.48 -2.84
CA PRO I 100 31.67 43.87 -2.03
C PRO I 100 30.68 44.72 -2.81
N GLY I 101 29.55 45.02 -2.17
CA GLY I 101 28.52 45.83 -2.79
C GLY I 101 27.12 45.40 -2.41
N SER I 102 26.29 45.08 -3.41
CA SER I 102 24.93 44.64 -3.15
C SER I 102 24.92 43.24 -2.56
N THR I 103 25.81 42.36 -3.05
CA THR I 103 25.85 40.98 -2.58
C THR I 103 26.33 40.85 -1.14
N GLY I 104 26.87 41.92 -0.57
CA GLY I 104 27.37 41.89 0.79
C GLY I 104 28.59 42.77 0.92
N THR I 105 28.58 43.64 1.93
CA THR I 105 29.66 44.60 2.11
C THR I 105 30.95 43.96 2.62
N THR I 106 30.88 42.75 3.13
CA THR I 106 32.06 42.06 3.66
C THR I 106 32.67 41.08 2.66
N GLY I 107 32.22 41.11 1.41
CA GLY I 107 32.79 40.24 0.41
C GLY I 107 34.25 40.56 0.13
N SER I 108 34.91 39.63 -0.56
CA SER I 108 36.32 39.74 -0.89
C SER I 108 36.48 39.90 -2.41
N MET I 109 37.54 40.60 -2.80
CA MET I 109 37.89 40.75 -4.21
C MET I 109 38.69 39.54 -4.64
N ASP I 110 37.98 38.43 -4.80
CA ASP I 110 38.63 37.14 -5.03
C ASP I 110 39.15 37.01 -6.46
N VAL I 111 38.38 37.45 -7.45
CA VAL I 111 38.77 37.35 -8.86
C VAL I 111 39.01 38.75 -9.42
N TRP I 112 40.09 38.91 -10.17
CA TRP I 112 40.51 40.19 -10.69
C TRP I 112 40.62 40.13 -12.21
N GLY I 113 40.59 41.31 -12.83
CA GLY I 113 40.93 41.45 -14.21
C GLY I 113 42.41 41.75 -14.40
N GLN I 114 42.86 41.67 -15.65
CA GLN I 114 44.28 41.90 -15.94
C GLN I 114 44.67 43.37 -15.76
N GLY I 115 43.70 44.28 -15.83
CA GLY I 115 43.98 45.69 -15.63
C GLY I 115 44.37 46.41 -16.92
N THR I 116 43.87 47.63 -17.09
CA THR I 116 44.18 48.43 -18.27
C THR I 116 45.00 49.63 -17.83
N THR I 117 46.07 49.92 -18.59
CA THR I 117 46.92 51.05 -18.30
C THR I 117 46.37 52.29 -19.01
N VAL I 118 46.10 53.35 -18.25
CA VAL I 118 45.58 54.59 -18.79
C VAL I 118 46.61 55.68 -18.50
N THR I 119 47.08 56.33 -19.58
CA THR I 119 48.04 57.42 -19.49
C THR I 119 47.45 58.65 -20.16
N VAL I 120 47.65 59.81 -19.54
CA VAL I 120 47.12 61.05 -20.09
C VAL I 120 48.22 61.85 -20.77
#